data_8C41
#
_entry.id   8C41
#
_cell.length_a   157.471
_cell.length_b   157.471
_cell.length_c   212.339
_cell.angle_alpha   90.000
_cell.angle_beta   90.000
_cell.angle_gamma   120.000
#
_symmetry.space_group_name_H-M   'P 31 2 1'
#
loop_
_entity.id
_entity.type
_entity.pdbx_description
1 polymer 'Fused ParE30ParC55 CLEAVAGE COMPLEX of the TOPOISOMERASE IV'
2 polymer "DNA (5'-D(*CP*AP*TP*GP*AP*AP*T)-3')"
3 polymer "DNA (5'-D(P*AP*GP*TP*CP*AP*TP*TP*CP*AP*TP*G)-3')"
4 polymer "DNA (5'-D(*CP*GP*TP*GP*CP*AP*T)-3')"
5 polymer "DNA (5'-D(P*GP*AP*CP*TP*AP*TP*GP*CP*AP*CP*G)-3')"
6 non-polymer (4S)-2-METHYL-2,4-PENTANEDIOL
7 non-polymer 'MAGNESIUM ION'
8 non-polymer 'CHLORIDE ION'
9 non-polymer delafloxacin
10 water water
#
loop_
_entity_poly.entity_id
_entity_poly.type
_entity_poly.pdbx_seq_one_letter_code
_entity_poly.pdbx_strand_id
1 'polypeptide(L)'
;MKNKKDKGLLSGKLTPAQSKNPAKNELYLVEGDSAGGSAKQGRDRKFQAILPLRGKVINTAKAKMADILKNEEINTMIYT
IGAGVGADFSIEDANYDKIIIMTDADTDGAHIQTLLLTFFYRYMRPLVEAGHVYIALPPLYKMSKGKGKKEEVAYAWTDG
ELEELRKQFGKGATLQRYKGLGEMNADQLWETTMNPETRTLIRVTIEDLARAERRVNVLMGDKVEPRRKWIEDNVKFTLE
EATVFHMSNIQNMSLEDIMGERFGRYSKYIIQDRALPDIRDGLKPVQRRILYSMNKDSNTFDKSYRKSAKSVGNIMGNFH
PHGDSSIYDAMVRMSQNWKNREILVEMHGNNGSMDGDPPAAMRYTEARLSEIAGYLLQDIEKKTVPFAWNFDDTEKEPTV
LPAAFPNLLVNGSTGISAGYATDIPPHNLAEVIDAAVYMIDHPTAKIDKLMEFLPGPDFPTGAIIQGRDEIKKAYETGKG
RVVVRSKTEIEKLKGGKEQIVITEIPYEINKANLVKKIDDVRVNNKVAGIAEVRDESDRDGLRIAIELKKDANTELVLNY
LFKYTDLQINYNFNMVAIDNFTPRQVGIVPILSSYIAHRREVILARSRFDKEKAEKRLHIVEGLIRVISILDEVIALIRA
SENKADAKENLKVSYDFTEEQAEAIVTLQLYRLTNTDVVVLQEEEAELREKIAMLAAIIGDERTMYNLMKKELREVKKKF
ATPRLSSLEDTAKALEHHHHHH
;
A,B
2 'polydeoxyribonucleotide' (DC)(DA)(DT)(DG)(DA)(DA)(DT) E
3 'polydeoxyribonucleotide' (DA)(DG)(DT)(DC)(DA)(DT)(DT)(DC)(DA)(DT)(DG) F
4 'polydeoxyribonucleotide' (DC)(DG)(DT)(DG)(DC)(DA)(DT) G
5 'polydeoxyribonucleotide' (DG)(DA)(DC)(DT)(DA)(DT)(DG)(DC)(DA)(DC)(DG) H
#
loop_
_chem_comp.id
_chem_comp.type
_chem_comp.name
_chem_comp.formula
CL non-polymer 'CHLORIDE ION' 'Cl -1'
DA DNA linking 2'-DEOXYADENOSINE-5'-MONOPHOSPHATE 'C10 H14 N5 O6 P'
DC DNA linking 2'-DEOXYCYTIDINE-5'-MONOPHOSPHATE 'C9 H14 N3 O7 P'
DG DNA linking 2'-DEOXYGUANOSINE-5'-MONOPHOSPHATE 'C10 H14 N5 O7 P'
DT DNA linking THYMIDINE-5'-MONOPHOSPHATE 'C10 H15 N2 O8 P'
MG non-polymer 'MAGNESIUM ION' 'Mg 2'
MPD non-polymer (4S)-2-METHYL-2,4-PENTANEDIOL 'C6 H14 O2'
TE9 non-polymer delafloxacin 'C18 H12 Cl F3 N4 O4'
#
# COMPACT_ATOMS: atom_id res chain seq x y z
N LYS A 13 3.99 9.07 25.99
CA LYS A 13 4.77 7.85 25.64
C LYS A 13 4.53 6.81 26.73
N LEU A 14 4.83 7.18 27.99
CA LEU A 14 4.85 6.24 29.11
C LEU A 14 3.43 5.93 29.58
N THR A 15 3.13 4.61 29.67
CA THR A 15 1.91 4.10 30.26
C THR A 15 2.27 3.40 31.56
N PRO A 16 1.98 4.00 32.75
CA PRO A 16 2.53 3.51 34.01
C PRO A 16 1.68 2.38 34.57
N ALA A 17 2.23 1.59 35.51
CA ALA A 17 1.45 0.64 36.28
C ALA A 17 0.59 1.40 37.30
N GLN A 18 -0.54 0.82 37.74
CA GLN A 18 -1.49 1.52 38.60
C GLN A 18 -0.94 1.67 40.01
N SER A 19 -0.19 0.66 40.47
CA SER A 19 0.18 0.54 41.88
C SER A 19 1.70 0.51 42.01
N LYS A 20 2.25 1.51 42.71
CA LYS A 20 3.68 1.53 43.02
C LYS A 20 4.05 0.29 43.83
N ASN A 21 5.19 -0.33 43.47
CA ASN A 21 5.70 -1.53 44.13
C ASN A 21 7.05 -1.85 43.49
N PRO A 22 8.09 -1.03 43.70
CA PRO A 22 9.49 -1.41 43.45
C PRO A 22 9.99 -2.85 43.69
N ALA A 23 9.17 -3.72 44.30
CA ALA A 23 9.54 -5.10 44.57
C ALA A 23 9.45 -5.96 43.30
N LYS A 24 8.36 -5.81 42.53
CA LYS A 24 8.05 -6.72 41.44
C LYS A 24 7.63 -6.00 40.15
N ASN A 25 7.34 -4.68 40.22
CA ASN A 25 7.03 -3.85 39.06
C ASN A 25 8.04 -4.08 37.92
N GLU A 26 7.55 -3.91 36.68
CA GLU A 26 8.28 -4.24 35.46
C GLU A 26 8.09 -3.13 34.44
N LEU A 27 9.21 -2.62 33.88
CA LEU A 27 9.17 -1.67 32.76
C LEU A 27 9.44 -2.40 31.46
N TYR A 28 8.45 -2.41 30.56
CA TYR A 28 8.61 -2.99 29.24
C TYR A 28 9.01 -1.90 28.27
N LEU A 29 10.22 -2.09 27.71
CA LEU A 29 10.75 -1.28 26.64
C LEU A 29 10.45 -2.00 25.32
N VAL A 30 9.46 -1.47 24.61
CA VAL A 30 8.92 -2.17 23.46
C VAL A 30 9.37 -1.42 22.21
N GLU A 31 9.74 -2.20 21.18
CA GLU A 31 10.16 -1.67 19.89
C GLU A 31 8.92 -1.30 19.07
N GLY A 32 8.63 0.01 19.09
CA GLY A 32 7.57 0.58 18.27
C GLY A 32 6.35 1.01 19.09
N ASP A 33 5.64 2.05 18.62
CA ASP A 33 4.41 2.48 19.25
C ASP A 33 3.27 1.49 18.98
N SER A 34 3.33 0.81 17.82
CA SER A 34 2.30 -0.14 17.40
C SER A 34 2.35 -1.42 18.25
N ALA A 35 3.57 -1.88 18.54
CA ALA A 35 3.80 -2.99 19.44
C ALA A 35 3.61 -2.53 20.90
N GLY A 36 3.85 -1.23 21.14
CA GLY A 36 3.67 -0.59 22.43
C GLY A 36 2.20 -0.60 22.84
N GLY A 37 1.32 -0.20 21.91
CA GLY A 37 -0.11 -0.43 22.04
C GLY A 37 -0.48 -1.89 22.31
N SER A 38 0.02 -2.83 21.50
CA SER A 38 -0.22 -4.27 21.65
C SER A 38 0.14 -4.72 23.06
N ALA A 39 1.23 -4.16 23.61
CA ALA A 39 1.71 -4.48 24.94
C ALA A 39 0.83 -3.82 26.01
N LYS A 40 0.42 -2.58 25.76
CA LYS A 40 -0.42 -1.83 26.69
C LYS A 40 -1.76 -2.58 26.89
N GLN A 41 -2.20 -3.30 25.85
CA GLN A 41 -3.45 -4.07 25.86
C GLN A 41 -3.27 -5.39 26.60
N GLY A 42 -2.13 -6.05 26.44
CA GLY A 42 -1.96 -7.41 26.91
C GLY A 42 -1.33 -7.52 28.30
N ARG A 43 -1.11 -6.39 28.98
CA ARG A 43 -0.30 -6.34 30.19
C ARG A 43 -1.14 -6.68 31.43
N ASP A 44 -0.45 -6.85 32.56
CA ASP A 44 -1.08 -6.76 33.86
C ASP A 44 -0.81 -5.35 34.37
N ARG A 45 -1.85 -4.51 34.32
CA ARG A 45 -1.67 -3.09 34.53
C ARG A 45 -1.39 -2.77 36.00
N LYS A 46 -1.47 -3.75 36.90
CA LYS A 46 -1.13 -3.53 38.30
C LYS A 46 0.37 -3.30 38.44
N PHE A 47 1.20 -4.09 37.72
CA PHE A 47 2.64 -4.07 37.97
C PHE A 47 3.50 -3.89 36.72
N GLN A 48 2.91 -3.76 35.51
CA GLN A 48 3.67 -3.67 34.25
C GLN A 48 3.44 -2.29 33.63
N ALA A 49 4.53 -1.54 33.46
CA ALA A 49 4.48 -0.26 32.78
C ALA A 49 5.03 -0.43 31.37
N ILE A 50 4.61 0.46 30.46
CA ILE A 50 4.96 0.38 29.06
C ILE A 50 5.62 1.68 28.61
N LEU A 51 6.89 1.58 28.19
CA LEU A 51 7.56 2.66 27.49
C LEU A 51 7.88 2.20 26.08
N PRO A 52 7.16 2.72 25.06
CA PRO A 52 7.46 2.43 23.66
C PRO A 52 8.62 3.26 23.11
N LEU A 53 9.53 2.57 22.39
CA LEU A 53 10.69 3.16 21.73
C LEU A 53 10.36 3.54 20.29
N ARG A 54 10.50 4.85 19.96
CA ARG A 54 10.42 5.43 18.62
C ARG A 54 11.59 5.01 17.71
N GLY A 55 11.71 3.68 17.53
CA GLY A 55 12.75 3.06 16.72
C GLY A 55 14.15 3.13 17.34
N LYS A 56 15.16 3.33 16.48
CA LYS A 56 16.55 3.20 16.86
C LYS A 56 16.90 4.24 17.94
N VAL A 57 17.44 3.69 19.03
CA VAL A 57 17.88 4.39 20.21
C VAL A 57 19.27 4.96 19.96
N ILE A 58 19.58 6.09 20.60
CA ILE A 58 20.90 6.71 20.46
C ILE A 58 21.97 5.76 20.98
N ASN A 59 23.08 5.69 20.21
CA ASN A 59 24.30 5.04 20.67
C ASN A 59 24.99 5.98 21.65
N THR A 60 25.16 5.47 22.89
CA THR A 60 25.62 6.22 24.04
C THR A 60 27.15 6.19 24.12
N ALA A 61 27.77 5.21 23.45
CA ALA A 61 29.23 5.16 23.32
C ALA A 61 29.74 6.14 22.28
N LYS A 62 28.90 6.57 21.32
CA LYS A 62 29.37 7.38 20.21
C LYS A 62 28.93 8.83 20.39
N ALA A 63 27.70 9.04 20.83
CA ALA A 63 27.13 10.37 20.85
C ALA A 63 27.92 11.23 21.84
N LYS A 64 27.75 12.55 21.74
CA LYS A 64 28.48 13.51 22.57
C LYS A 64 28.20 13.26 24.06
N MET A 65 27.16 13.94 24.58
CA MET A 65 26.79 13.95 26.00
C MET A 65 25.90 15.18 26.22
N ALA A 66 26.28 16.28 25.56
CA ALA A 66 25.36 17.38 25.26
C ALA A 66 24.13 16.79 24.59
N ASP A 67 24.40 15.99 23.54
CA ASP A 67 23.38 15.36 22.71
C ASP A 67 22.69 14.21 23.46
N ILE A 68 23.42 13.44 24.29
CA ILE A 68 22.81 12.32 25.00
C ILE A 68 21.75 12.86 25.97
N LEU A 69 22.17 13.84 26.79
CA LEU A 69 21.33 14.28 27.90
C LEU A 69 20.19 15.15 27.38
N LYS A 70 20.15 15.43 26.07
CA LYS A 70 19.01 16.12 25.48
C LYS A 70 18.21 15.17 24.56
N ASN A 71 18.39 13.84 24.69
CA ASN A 71 17.63 12.88 23.89
C ASN A 71 16.31 12.60 24.59
N GLU A 72 15.17 12.96 23.96
CA GLU A 72 13.84 12.83 24.54
C GLU A 72 13.65 11.39 25.05
N GLU A 73 14.16 10.40 24.29
CA GLU A 73 13.90 8.99 24.54
C GLU A 73 14.63 8.53 25.81
N ILE A 74 15.87 9.01 25.97
CA ILE A 74 16.70 8.70 27.13
C ILE A 74 16.19 9.43 28.37
N ASN A 75 15.87 10.74 28.25
CA ASN A 75 15.36 11.55 29.35
C ASN A 75 14.12 10.93 29.99
N THR A 76 13.23 10.39 29.15
CA THR A 76 11.98 9.83 29.64
C THR A 76 12.29 8.42 30.19
N MET A 77 13.49 7.90 29.93
CA MET A 77 13.89 6.60 30.46
C MET A 77 14.46 6.72 31.87
N ILE A 78 15.13 7.84 32.18
CA ILE A 78 15.77 8.05 33.47
C ILE A 78 14.75 8.64 34.45
N TYR A 79 13.86 9.48 33.91
CA TYR A 79 12.76 10.02 34.69
C TYR A 79 11.87 8.89 35.21
N THR A 80 11.61 7.88 34.37
CA THR A 80 10.68 6.82 34.73
C THR A 80 11.29 5.84 35.73
N ILE A 81 12.55 5.50 35.53
CA ILE A 81 13.23 4.53 36.37
C ILE A 81 13.48 5.20 37.73
N GLY A 82 13.74 6.52 37.72
CA GLY A 82 13.67 7.38 38.89
C GLY A 82 14.81 7.13 39.88
N ALA A 83 16.05 7.09 39.36
CA ALA A 83 17.22 6.72 40.13
C ALA A 83 18.42 7.63 39.82
N GLY A 84 18.37 8.33 38.68
CA GLY A 84 19.47 9.16 38.22
C GLY A 84 20.30 8.45 37.16
N VAL A 85 21.50 8.99 36.94
CA VAL A 85 22.37 8.63 35.82
C VAL A 85 23.76 8.34 36.38
N GLY A 86 24.40 7.26 35.90
CA GLY A 86 25.55 6.61 36.52
C GLY A 86 26.50 7.58 37.23
N ALA A 87 26.85 7.22 38.48
CA ALA A 87 27.55 8.06 39.46
C ALA A 87 26.53 8.53 40.50
N ASP A 88 25.54 9.33 40.06
CA ASP A 88 24.42 9.78 40.88
C ASP A 88 23.35 8.69 41.03
N PHE A 89 23.70 7.45 40.65
CA PHE A 89 22.73 6.41 40.37
C PHE A 89 22.44 5.60 41.64
N SER A 90 21.25 5.85 42.19
CA SER A 90 20.80 5.22 43.42
C SER A 90 19.93 4.01 43.06
N ILE A 91 20.51 2.80 43.12
CA ILE A 91 19.79 1.58 42.78
C ILE A 91 18.60 1.38 43.72
N GLU A 92 18.69 1.89 44.95
CA GLU A 92 17.67 1.68 45.96
C GLU A 92 16.42 2.52 45.66
N ASP A 93 16.51 3.51 44.75
CA ASP A 93 15.39 4.39 44.43
C ASP A 93 14.56 3.91 43.24
N ALA A 94 14.99 2.79 42.62
CA ALA A 94 14.43 2.29 41.36
C ALA A 94 12.94 1.96 41.52
N ASN A 95 12.13 2.30 40.49
CA ASN A 95 10.69 2.13 40.53
C ASN A 95 10.31 0.72 40.06
N TYR A 96 11.29 0.01 39.46
CA TYR A 96 11.10 -1.31 38.87
C TYR A 96 12.18 -2.25 39.38
N ASP A 97 11.83 -3.55 39.45
CA ASP A 97 12.72 -4.64 39.85
C ASP A 97 13.26 -5.37 38.61
N LYS A 98 12.42 -5.42 37.56
CA LYS A 98 12.82 -5.89 36.25
C LYS A 98 12.59 -4.77 35.21
N ILE A 99 13.62 -4.53 34.39
CA ILE A 99 13.55 -3.76 33.15
C ILE A 99 13.62 -4.76 32.00
N ILE A 100 12.55 -4.85 31.19
CA ILE A 100 12.44 -5.91 30.20
C ILE A 100 12.39 -5.29 28.81
N ILE A 101 13.45 -5.58 28.04
CA ILE A 101 13.62 -5.09 26.68
C ILE A 101 12.81 -6.00 25.76
N MET A 102 11.73 -5.48 25.17
CA MET A 102 10.90 -6.28 24.28
C MET A 102 10.99 -5.75 22.85
N THR A 103 11.77 -6.47 22.02
CA THR A 103 11.95 -6.15 20.61
C THR A 103 11.48 -7.33 19.75
N ASP A 104 11.11 -6.98 18.50
CA ASP A 104 10.85 -7.91 17.42
C ASP A 104 11.97 -8.95 17.42
N ALA A 105 11.67 -10.14 16.86
CA ALA A 105 12.63 -11.22 16.69
C ALA A 105 13.33 -11.12 15.33
N ASP A 106 13.69 -9.89 14.91
CA ASP A 106 14.37 -9.63 13.66
C ASP A 106 15.71 -9.01 14.00
N THR A 107 16.49 -8.65 12.98
CA THR A 107 17.86 -8.18 13.18
C THR A 107 17.88 -6.73 13.68
N ASP A 108 16.89 -5.91 13.29
CA ASP A 108 16.81 -4.54 13.81
C ASP A 108 16.38 -4.54 15.27
N GLY A 109 15.57 -5.56 15.64
CA GLY A 109 15.32 -5.90 17.04
C GLY A 109 16.61 -6.12 17.83
N ALA A 110 17.46 -7.04 17.33
CA ALA A 110 18.77 -7.29 17.93
C ALA A 110 19.61 -6.00 18.01
N HIS A 111 19.50 -5.08 17.04
CA HIS A 111 20.28 -3.86 17.04
C HIS A 111 19.88 -2.95 18.19
N ILE A 112 18.56 -2.86 18.44
CA ILE A 112 18.01 -2.02 19.48
C ILE A 112 18.38 -2.59 20.84
N GLN A 113 18.30 -3.93 20.99
CA GLN A 113 18.76 -4.62 22.19
C GLN A 113 20.20 -4.19 22.49
N THR A 114 20.99 -4.14 21.44
CA THR A 114 22.39 -3.75 21.48
C THR A 114 22.53 -2.31 22.02
N LEU A 115 21.71 -1.38 21.50
CA LEU A 115 21.88 0.04 21.75
C LEU A 115 21.50 0.43 23.17
N LEU A 116 20.51 -0.29 23.73
CA LEU A 116 19.98 -0.05 25.06
C LEU A 116 20.94 -0.60 26.10
N LEU A 117 21.38 -1.84 25.89
CA LEU A 117 22.40 -2.47 26.73
C LEU A 117 23.68 -1.64 26.81
N THR A 118 24.03 -0.81 25.82
CA THR A 118 25.20 0.05 25.99
C THR A 118 24.84 1.20 26.90
N PHE A 119 23.62 1.73 26.75
CA PHE A 119 23.17 2.80 27.62
C PHE A 119 23.15 2.36 29.08
N PHE A 120 22.68 1.12 29.36
CA PHE A 120 22.55 0.61 30.71
C PHE A 120 23.90 0.25 31.31
N TYR A 121 24.74 -0.41 30.51
CA TYR A 121 26.08 -0.76 30.95
C TYR A 121 26.89 0.50 31.26
N ARG A 122 26.53 1.62 30.63
CA ARG A 122 27.38 2.80 30.68
C ARG A 122 26.85 3.86 31.64
N TYR A 123 25.54 3.93 31.88
CA TYR A 123 24.99 5.03 32.66
C TYR A 123 24.11 4.48 33.80
N MET A 124 24.19 3.18 34.08
CA MET A 124 23.25 2.51 34.97
C MET A 124 23.76 1.10 35.26
N ARG A 125 25.06 0.98 35.56
CA ARG A 125 25.73 -0.32 35.60
C ARG A 125 25.23 -1.17 36.77
N PRO A 126 25.01 -0.61 37.99
CA PRO A 126 24.54 -1.41 39.13
C PRO A 126 23.28 -2.23 38.81
N LEU A 127 22.44 -1.67 37.93
CA LEU A 127 21.18 -2.27 37.48
C LEU A 127 21.47 -3.55 36.70
N VAL A 128 22.50 -3.52 35.86
CA VAL A 128 22.82 -4.64 35.00
C VAL A 128 23.51 -5.74 35.80
N GLU A 129 24.32 -5.32 36.80
CA GLU A 129 25.20 -6.17 37.60
C GLU A 129 24.36 -7.03 38.54
N ALA A 130 23.27 -6.44 39.04
CA ALA A 130 22.32 -7.06 39.97
C ALA A 130 21.34 -8.00 39.25
N GLY A 131 21.38 -8.06 37.92
CA GLY A 131 20.51 -8.96 37.15
C GLY A 131 19.07 -8.46 37.11
N HIS A 132 18.91 -7.15 36.90
CA HIS A 132 17.62 -6.47 36.86
C HIS A 132 17.28 -6.03 35.42
N VAL A 133 18.08 -6.50 34.44
CA VAL A 133 17.84 -6.16 33.03
C VAL A 133 17.67 -7.46 32.24
N TYR A 134 16.50 -7.58 31.60
CA TYR A 134 16.09 -8.81 30.94
C TYR A 134 15.80 -8.54 29.46
N ILE A 135 15.61 -9.63 28.68
CA ILE A 135 15.33 -9.57 27.25
C ILE A 135 13.97 -10.23 26.98
N ALA A 136 13.31 -9.72 25.92
CA ALA A 136 11.98 -10.08 25.46
C ALA A 136 11.70 -11.58 25.48
N LEU A 137 12.37 -12.27 24.55
CA LEU A 137 12.03 -13.55 23.92
C LEU A 137 10.55 -13.68 23.55
N PRO A 138 10.18 -13.21 22.33
CA PRO A 138 8.91 -13.56 21.69
C PRO A 138 9.05 -14.73 20.72
N PRO A 139 7.95 -15.47 20.47
CA PRO A 139 7.96 -16.64 19.58
C PRO A 139 8.13 -16.38 18.08
N LEU A 140 8.81 -17.32 17.40
CA LEU A 140 9.07 -17.18 15.98
C LEU A 140 7.89 -17.74 15.20
N TYR A 141 7.23 -18.79 15.71
CA TYR A 141 6.19 -19.48 14.95
C TYR A 141 4.98 -19.82 15.85
N LYS A 142 3.80 -19.93 15.23
CA LYS A 142 2.57 -20.34 15.90
C LYS A 142 1.86 -21.37 15.02
N MET A 143 1.33 -22.43 15.64
CA MET A 143 0.93 -23.64 14.94
C MET A 143 -0.56 -23.92 15.14
N SER A 144 -1.24 -24.41 14.08
CA SER A 144 -2.47 -25.19 14.15
C SER A 144 -3.72 -24.35 13.90
N LYS A 145 -4.87 -25.02 13.68
CA LYS A 145 -6.18 -24.39 13.53
C LYS A 145 -7.30 -25.44 13.64
N GLY A 146 -8.20 -25.30 14.63
CA GLY A 146 -9.49 -25.98 14.67
C GLY A 146 -10.66 -25.04 14.35
N LYS A 147 -10.33 -23.75 14.15
CA LYS A 147 -11.04 -22.69 13.42
C LYS A 147 -11.78 -21.72 14.38
N GLY A 148 -13.03 -22.04 14.76
CA GLY A 148 -13.83 -21.15 15.60
C GLY A 148 -13.75 -21.52 17.08
N LYS A 149 -13.91 -22.83 17.34
CA LYS A 149 -13.56 -23.45 18.60
C LYS A 149 -12.35 -24.37 18.32
N LYS A 150 -11.14 -23.81 18.50
CA LYS A 150 -9.91 -24.27 17.87
C LYS A 150 -9.31 -25.48 18.58
N GLU A 151 -9.08 -25.33 19.89
CA GLU A 151 -8.17 -26.13 20.72
C GLU A 151 -7.00 -26.64 19.86
N GLU A 152 -6.30 -25.69 19.23
CA GLU A 152 -5.19 -25.99 18.34
C GLU A 152 -4.28 -24.76 18.31
N VAL A 153 -3.41 -24.63 19.32
CA VAL A 153 -2.46 -23.52 19.44
C VAL A 153 -1.19 -24.02 20.09
N ALA A 154 -0.03 -23.72 19.47
CA ALA A 154 1.26 -24.02 20.07
C ALA A 154 2.36 -23.13 19.47
N TYR A 155 3.15 -22.49 20.33
CA TYR A 155 4.15 -21.51 19.93
C TYR A 155 5.50 -22.20 19.92
N ALA A 156 6.44 -21.69 19.13
CA ALA A 156 7.74 -22.34 18.95
C ALA A 156 8.81 -21.30 18.64
N TRP A 157 10.03 -21.57 19.14
CA TRP A 157 11.08 -20.58 19.25
C TRP A 157 12.33 -20.93 18.42
N THR A 158 12.48 -22.22 18.00
CA THR A 158 13.64 -22.69 17.25
C THR A 158 13.21 -23.41 15.96
N ASP A 159 14.21 -23.82 15.16
CA ASP A 159 14.00 -24.76 14.07
C ASP A 159 13.61 -26.13 14.64
N GLY A 160 14.40 -26.60 15.63
CA GLY A 160 14.21 -27.89 16.28
C GLY A 160 12.81 -28.08 16.86
N GLU A 161 12.31 -27.04 17.56
CA GLU A 161 11.01 -27.09 18.22
C GLU A 161 9.85 -27.11 17.22
N LEU A 162 10.08 -26.61 15.99
CA LEU A 162 9.03 -26.59 14.98
C LEU A 162 8.78 -28.00 14.44
N GLU A 163 9.85 -28.76 14.17
CA GLU A 163 9.72 -30.12 13.63
C GLU A 163 9.02 -31.00 14.66
N GLU A 164 9.59 -31.00 15.88
CA GLU A 164 8.94 -31.52 17.08
C GLU A 164 7.44 -31.23 17.05
N LEU A 165 7.05 -29.98 16.73
CA LEU A 165 5.69 -29.47 16.89
C LEU A 165 4.77 -29.86 15.73
N ARG A 166 5.35 -30.25 14.59
CA ARG A 166 4.58 -30.59 13.40
C ARG A 166 3.92 -31.95 13.61
N LYS A 167 4.52 -32.81 14.46
CA LYS A 167 3.86 -34.03 14.89
C LYS A 167 2.71 -33.66 15.84
N GLN A 168 1.52 -34.24 15.58
CA GLN A 168 0.31 -34.07 16.38
C GLN A 168 -0.82 -34.90 15.73
N PHE A 169 -1.31 -35.96 16.42
CA PHE A 169 -2.34 -36.85 15.86
C PHE A 169 -3.59 -36.03 15.51
N GLY A 170 -3.62 -35.52 14.27
CA GLY A 170 -4.65 -34.58 13.82
C GLY A 170 -4.66 -34.39 12.30
N LYS A 171 -3.76 -33.53 11.78
CA LYS A 171 -3.62 -33.27 10.36
C LYS A 171 -2.34 -32.47 10.13
N GLY A 172 -2.19 -31.91 8.92
CA GLY A 172 -1.31 -30.78 8.68
C GLY A 172 -2.12 -29.47 8.65
N ALA A 173 -2.45 -28.92 9.82
CA ALA A 173 -3.13 -27.63 9.93
C ALA A 173 -2.08 -26.50 9.84
N THR A 174 -2.53 -25.25 9.98
CA THR A 174 -1.85 -24.07 9.41
C THR A 174 -0.74 -23.53 10.31
N LEU A 175 0.35 -23.02 9.69
CA LEU A 175 1.55 -22.50 10.35
C LEU A 175 1.71 -21.00 10.06
N GLN A 176 1.86 -20.18 11.14
CA GLN A 176 2.19 -18.76 11.06
C GLN A 176 3.65 -18.53 11.47
N ARG A 177 4.37 -17.66 10.73
CA ARG A 177 5.79 -17.38 10.96
C ARG A 177 5.93 -15.88 11.26
N TYR A 178 6.18 -15.57 12.53
CA TYR A 178 6.13 -14.19 13.02
C TYR A 178 7.35 -13.42 12.54
N LYS A 179 7.11 -12.15 12.19
CA LYS A 179 8.16 -11.26 11.70
C LYS A 179 8.35 -10.08 12.69
N GLY A 180 7.38 -9.89 13.60
CA GLY A 180 7.57 -8.96 14.70
C GLY A 180 6.40 -9.00 15.70
N LEU A 181 6.35 -8.01 16.59
CA LEU A 181 5.37 -7.95 17.66
C LEU A 181 4.06 -7.36 17.13
N GLY A 182 4.18 -6.53 16.07
CA GLY A 182 3.05 -5.97 15.34
C GLY A 182 1.95 -6.98 14.98
N GLU A 183 2.32 -8.26 14.70
CA GLU A 183 1.42 -9.30 14.17
C GLU A 183 0.81 -10.19 15.26
N MET A 184 1.19 -9.96 16.53
CA MET A 184 0.66 -10.72 17.65
C MET A 184 -0.47 -9.93 18.31
N ASN A 185 -1.63 -10.59 18.46
CA ASN A 185 -2.75 -10.08 19.23
C ASN A 185 -2.34 -9.97 20.70
N ALA A 186 -3.00 -9.07 21.44
CA ALA A 186 -2.68 -8.84 22.85
C ALA A 186 -2.79 -10.13 23.66
N ASP A 187 -3.70 -11.03 23.28
CA ASP A 187 -3.83 -12.32 23.96
C ASP A 187 -2.53 -13.13 23.87
N GLN A 188 -1.98 -13.22 22.65
CA GLN A 188 -0.84 -14.08 22.34
C GLN A 188 0.46 -13.50 22.91
N LEU A 189 0.50 -12.17 22.99
CA LEU A 189 1.65 -11.46 23.51
C LEU A 189 1.79 -11.74 25.00
N TRP A 190 0.65 -11.86 25.69
CA TRP A 190 0.62 -12.16 27.10
C TRP A 190 1.07 -13.59 27.37
N GLU A 191 0.39 -14.58 26.76
CA GLU A 191 0.66 -15.99 27.03
C GLU A 191 2.12 -16.37 26.77
N THR A 192 2.83 -15.61 25.92
CA THR A 192 4.10 -16.07 25.37
C THR A 192 5.28 -15.26 25.89
N THR A 193 5.08 -13.96 26.16
CA THR A 193 6.21 -13.07 26.41
C THR A 193 5.98 -12.05 27.55
N MET A 194 4.77 -12.00 28.17
CA MET A 194 4.47 -10.95 29.16
C MET A 194 3.98 -11.47 30.52
N ASN A 195 3.26 -12.61 30.56
CA ASN A 195 2.89 -13.29 31.80
C ASN A 195 4.15 -13.90 32.43
N PRO A 196 4.54 -13.55 33.69
CA PRO A 196 5.79 -14.07 34.27
C PRO A 196 5.84 -15.59 34.39
N GLU A 197 4.67 -16.20 34.61
CA GLU A 197 4.54 -17.64 34.81
C GLU A 197 4.81 -18.41 33.52
N THR A 198 4.40 -17.86 32.35
CA THR A 198 4.50 -18.54 31.06
C THR A 198 5.73 -18.11 30.26
N ARG A 199 6.14 -16.84 30.39
CA ARG A 199 7.10 -16.24 29.48
C ARG A 199 8.49 -16.82 29.71
N THR A 200 9.36 -16.52 28.74
CA THR A 200 10.75 -16.93 28.79
C THR A 200 11.56 -15.63 28.73
N LEU A 201 12.59 -15.50 29.59
CA LEU A 201 13.42 -14.31 29.63
C LEU A 201 14.89 -14.67 29.47
N ILE A 202 15.69 -13.65 29.13
CA ILE A 202 17.14 -13.70 29.29
C ILE A 202 17.53 -12.63 30.31
N ARG A 203 18.08 -13.04 31.46
CA ARG A 203 18.65 -12.13 32.43
C ARG A 203 20.08 -11.84 31.98
N VAL A 204 20.47 -10.55 32.05
CA VAL A 204 21.78 -10.10 31.60
C VAL A 204 22.66 -9.86 32.81
N THR A 205 23.80 -10.56 32.83
CA THR A 205 24.82 -10.46 33.87
C THR A 205 26.12 -9.96 33.25
N ILE A 206 26.98 -9.37 34.09
CA ILE A 206 28.34 -9.02 33.71
C ILE A 206 29.31 -10.07 34.29
N GLU A 207 29.68 -11.07 33.47
CA GLU A 207 30.56 -12.16 33.90
C GLU A 207 31.99 -11.66 34.08
N ASP A 208 32.40 -10.65 33.32
CA ASP A 208 33.77 -10.16 33.36
C ASP A 208 33.79 -8.67 33.03
N LEU A 209 33.93 -7.81 34.05
CA LEU A 209 33.97 -6.37 33.87
C LEU A 209 34.99 -5.94 32.80
N ALA A 210 36.12 -6.64 32.71
CA ALA A 210 37.15 -6.33 31.73
C ALA A 210 36.70 -6.70 30.31
N ARG A 211 36.22 -7.93 30.12
CA ARG A 211 35.88 -8.44 28.80
C ARG A 211 34.60 -7.80 28.24
N ALA A 212 33.75 -7.26 29.12
CA ALA A 212 32.51 -6.62 28.72
C ALA A 212 32.74 -5.15 28.35
N GLU A 213 33.85 -4.54 28.78
CA GLU A 213 34.21 -3.17 28.38
C GLU A 213 34.95 -3.20 27.03
N ARG A 214 35.70 -4.27 26.74
CA ARG A 214 36.38 -4.37 25.45
C ARG A 214 35.30 -4.57 24.39
N ARG A 215 34.30 -5.42 24.69
CA ARG A 215 33.28 -5.86 23.75
C ARG A 215 32.31 -4.74 23.38
N VAL A 216 31.95 -3.91 24.35
CA VAL A 216 31.04 -2.79 24.15
C VAL A 216 31.74 -1.62 23.46
N ASN A 217 33.07 -1.51 23.58
CA ASN A 217 33.78 -0.40 22.94
C ASN A 217 34.12 -0.76 21.49
N VAL A 218 34.37 -2.05 21.24
CA VAL A 218 34.70 -2.54 19.90
C VAL A 218 33.48 -2.34 19.00
N LEU A 219 32.30 -2.75 19.51
CA LEU A 219 31.08 -2.75 18.72
C LEU A 219 30.48 -1.35 18.56
N MET A 220 30.69 -0.46 19.54
CA MET A 220 29.90 0.76 19.60
C MET A 220 30.75 2.03 19.75
N GLY A 221 32.08 1.97 19.64
CA GLY A 221 32.91 3.17 19.75
C GLY A 221 32.96 3.94 18.42
N ASP A 222 33.73 5.05 18.35
CA ASP A 222 33.93 5.75 17.09
C ASP A 222 34.86 4.98 16.14
N LYS A 223 35.65 4.03 16.66
CA LYS A 223 36.69 3.41 15.86
C LYS A 223 36.02 2.37 14.95
N VAL A 224 36.04 2.63 13.65
CA VAL A 224 35.44 1.70 12.71
C VAL A 224 36.31 0.45 12.56
N GLU A 225 37.64 0.64 12.45
CA GLU A 225 38.55 -0.36 11.92
C GLU A 225 38.58 -1.57 12.86
N PRO A 226 38.53 -1.35 14.20
CA PRO A 226 38.34 -2.44 15.17
C PRO A 226 37.02 -3.24 15.04
N ARG A 227 35.93 -2.51 14.77
CA ARG A 227 34.65 -3.10 14.45
C ARG A 227 34.71 -3.88 13.15
N ARG A 228 35.26 -3.27 12.09
CA ARG A 228 35.45 -3.97 10.83
C ARG A 228 36.22 -5.25 11.11
N LYS A 229 37.31 -5.12 11.89
CA LYS A 229 38.24 -6.21 12.17
C LYS A 229 37.54 -7.27 13.02
N TRP A 230 36.83 -6.84 14.08
CA TRP A 230 35.98 -7.74 14.86
C TRP A 230 35.10 -8.59 13.94
N ILE A 231 34.38 -7.92 13.03
CA ILE A 231 33.41 -8.53 12.12
C ILE A 231 34.10 -9.56 11.23
N GLU A 232 35.28 -9.20 10.69
CA GLU A 232 36.00 -10.06 9.75
C GLU A 232 36.28 -11.40 10.41
N ASP A 233 36.78 -11.36 11.66
CA ASP A 233 37.26 -12.53 12.39
C ASP A 233 36.07 -13.36 12.89
N ASN A 234 35.04 -12.69 13.43
CA ASN A 234 33.94 -13.33 14.14
C ASN A 234 32.77 -13.69 13.21
N VAL A 235 32.45 -12.84 12.23
CA VAL A 235 31.25 -13.01 11.41
C VAL A 235 31.59 -13.93 10.24
N LYS A 236 30.76 -14.96 10.08
CA LYS A 236 30.92 -15.95 9.02
C LYS A 236 29.86 -15.67 7.95
N PHE A 237 30.31 -15.08 6.84
CA PHE A 237 29.43 -14.60 5.80
C PHE A 237 28.90 -15.73 4.94
N THR A 238 29.68 -16.82 4.76
CA THR A 238 29.28 -17.92 3.90
C THR A 238 28.60 -19.04 4.70
N LEU A 239 28.51 -18.92 6.03
CA LEU A 239 27.91 -19.96 6.87
C LEU A 239 26.64 -19.44 7.54
N GLU A 240 25.90 -20.33 8.21
CA GLU A 240 24.65 -19.99 8.90
C GLU A 240 24.97 -19.76 10.38
N GLU A 241 24.00 -20.03 11.27
CA GLU A 241 24.29 -20.33 12.66
C GLU A 241 23.15 -21.20 13.19
N ALA A 242 23.49 -22.36 13.81
CA ALA A 242 22.52 -23.36 14.24
C ALA A 242 21.90 -22.92 15.58
N THR A 243 20.56 -22.82 15.62
CA THR A 243 19.80 -22.11 16.65
C THR A 243 20.26 -22.49 18.07
N VAL A 244 20.17 -21.54 19.02
CA VAL A 244 20.46 -21.79 20.42
C VAL A 244 19.25 -22.50 21.03
N PHE A 245 19.34 -23.85 21.15
CA PHE A 245 18.27 -24.71 21.66
C PHE A 245 17.70 -24.07 22.92
N HIS A 246 16.36 -23.85 22.90
CA HIS A 246 15.66 -22.93 23.79
C HIS A 246 15.41 -23.57 25.16
N MET A 247 15.49 -22.75 26.23
CA MET A 247 15.43 -23.20 27.61
C MET A 247 14.08 -22.78 28.23
N SER A 248 14.05 -22.45 29.54
CA SER A 248 12.79 -22.21 30.21
C SER A 248 12.93 -21.17 31.32
N ASN A 249 11.75 -20.64 31.74
CA ASN A 249 11.58 -19.32 32.33
C ASN A 249 12.87 -18.50 32.11
N ILE A 250 13.58 -18.16 33.18
CA ILE A 250 14.71 -17.23 33.07
C ILE A 250 15.96 -18.03 32.65
N GLN A 251 16.86 -17.37 31.92
CA GLN A 251 18.18 -17.89 31.55
C GLN A 251 19.19 -16.73 31.58
N ASN A 252 20.42 -17.04 32.00
CA ASN A 252 21.46 -16.04 32.10
C ASN A 252 22.33 -16.07 30.85
N MET A 253 22.78 -14.87 30.45
CA MET A 253 23.81 -14.72 29.42
C MET A 253 24.62 -13.48 29.77
N SER A 254 25.94 -13.55 29.51
CA SER A 254 26.85 -12.47 29.82
C SER A 254 26.60 -11.29 28.88
N LEU A 255 26.89 -10.07 29.34
CA LEU A 255 26.80 -8.89 28.47
C LEU A 255 27.77 -9.02 27.29
N GLU A 256 28.83 -9.80 27.45
CA GLU A 256 29.80 -10.04 26.38
C GLU A 256 29.19 -10.94 25.29
N ASP A 257 28.53 -12.04 25.66
CA ASP A 257 27.99 -12.99 24.70
C ASP A 257 26.79 -12.42 23.95
N ILE A 258 25.96 -11.63 24.66
CA ILE A 258 24.75 -11.03 24.10
C ILE A 258 25.12 -9.99 23.05
N MET A 259 25.86 -8.97 23.47
CA MET A 259 26.30 -7.92 22.55
C MET A 259 26.96 -8.54 21.32
N GLY A 260 27.73 -9.62 21.51
CA GLY A 260 28.45 -10.26 20.43
C GLY A 260 27.54 -10.93 19.40
N GLU A 261 26.61 -11.77 19.86
CA GLU A 261 25.69 -12.48 18.96
C GLU A 261 24.69 -11.50 18.35
N ARG A 262 24.19 -10.55 19.15
CA ARG A 262 23.20 -9.58 18.71
C ARG A 262 23.75 -8.68 17.62
N PHE A 263 24.90 -8.04 17.86
CA PHE A 263 25.49 -7.15 16.89
C PHE A 263 26.14 -7.88 15.71
N GLY A 264 26.62 -9.10 15.92
CA GLY A 264 27.11 -9.91 14.82
C GLY A 264 26.04 -10.27 13.79
N ARG A 265 24.79 -10.36 14.26
CA ARG A 265 23.64 -10.82 13.51
C ARG A 265 23.04 -9.67 12.71
N TYR A 266 22.97 -8.49 13.35
CA TYR A 266 22.64 -7.23 12.70
C TYR A 266 23.69 -6.90 11.64
N SER A 267 24.97 -6.79 12.06
CA SER A 267 26.10 -6.48 11.18
C SER A 267 26.03 -7.25 9.86
N LYS A 268 25.99 -8.58 10.00
CA LYS A 268 25.93 -9.48 8.87
C LYS A 268 24.74 -9.14 7.96
N TYR A 269 23.54 -9.01 8.55
CA TYR A 269 22.32 -8.72 7.81
C TYR A 269 22.43 -7.41 7.00
N ILE A 270 22.95 -6.32 7.57
CA ILE A 270 22.88 -5.05 6.86
C ILE A 270 24.04 -4.88 5.88
N ILE A 271 25.07 -5.70 6.05
CA ILE A 271 26.10 -5.81 5.05
C ILE A 271 25.56 -6.59 3.84
N GLN A 272 25.07 -7.82 4.10
CA GLN A 272 24.64 -8.75 3.06
C GLN A 272 23.30 -8.37 2.46
N ASP A 273 22.39 -7.81 3.27
CA ASP A 273 20.98 -7.79 2.94
C ASP A 273 20.32 -6.43 3.16
N ARG A 274 21.05 -5.33 2.95
CA ARG A 274 20.39 -4.03 3.01
C ARG A 274 21.16 -2.98 2.23
N ALA A 275 22.35 -2.63 2.70
CA ALA A 275 22.94 -1.33 2.39
C ALA A 275 23.99 -1.41 1.28
N LEU A 276 24.39 -2.64 0.91
CA LEU A 276 25.51 -2.83 0.00
C LEU A 276 25.01 -3.56 -1.24
N PRO A 277 25.41 -3.09 -2.45
CA PRO A 277 24.98 -3.68 -3.71
C PRO A 277 25.74 -4.95 -4.04
N ASP A 278 25.05 -5.84 -4.79
CA ASP A 278 25.65 -7.06 -5.32
C ASP A 278 26.55 -6.65 -6.48
N ILE A 279 27.72 -7.25 -6.53
CA ILE A 279 28.73 -6.80 -7.48
C ILE A 279 28.30 -7.04 -8.92
N ARG A 280 27.41 -8.00 -9.18
CA ARG A 280 27.04 -8.41 -10.52
C ARG A 280 25.99 -7.49 -11.15
N ASP A 281 24.84 -7.35 -10.45
CA ASP A 281 23.70 -6.57 -10.92
C ASP A 281 23.69 -5.14 -10.37
N GLY A 282 24.52 -4.85 -9.34
CA GLY A 282 24.62 -3.49 -8.79
C GLY A 282 23.41 -3.06 -7.92
N LEU A 283 22.54 -4.00 -7.57
CA LEU A 283 21.30 -3.73 -6.82
C LEU A 283 21.46 -4.08 -5.34
N LYS A 284 20.91 -3.22 -4.48
CA LYS A 284 20.56 -3.53 -3.09
C LYS A 284 19.29 -4.38 -3.09
N PRO A 285 19.07 -5.23 -2.06
CA PRO A 285 17.90 -6.12 -2.04
C PRO A 285 16.55 -5.47 -2.30
N VAL A 286 16.33 -4.26 -1.74
CA VAL A 286 15.07 -3.56 -1.92
C VAL A 286 14.86 -3.15 -3.38
N GLN A 287 15.95 -2.83 -4.07
CA GLN A 287 15.85 -2.34 -5.44
C GLN A 287 15.47 -3.53 -6.34
N ARG A 288 16.07 -4.67 -6.00
CA ARG A 288 15.88 -5.90 -6.74
C ARG A 288 14.43 -6.33 -6.57
N ARG A 289 13.92 -6.17 -5.35
CA ARG A 289 12.54 -6.57 -5.08
C ARG A 289 11.54 -5.66 -5.80
N ILE A 290 11.79 -4.34 -5.80
CA ILE A 290 11.00 -3.43 -6.60
C ILE A 290 10.95 -3.90 -8.06
N LEU A 291 12.12 -4.17 -8.64
CA LEU A 291 12.20 -4.48 -10.06
C LEU A 291 11.46 -5.78 -10.34
N TYR A 292 11.76 -6.79 -9.53
CA TYR A 292 11.25 -8.12 -9.75
C TYR A 292 9.72 -8.13 -9.61
N SER A 293 9.23 -7.54 -8.50
CA SER A 293 7.81 -7.52 -8.18
C SER A 293 7.04 -6.77 -9.26
N MET A 294 7.52 -5.58 -9.64
CA MET A 294 6.90 -4.81 -10.68
C MET A 294 6.90 -5.56 -12.00
N ASN A 295 8.01 -6.23 -12.32
CA ASN A 295 8.11 -6.97 -13.57
C ASN A 295 7.16 -8.18 -13.54
N LYS A 296 7.09 -8.87 -12.39
CA LYS A 296 6.22 -10.02 -12.24
C LYS A 296 4.74 -9.64 -12.43
N ASP A 297 4.38 -8.41 -12.03
CA ASP A 297 3.03 -7.86 -12.09
C ASP A 297 2.80 -7.19 -13.45
N SER A 298 3.72 -7.40 -14.41
CA SER A 298 3.61 -6.84 -15.75
C SER A 298 3.52 -5.32 -15.73
N ASN A 299 4.17 -4.71 -14.73
CA ASN A 299 4.28 -3.25 -14.59
C ASN A 299 5.51 -2.75 -15.37
N THR A 300 5.52 -2.99 -16.71
CA THR A 300 6.65 -2.76 -17.60
C THR A 300 6.42 -1.47 -18.38
N PHE A 301 7.42 -1.03 -19.17
CA PHE A 301 7.41 0.27 -19.83
C PHE A 301 6.33 0.35 -20.90
N ASP A 302 6.02 -0.81 -21.48
CA ASP A 302 5.17 -0.92 -22.66
C ASP A 302 3.68 -0.89 -22.26
N LYS A 303 3.40 -1.19 -20.99
CA LYS A 303 2.05 -1.25 -20.46
C LYS A 303 1.81 -0.02 -19.59
N SER A 304 0.56 0.15 -19.16
CA SER A 304 0.10 1.37 -18.52
C SER A 304 0.78 1.51 -17.17
N TYR A 305 0.93 2.79 -16.79
CA TYR A 305 1.34 3.11 -15.46
C TYR A 305 0.30 2.56 -14.50
N ARG A 306 0.73 2.34 -13.27
CA ARG A 306 -0.05 1.63 -12.26
C ARG A 306 0.29 2.29 -10.93
N LYS A 307 -0.75 2.55 -10.12
CA LYS A 307 -0.65 3.31 -8.89
C LYS A 307 0.54 2.81 -8.06
N SER A 308 1.28 3.76 -7.50
CA SER A 308 2.49 3.42 -6.77
C SER A 308 2.15 2.58 -5.53
N ALA A 309 1.06 2.96 -4.84
CA ALA A 309 0.63 2.28 -3.62
C ALA A 309 0.39 0.79 -3.86
N LYS A 310 -0.07 0.43 -5.05
CA LYS A 310 -0.36 -0.96 -5.39
C LYS A 310 0.94 -1.74 -5.56
N SER A 311 1.89 -1.17 -6.32
CA SER A 311 3.24 -1.70 -6.51
C SER A 311 3.88 -1.97 -5.15
N VAL A 312 3.92 -0.91 -4.33
CA VAL A 312 4.60 -0.93 -3.05
C VAL A 312 4.01 -1.99 -2.13
N GLY A 313 2.69 -2.09 -2.14
CA GLY A 313 1.97 -2.97 -1.26
C GLY A 313 2.25 -4.44 -1.57
N ASN A 314 2.30 -4.77 -2.88
CA ASN A 314 2.67 -6.10 -3.31
C ASN A 314 4.15 -6.41 -3.07
N ILE A 315 5.02 -5.38 -3.10
CA ILE A 315 6.44 -5.58 -2.80
C ILE A 315 6.56 -5.97 -1.34
N MET A 316 5.74 -5.30 -0.52
CA MET A 316 5.83 -5.46 0.93
C MET A 316 5.20 -6.78 1.36
N GLY A 317 4.08 -7.15 0.71
CA GLY A 317 3.35 -8.38 0.98
C GLY A 317 4.07 -9.65 0.49
N ASN A 318 4.84 -9.53 -0.59
CA ASN A 318 5.38 -10.70 -1.25
C ASN A 318 6.89 -10.88 -1.00
N PHE A 319 7.66 -9.80 -0.80
CA PHE A 319 9.13 -9.89 -0.91
C PHE A 319 9.90 -9.20 0.21
N HIS A 320 9.45 -7.99 0.59
CA HIS A 320 10.23 -7.08 1.40
C HIS A 320 9.44 -6.70 2.65
N PRO A 321 9.72 -7.34 3.82
CA PRO A 321 8.93 -7.13 5.04
C PRO A 321 9.35 -5.90 5.86
N HIS A 322 9.18 -4.71 5.27
CA HIS A 322 9.69 -3.48 5.86
C HIS A 322 8.67 -2.40 5.55
N GLY A 323 9.02 -1.14 5.84
CA GLY A 323 8.03 -0.08 5.78
C GLY A 323 7.68 0.28 4.35
N ASP A 324 6.41 0.62 4.10
CA ASP A 324 5.98 1.15 2.81
C ASP A 324 6.82 2.37 2.41
N SER A 325 7.26 3.17 3.39
CA SER A 325 7.90 4.46 3.11
C SER A 325 9.31 4.21 2.59
N SER A 326 10.01 3.25 3.21
CA SER A 326 11.35 2.87 2.78
C SER A 326 11.31 2.31 1.36
N ILE A 327 10.20 1.66 0.99
CA ILE A 327 10.05 1.04 -0.33
C ILE A 327 9.72 2.11 -1.37
N TYR A 328 8.81 3.01 -1.02
CA TYR A 328 8.46 4.09 -1.94
C TYR A 328 9.68 4.97 -2.19
N ASP A 329 10.47 5.19 -1.14
CA ASP A 329 11.57 6.11 -1.26
C ASP A 329 12.61 5.55 -2.23
N ALA A 330 13.04 4.31 -1.97
CA ALA A 330 13.85 3.54 -2.90
C ALA A 330 13.31 3.59 -4.33
N MET A 331 11.99 3.35 -4.50
CA MET A 331 11.37 3.25 -5.81
C MET A 331 11.45 4.60 -6.50
N VAL A 332 11.18 5.64 -5.71
CA VAL A 332 11.16 6.98 -6.24
C VAL A 332 12.57 7.34 -6.72
N ARG A 333 13.58 6.96 -5.91
CA ARG A 333 14.98 7.28 -6.23
C ARG A 333 15.39 6.71 -7.59
N MET A 334 14.96 5.48 -7.88
CA MET A 334 15.25 4.81 -9.13
C MET A 334 14.60 5.54 -10.33
N SER A 335 13.78 6.56 -10.07
CA SER A 335 13.02 7.25 -11.11
C SER A 335 13.62 8.63 -11.37
N GLN A 336 14.58 9.00 -10.51
CA GLN A 336 15.11 10.35 -10.49
C GLN A 336 16.37 10.37 -11.33
N ASN A 337 16.35 11.16 -12.41
CA ASN A 337 17.40 11.15 -13.42
C ASN A 337 18.57 12.08 -13.05
N TRP A 338 18.53 12.67 -11.86
CA TRP A 338 19.65 13.40 -11.27
C TRP A 338 20.34 12.55 -10.20
N LYS A 339 19.76 11.39 -9.84
CA LYS A 339 20.40 10.41 -8.96
C LYS A 339 20.90 9.18 -9.73
N ASN A 340 20.11 8.68 -10.68
CA ASN A 340 20.47 7.52 -11.46
C ASN A 340 20.86 8.01 -12.86
N ARG A 341 21.94 7.43 -13.40
CA ARG A 341 22.42 7.78 -14.72
C ARG A 341 21.48 7.20 -15.78
N GLU A 342 20.89 6.06 -15.42
CA GLU A 342 19.99 5.35 -16.32
C GLU A 342 18.80 4.83 -15.50
N ILE A 343 17.69 5.57 -15.48
CA ILE A 343 16.65 5.34 -14.47
C ILE A 343 16.00 3.99 -14.70
N LEU A 344 15.61 3.36 -13.59
CA LEU A 344 15.07 2.01 -13.65
C LEU A 344 13.54 2.03 -13.49
N VAL A 345 12.96 3.15 -13.04
CA VAL A 345 11.53 3.32 -12.83
C VAL A 345 11.08 4.63 -13.48
N GLU A 346 10.01 4.57 -14.27
CA GLU A 346 9.36 5.76 -14.77
C GLU A 346 8.17 6.08 -13.86
N MET A 347 7.99 7.35 -13.52
CA MET A 347 7.02 7.74 -12.51
C MET A 347 6.30 9.00 -12.97
N HIS A 348 4.98 8.88 -13.20
CA HIS A 348 4.10 10.02 -13.42
C HIS A 348 3.76 10.74 -12.12
N GLY A 349 4.05 12.05 -12.12
CA GLY A 349 3.78 12.90 -10.98
C GLY A 349 5.04 13.58 -10.44
N ASN A 350 4.84 14.22 -9.29
CA ASN A 350 5.88 14.86 -8.52
C ASN A 350 6.74 13.75 -7.91
N ASN A 351 7.87 13.44 -8.58
CA ASN A 351 8.86 12.49 -8.08
C ASN A 351 10.09 13.21 -7.50
N GLY A 352 9.90 14.43 -7.00
CA GLY A 352 10.95 15.22 -6.38
C GLY A 352 11.56 16.25 -7.34
N SER A 353 12.56 16.99 -6.86
CA SER A 353 13.39 17.81 -7.73
C SER A 353 14.82 17.85 -7.19
N MET A 354 15.66 18.58 -7.92
CA MET A 354 17.05 18.77 -7.52
C MET A 354 17.14 19.65 -6.28
N ASP A 355 16.03 20.39 -5.98
CA ASP A 355 15.89 21.12 -4.72
C ASP A 355 15.50 20.19 -3.57
N GLY A 356 15.33 18.89 -3.83
CA GLY A 356 14.99 17.91 -2.79
C GLY A 356 13.62 18.18 -2.16
N ASP A 357 12.75 18.87 -2.91
CA ASP A 357 11.41 19.15 -2.40
C ASP A 357 10.69 17.80 -2.46
N PRO A 358 9.98 17.40 -1.37
CA PRO A 358 9.41 16.06 -1.28
C PRO A 358 8.61 15.60 -2.51
N PRO A 359 8.70 14.31 -2.93
CA PRO A 359 7.78 13.75 -3.92
C PRO A 359 6.35 13.59 -3.37
N ALA A 360 5.37 13.69 -4.27
CA ALA A 360 4.00 13.29 -4.01
C ALA A 360 4.00 11.95 -3.25
N ALA A 361 3.03 11.74 -2.35
CA ALA A 361 2.88 10.47 -1.66
C ALA A 361 2.38 9.43 -2.66
N MET A 362 2.50 8.15 -2.29
CA MET A 362 2.28 7.06 -3.22
C MET A 362 0.82 6.96 -3.65
N ARG A 363 -0.08 7.61 -2.91
CA ARG A 363 -1.50 7.63 -3.27
C ARG A 363 -1.73 8.42 -4.58
N TYR A 364 -0.81 9.33 -4.89
CA TYR A 364 -0.95 10.25 -6.01
C TYR A 364 -0.21 9.74 -7.24
N THR A 365 1.02 9.24 -7.02
CA THR A 365 1.95 8.90 -8.09
C THR A 365 1.57 7.54 -8.68
N GLU A 366 2.04 7.28 -9.90
CA GLU A 366 1.94 5.97 -10.51
C GLU A 366 3.22 5.67 -11.31
N ALA A 367 3.55 4.40 -11.52
CA ALA A 367 4.88 4.02 -11.95
C ALA A 367 4.87 2.78 -12.83
N ARG A 368 6.02 2.57 -13.50
CA ARG A 368 6.38 1.35 -14.20
C ARG A 368 7.90 1.28 -14.39
N LEU A 369 8.39 0.11 -14.82
CA LEU A 369 9.81 -0.09 -15.08
C LEU A 369 10.17 0.66 -16.35
N SER A 370 11.39 1.22 -16.40
CA SER A 370 11.89 1.76 -17.66
C SER A 370 12.17 0.59 -18.58
N GLU A 371 12.39 0.92 -19.86
CA GLU A 371 12.72 -0.07 -20.88
C GLU A 371 14.04 -0.77 -20.53
N ILE A 372 15.03 0.02 -20.09
CA ILE A 372 16.36 -0.50 -19.81
C ILE A 372 16.35 -1.32 -18.53
N ALA A 373 15.40 -1.09 -17.63
CA ALA A 373 15.25 -1.94 -16.46
C ALA A 373 14.85 -3.35 -16.90
N GLY A 374 14.16 -3.41 -18.04
CA GLY A 374 13.77 -4.67 -18.64
C GLY A 374 14.98 -5.53 -18.96
N TYR A 375 16.13 -4.89 -19.22
CA TYR A 375 17.33 -5.57 -19.61
C TYR A 375 18.01 -6.19 -18.40
N LEU A 376 17.72 -5.71 -17.18
CA LEU A 376 18.23 -6.35 -15.96
C LEU A 376 17.48 -7.65 -15.70
N LEU A 377 16.26 -7.70 -16.23
CA LEU A 377 15.35 -8.79 -15.96
C LEU A 377 15.27 -9.76 -17.13
N GLN A 378 15.81 -9.36 -18.29
CA GLN A 378 15.90 -10.19 -19.47
C GLN A 378 16.31 -11.61 -19.11
N ASP A 379 15.46 -12.58 -19.47
CA ASP A 379 15.69 -14.01 -19.39
C ASP A 379 15.64 -14.51 -17.95
N ILE A 380 14.79 -13.92 -17.09
CA ILE A 380 14.68 -14.39 -15.71
C ILE A 380 13.77 -15.62 -15.61
N GLU A 381 12.84 -15.70 -16.58
CA GLU A 381 11.93 -16.84 -16.72
C GLU A 381 12.65 -18.12 -17.14
N LYS A 382 13.95 -18.07 -17.51
CA LYS A 382 14.65 -19.20 -18.11
C LYS A 382 15.71 -19.79 -17.20
N LYS A 383 15.45 -19.79 -15.88
CA LYS A 383 16.28 -20.50 -14.92
C LYS A 383 17.74 -20.12 -15.10
N THR A 384 17.96 -18.81 -15.30
CA THR A 384 19.26 -18.22 -15.52
C THR A 384 19.95 -17.78 -14.23
N VAL A 385 19.27 -17.89 -13.09
CA VAL A 385 19.70 -17.15 -11.92
C VAL A 385 19.20 -17.85 -10.65
N PRO A 386 19.98 -17.89 -9.55
CA PRO A 386 19.54 -18.56 -8.33
C PRO A 386 18.40 -17.82 -7.63
N PHE A 387 17.29 -18.54 -7.36
CA PHE A 387 16.18 -18.01 -6.57
C PHE A 387 16.23 -18.54 -5.15
N ALA A 388 15.62 -17.80 -4.23
CA ALA A 388 15.43 -18.24 -2.85
C ALA A 388 13.95 -18.12 -2.43
N TRP A 389 13.65 -18.75 -1.27
CA TRP A 389 12.37 -18.58 -0.61
C TRP A 389 12.27 -17.16 -0.06
N ASN A 390 11.11 -16.52 -0.31
CA ASN A 390 10.87 -15.22 0.30
C ASN A 390 10.72 -15.40 1.81
N PHE A 391 10.32 -14.30 2.47
CA PHE A 391 10.46 -14.14 3.91
C PHE A 391 9.54 -15.08 4.68
N ASP A 392 8.44 -15.53 4.06
CA ASP A 392 7.42 -16.34 4.72
C ASP A 392 7.27 -17.70 4.01
N ASP A 393 8.33 -18.11 3.30
CA ASP A 393 8.39 -19.34 2.53
C ASP A 393 7.11 -19.62 1.74
N THR A 394 6.49 -18.62 1.10
CA THR A 394 5.29 -18.82 0.28
C THR A 394 5.57 -18.67 -1.21
N GLU A 395 6.77 -18.20 -1.56
CA GLU A 395 7.07 -17.69 -2.89
C GLU A 395 8.59 -17.47 -3.05
N LYS A 396 9.07 -17.66 -4.28
CA LYS A 396 10.49 -17.57 -4.60
C LYS A 396 10.81 -16.20 -5.19
N GLU A 397 12.04 -15.72 -4.92
CA GLU A 397 12.52 -14.46 -5.47
C GLU A 397 13.97 -14.63 -5.90
N PRO A 398 14.46 -13.87 -6.90
CA PRO A 398 15.85 -14.01 -7.35
C PRO A 398 16.84 -13.39 -6.37
N THR A 399 18.00 -14.04 -6.18
CA THR A 399 19.08 -13.49 -5.36
C THR A 399 19.96 -12.51 -6.13
N VAL A 400 19.83 -12.51 -7.47
CA VAL A 400 20.56 -11.63 -8.38
C VAL A 400 19.82 -11.58 -9.71
N LEU A 401 19.87 -10.47 -10.43
CA LEU A 401 19.17 -10.41 -11.72
C LEU A 401 20.13 -10.78 -12.84
N PRO A 402 19.65 -11.29 -13.99
CA PRO A 402 20.47 -11.50 -15.16
C PRO A 402 21.40 -10.34 -15.54
N ALA A 403 20.90 -9.10 -15.50
CA ALA A 403 21.71 -7.91 -15.72
C ALA A 403 22.37 -7.89 -17.11
N ALA A 404 21.58 -7.67 -18.17
CA ALA A 404 22.12 -7.61 -19.51
C ALA A 404 22.87 -6.31 -19.76
N PHE A 405 22.99 -5.45 -18.74
CA PHE A 405 23.95 -4.35 -18.79
C PHE A 405 24.55 -4.20 -17.40
N PRO A 406 25.78 -3.65 -17.31
CA PRO A 406 26.53 -3.67 -16.05
C PRO A 406 26.15 -2.55 -15.08
N ASN A 407 25.00 -2.74 -14.42
CA ASN A 407 24.29 -1.71 -13.68
C ASN A 407 25.13 -1.14 -12.53
N LEU A 408 26.03 -1.95 -11.95
CA LEU A 408 26.82 -1.52 -10.79
C LEU A 408 27.62 -0.25 -11.10
N LEU A 409 28.29 -0.19 -12.25
CA LEU A 409 29.06 0.99 -12.59
C LEU A 409 28.17 2.06 -13.22
N VAL A 410 27.17 1.63 -14.00
CA VAL A 410 26.34 2.57 -14.74
C VAL A 410 25.53 3.46 -13.80
N ASN A 411 24.88 2.88 -12.81
CA ASN A 411 24.02 3.64 -11.90
C ASN A 411 24.72 3.82 -10.56
N GLY A 412 25.80 3.06 -10.35
CA GLY A 412 26.56 3.21 -9.13
C GLY A 412 25.71 2.86 -7.92
N SER A 413 26.19 3.25 -6.73
CA SER A 413 25.58 2.84 -5.46
C SER A 413 26.22 3.63 -4.32
N THR A 414 25.36 4.08 -3.38
CA THR A 414 25.79 4.85 -2.22
C THR A 414 25.02 4.35 -1.00
N GLY A 415 25.77 3.77 -0.05
CA GLY A 415 25.19 3.04 1.07
C GLY A 415 26.11 3.06 2.31
N ILE A 416 25.53 2.85 3.50
CA ILE A 416 26.25 2.81 4.76
C ILE A 416 25.80 1.57 5.49
N SER A 417 26.72 0.66 5.85
CA SER A 417 26.30 -0.50 6.62
C SER A 417 27.02 -0.43 7.97
N ALA A 418 27.44 -1.60 8.51
CA ALA A 418 28.22 -1.74 9.75
C ALA A 418 29.64 -2.21 9.41
N GLY A 419 30.65 -1.46 9.88
CA GLY A 419 32.03 -1.72 9.50
C GLY A 419 32.38 -1.29 8.07
N TYR A 420 31.39 -1.07 7.20
CA TYR A 420 31.66 -0.76 5.79
C TYR A 420 30.64 0.23 5.24
N ALA A 421 31.07 1.01 4.23
CA ALA A 421 30.20 1.85 3.44
C ALA A 421 30.56 1.66 1.98
N THR A 422 29.76 2.27 1.08
CA THR A 422 30.04 2.16 -0.35
C THR A 422 29.75 3.49 -1.04
N ASP A 423 30.62 3.83 -1.99
CA ASP A 423 30.43 4.98 -2.84
C ASP A 423 30.94 4.63 -4.23
N ILE A 424 30.01 4.19 -5.10
CA ILE A 424 30.34 3.92 -6.48
C ILE A 424 29.61 4.93 -7.32
N PRO A 425 30.34 5.77 -8.07
CA PRO A 425 29.69 6.78 -8.89
C PRO A 425 29.09 6.18 -10.16
N PRO A 426 28.14 6.89 -10.81
CA PRO A 426 27.58 6.43 -12.07
C PRO A 426 28.60 6.57 -13.18
N HIS A 427 28.42 5.76 -14.21
CA HIS A 427 29.26 5.79 -15.39
C HIS A 427 28.41 5.77 -16.66
N ASN A 428 29.06 6.11 -17.78
CA ASN A 428 28.44 6.12 -19.09
C ASN A 428 28.31 4.68 -19.62
N LEU A 429 27.08 4.34 -20.05
CA LEU A 429 26.72 2.99 -20.46
C LEU A 429 27.66 2.49 -21.56
N ALA A 430 27.83 3.29 -22.61
CA ALA A 430 28.63 2.88 -23.74
C ALA A 430 30.06 2.55 -23.30
N GLU A 431 30.60 3.40 -22.43
CA GLU A 431 32.01 3.31 -22.05
C GLU A 431 32.23 2.07 -21.20
N VAL A 432 31.29 1.76 -20.30
CA VAL A 432 31.44 0.62 -19.43
C VAL A 432 31.38 -0.65 -20.27
N ILE A 433 30.44 -0.66 -21.21
CA ILE A 433 30.28 -1.77 -22.12
C ILE A 433 31.55 -1.94 -22.97
N ASP A 434 32.13 -0.83 -23.44
CA ASP A 434 33.33 -0.90 -24.27
C ASP A 434 34.46 -1.54 -23.48
N ALA A 435 34.59 -1.17 -22.20
CA ALA A 435 35.65 -1.71 -21.36
C ALA A 435 35.43 -3.20 -21.14
N ALA A 436 34.17 -3.58 -21.00
CA ALA A 436 33.78 -4.94 -20.66
C ALA A 436 34.03 -5.83 -21.87
N VAL A 437 33.76 -5.28 -23.04
CA VAL A 437 33.90 -6.04 -24.26
C VAL A 437 35.39 -6.27 -24.52
N TYR A 438 36.19 -5.21 -24.31
CA TYR A 438 37.63 -5.35 -24.48
C TYR A 438 38.10 -6.47 -23.56
N MET A 439 37.63 -6.48 -22.33
CA MET A 439 38.19 -7.36 -21.33
C MET A 439 37.74 -8.79 -21.59
N ILE A 440 36.61 -8.96 -22.30
CA ILE A 440 36.14 -10.29 -22.66
C ILE A 440 37.21 -10.94 -23.55
N ASP A 441 37.75 -10.11 -24.46
CA ASP A 441 38.78 -10.46 -25.42
C ASP A 441 40.19 -10.45 -24.81
N HIS A 442 40.37 -9.86 -23.62
CA HIS A 442 41.68 -9.65 -23.02
C HIS A 442 41.53 -9.71 -21.50
N PRO A 443 41.32 -10.92 -20.94
CA PRO A 443 41.07 -11.07 -19.50
C PRO A 443 42.09 -10.39 -18.59
N THR A 444 43.34 -10.22 -19.08
CA THR A 444 44.46 -9.77 -18.26
C THR A 444 44.62 -8.27 -18.40
N ALA A 445 43.69 -7.64 -19.13
CA ALA A 445 43.82 -6.23 -19.47
C ALA A 445 44.00 -5.46 -18.18
N LYS A 446 44.81 -4.41 -18.24
CA LYS A 446 45.15 -3.68 -17.04
C LYS A 446 44.55 -2.26 -17.15
N ILE A 447 44.60 -1.55 -16.02
CA ILE A 447 43.81 -0.34 -15.83
C ILE A 447 44.13 0.69 -16.90
N ASP A 448 45.40 0.89 -17.24
CA ASP A 448 45.75 1.94 -18.18
C ASP A 448 45.05 1.74 -19.50
N LYS A 449 44.88 0.48 -19.92
CA LYS A 449 44.28 0.18 -21.20
C LYS A 449 42.75 0.30 -21.09
N LEU A 450 42.18 -0.24 -20.01
CA LEU A 450 40.75 -0.09 -19.71
C LEU A 450 40.34 1.38 -19.66
N MET A 451 41.22 2.29 -19.21
CA MET A 451 40.80 3.69 -19.04
C MET A 451 40.80 4.41 -20.39
N GLU A 452 41.30 3.74 -21.43
CA GLU A 452 41.13 4.24 -22.77
C GLU A 452 39.64 4.22 -23.12
N PHE A 453 38.92 3.23 -22.57
CA PHE A 453 37.52 3.01 -22.89
C PHE A 453 36.64 3.66 -21.82
N LEU A 454 37.12 3.59 -20.57
CA LEU A 454 36.40 4.10 -19.43
C LEU A 454 37.30 5.05 -18.66
N PRO A 455 37.42 6.30 -19.16
CA PRO A 455 38.28 7.32 -18.53
C PRO A 455 37.82 7.75 -17.14
N GLY A 456 36.53 7.58 -16.83
CA GLY A 456 36.03 7.89 -15.50
C GLY A 456 34.51 8.03 -15.42
N PRO A 457 34.00 8.48 -14.25
CA PRO A 457 32.57 8.52 -13.97
C PRO A 457 31.80 9.47 -14.88
N ASP A 458 30.49 9.25 -15.00
CA ASP A 458 29.64 10.11 -15.79
C ASP A 458 28.40 10.40 -14.95
N PHE A 459 28.41 11.55 -14.25
CA PHE A 459 27.32 11.90 -13.36
C PHE A 459 26.13 12.30 -14.22
N PRO A 460 24.89 11.92 -13.83
CA PRO A 460 23.70 12.40 -14.52
C PRO A 460 23.53 13.91 -14.43
N THR A 461 24.11 14.51 -13.37
CA THR A 461 24.15 15.94 -13.12
C THR A 461 25.27 16.68 -13.87
N GLY A 462 26.04 15.95 -14.70
CA GLY A 462 27.19 16.48 -15.42
C GLY A 462 28.28 17.02 -14.47
N ALA A 463 28.70 18.27 -14.73
CA ALA A 463 29.76 18.97 -13.99
C ALA A 463 31.14 18.55 -14.51
N ILE A 464 32.21 18.98 -13.82
CA ILE A 464 33.59 18.73 -14.23
C ILE A 464 34.29 17.90 -13.17
N ILE A 465 34.88 16.79 -13.63
CA ILE A 465 35.62 15.90 -12.74
C ILE A 465 37.12 16.12 -12.96
N GLN A 466 37.86 16.41 -11.88
CA GLN A 466 39.26 16.71 -11.95
C GLN A 466 40.03 15.69 -11.12
N GLY A 467 40.98 14.98 -11.74
CA GLY A 467 41.92 14.16 -10.99
C GLY A 467 42.19 12.78 -11.61
N ARG A 468 42.81 12.76 -12.81
CA ARG A 468 43.13 11.52 -13.53
C ARG A 468 43.84 10.49 -12.65
N ASP A 469 44.82 10.94 -11.87
CA ASP A 469 45.63 10.05 -11.04
C ASP A 469 44.74 9.35 -10.02
N GLU A 470 43.88 10.15 -9.39
CA GLU A 470 42.99 9.69 -8.34
C GLU A 470 41.88 8.81 -8.91
N ILE A 471 41.36 9.14 -10.09
CA ILE A 471 40.50 8.22 -10.80
C ILE A 471 41.23 6.89 -10.94
N LYS A 472 42.46 6.94 -11.45
CA LYS A 472 43.20 5.73 -11.67
C LYS A 472 43.37 4.98 -10.35
N LYS A 473 43.60 5.71 -9.26
CA LYS A 473 43.84 5.04 -8.00
C LYS A 473 42.56 4.35 -7.51
N ALA A 474 41.41 5.04 -7.68
CA ALA A 474 40.10 4.46 -7.37
C ALA A 474 39.83 3.20 -8.21
N TYR A 475 40.13 3.28 -9.52
CA TYR A 475 39.90 2.18 -10.45
C TYR A 475 40.87 1.03 -10.18
N GLU A 476 42.02 1.31 -9.55
CA GLU A 476 42.95 0.28 -9.11
C GLU A 476 42.55 -0.35 -7.78
N THR A 477 42.26 0.47 -6.78
CA THR A 477 42.19 0.02 -5.39
C THR A 477 40.74 -0.01 -4.85
N GLY A 478 39.87 0.82 -5.45
CA GLY A 478 38.51 1.04 -4.99
C GLY A 478 38.31 2.39 -4.27
N LYS A 479 39.44 3.09 -3.99
CA LYS A 479 39.45 4.31 -3.20
C LYS A 479 40.26 5.39 -3.92
N GLY A 480 39.80 6.63 -3.82
CA GLY A 480 40.35 7.76 -4.54
C GLY A 480 39.52 9.02 -4.25
N ARG A 481 40.15 10.18 -4.32
CA ARG A 481 39.44 11.42 -4.08
C ARG A 481 39.57 12.24 -5.34
N VAL A 482 38.43 12.66 -5.86
CA VAL A 482 38.38 13.45 -7.07
C VAL A 482 37.65 14.75 -6.73
N VAL A 483 37.84 15.77 -7.58
CA VAL A 483 37.17 17.05 -7.42
C VAL A 483 36.05 17.13 -8.45
N VAL A 484 34.84 17.43 -7.96
CA VAL A 484 33.71 17.66 -8.84
C VAL A 484 33.32 19.12 -8.72
N ARG A 485 33.40 19.82 -9.86
CA ARG A 485 33.30 21.26 -9.84
C ARG A 485 32.16 21.65 -10.74
N SER A 486 31.33 22.59 -10.29
CA SER A 486 30.18 23.05 -11.06
C SER A 486 30.67 23.57 -12.41
N LYS A 487 29.80 23.46 -13.41
CA LYS A 487 30.07 24.09 -14.68
C LYS A 487 29.57 25.52 -14.57
N THR A 488 30.47 26.44 -14.95
CA THR A 488 30.25 27.87 -14.88
C THR A 488 30.59 28.51 -16.22
N GLU A 489 30.17 29.77 -16.38
CA GLU A 489 30.58 30.63 -17.47
C GLU A 489 30.29 32.05 -16.98
N ILE A 490 30.97 33.03 -17.58
CA ILE A 490 30.87 34.42 -17.12
C ILE A 490 30.11 35.20 -18.18
N GLU A 491 29.06 35.91 -17.76
CA GLU A 491 28.23 36.68 -18.68
C GLU A 491 28.36 38.17 -18.36
N LYS A 492 28.54 38.97 -19.44
CA LYS A 492 28.69 40.41 -19.34
C LYS A 492 27.33 41.04 -19.12
N LEU A 493 27.28 42.18 -18.41
CA LEU A 493 26.02 42.88 -18.13
C LEU A 493 26.13 44.34 -18.56
N LYS A 494 25.12 45.14 -18.20
CA LYS A 494 25.16 46.60 -18.35
C LYS A 494 26.01 47.23 -17.24
N GLY A 495 26.70 48.32 -17.59
CA GLY A 495 27.22 49.24 -16.59
C GLY A 495 28.44 48.69 -15.83
N GLY A 496 29.27 47.89 -16.53
CA GLY A 496 30.59 47.49 -16.08
C GLY A 496 30.58 46.29 -15.14
N LYS A 497 29.67 45.35 -15.42
CA LYS A 497 29.30 44.31 -14.48
C LYS A 497 29.42 42.93 -15.13
N GLU A 498 29.63 41.90 -14.29
CA GLU A 498 29.57 40.51 -14.72
C GLU A 498 28.67 39.74 -13.76
N GLN A 499 28.16 38.59 -14.25
CA GLN A 499 27.53 37.59 -13.40
C GLN A 499 28.09 36.21 -13.76
N ILE A 500 28.26 35.39 -12.71
CA ILE A 500 28.63 33.99 -12.82
C ILE A 500 27.36 33.17 -13.05
N VAL A 501 27.39 32.27 -14.02
CA VAL A 501 26.20 31.51 -14.37
C VAL A 501 26.51 30.02 -14.23
N ILE A 502 25.78 29.35 -13.31
CA ILE A 502 25.99 27.94 -13.00
C ILE A 502 24.92 27.10 -13.74
N THR A 503 25.34 26.09 -14.50
CA THR A 503 24.47 25.34 -15.41
C THR A 503 24.51 23.83 -15.12
N GLU A 504 25.54 23.38 -14.40
CA GLU A 504 25.57 22.03 -13.87
C GLU A 504 26.23 22.09 -12.50
N ILE A 505 25.80 21.20 -11.60
CA ILE A 505 26.29 21.19 -10.23
C ILE A 505 26.73 19.78 -9.86
N PRO A 506 27.46 19.63 -8.75
CA PRO A 506 27.96 18.31 -8.38
C PRO A 506 26.82 17.39 -7.98
N TYR A 507 26.97 16.13 -8.43
CA TYR A 507 26.22 14.99 -7.95
C TYR A 507 26.02 15.08 -6.44
N GLU A 508 24.75 14.91 -6.03
CA GLU A 508 24.35 14.55 -4.67
C GLU A 508 24.12 15.84 -3.86
N ILE A 509 24.04 16.96 -4.59
CA ILE A 509 23.99 18.29 -3.97
C ILE A 509 22.64 18.90 -4.29
N ASN A 510 22.05 19.44 -3.23
CA ASN A 510 20.73 20.04 -3.24
C ASN A 510 20.83 21.46 -3.79
N LYS A 511 20.14 21.75 -4.89
CA LYS A 511 20.37 23.02 -5.58
C LYS A 511 19.91 24.19 -4.70
N ALA A 512 18.80 24.03 -4.00
CA ALA A 512 18.24 25.11 -3.21
C ALA A 512 19.16 25.42 -2.02
N ASN A 513 19.69 24.37 -1.39
CA ASN A 513 20.57 24.52 -0.25
C ASN A 513 21.86 25.22 -0.68
N LEU A 514 22.29 24.93 -1.92
CA LEU A 514 23.53 25.52 -2.42
C LEU A 514 23.30 27.01 -2.67
N VAL A 515 22.16 27.31 -3.31
CA VAL A 515 21.78 28.69 -3.62
C VAL A 515 21.69 29.52 -2.33
N LYS A 516 21.12 28.90 -1.29
CA LYS A 516 21.01 29.53 0.03
C LYS A 516 22.39 29.78 0.59
N LYS A 517 23.29 28.81 0.47
CA LYS A 517 24.58 28.93 1.15
C LYS A 517 25.45 29.97 0.43
N ILE A 518 25.20 30.18 -0.87
CA ILE A 518 25.88 31.20 -1.63
C ILE A 518 25.34 32.56 -1.24
N ASP A 519 24.01 32.66 -1.07
CA ASP A 519 23.40 33.91 -0.67
C ASP A 519 23.88 34.33 0.72
N ASP A 520 24.11 33.39 1.65
CA ASP A 520 24.57 33.71 3.00
C ASP A 520 26.00 34.27 2.99
N VAL A 521 26.76 33.91 1.93
CA VAL A 521 28.09 34.48 1.72
C VAL A 521 27.93 35.96 1.41
N ARG A 522 26.96 36.29 0.57
CA ARG A 522 26.66 37.68 0.22
C ARG A 522 26.26 38.48 1.46
N VAL A 523 25.35 37.90 2.23
CA VAL A 523 24.69 38.54 3.36
C VAL A 523 25.74 38.86 4.42
N ASN A 524 26.58 37.87 4.77
CA ASN A 524 27.65 38.07 5.76
C ASN A 524 28.88 38.81 5.20
N ASN A 525 28.84 39.15 3.89
CA ASN A 525 29.96 39.73 3.18
C ASN A 525 31.29 39.08 3.66
N LYS A 526 31.38 37.76 3.48
CA LYS A 526 32.56 36.96 3.81
C LYS A 526 33.63 37.24 2.75
N VAL A 527 33.13 37.43 1.52
CA VAL A 527 33.94 37.92 0.44
C VAL A 527 33.12 39.00 -0.26
N ALA A 528 33.82 39.98 -0.82
CA ALA A 528 33.20 41.19 -1.36
C ALA A 528 32.92 41.00 -2.84
N GLY A 529 31.77 41.54 -3.31
CA GLY A 529 31.50 41.65 -4.74
C GLY A 529 30.12 41.17 -5.18
N ILE A 530 29.36 40.50 -4.28
CA ILE A 530 28.13 39.83 -4.70
C ILE A 530 26.97 40.81 -4.55
N ALA A 531 26.29 41.07 -5.68
CA ALA A 531 25.08 41.89 -5.69
C ALA A 531 23.87 41.05 -5.32
N GLU A 532 23.64 39.97 -6.08
CA GLU A 532 22.46 39.15 -5.90
C GLU A 532 22.75 37.70 -6.34
N VAL A 533 22.09 36.76 -5.66
CA VAL A 533 22.06 35.36 -6.05
C VAL A 533 20.63 35.06 -6.50
N ARG A 534 20.46 34.48 -7.69
CA ARG A 534 19.13 34.21 -8.22
C ARG A 534 19.08 32.85 -8.91
N ASP A 535 18.26 31.92 -8.38
CA ASP A 535 17.95 30.66 -9.03
C ASP A 535 16.98 30.94 -10.17
N GLU A 536 17.47 30.88 -11.40
CA GLU A 536 16.67 31.18 -12.57
C GLU A 536 16.36 29.89 -13.32
N SER A 537 16.41 28.75 -12.59
CA SER A 537 16.13 27.44 -13.15
C SER A 537 14.62 27.37 -13.42
N ASP A 538 14.22 26.59 -14.42
CA ASP A 538 12.82 26.39 -14.75
C ASP A 538 12.64 24.91 -15.05
N ARG A 539 11.47 24.53 -15.57
CA ARG A 539 11.19 23.14 -15.90
C ARG A 539 12.16 22.61 -17.00
N ASP A 540 12.79 23.52 -17.78
CA ASP A 540 13.54 23.13 -18.97
C ASP A 540 15.05 23.11 -18.71
N GLY A 541 15.52 23.84 -17.69
CA GLY A 541 16.95 24.13 -17.54
C GLY A 541 17.33 24.50 -16.11
N LEU A 542 18.57 24.14 -15.73
CA LEU A 542 19.20 24.61 -14.51
C LEU A 542 20.00 25.87 -14.86
N ARG A 543 19.75 26.93 -14.09
CA ARG A 543 20.44 28.18 -14.32
C ARG A 543 20.44 28.99 -13.03
N ILE A 544 21.63 29.10 -12.43
CA ILE A 544 21.84 29.99 -11.29
C ILE A 544 22.73 31.13 -11.76
N ALA A 545 22.35 32.35 -11.35
CA ALA A 545 23.06 33.58 -11.65
C ALA A 545 23.50 34.26 -10.37
N ILE A 546 24.83 34.42 -10.26
CA ILE A 546 25.46 35.22 -9.22
C ILE A 546 25.91 36.52 -9.84
N GLU A 547 25.06 37.55 -9.69
CA GLU A 547 25.31 38.87 -10.26
C GLU A 547 26.28 39.59 -9.34
N LEU A 548 27.31 40.18 -9.96
CA LEU A 548 28.41 40.77 -9.20
C LEU A 548 28.31 42.29 -9.27
N LYS A 549 28.87 42.95 -8.25
CA LYS A 549 28.89 44.39 -8.16
C LYS A 549 29.88 44.97 -9.16
N LYS A 550 29.71 46.26 -9.46
CA LYS A 550 30.55 46.95 -10.43
C LYS A 550 32.00 46.86 -9.96
N ASP A 551 32.84 46.25 -10.80
CA ASP A 551 34.25 46.09 -10.48
C ASP A 551 34.41 45.39 -9.14
N ALA A 552 34.06 44.09 -9.16
CA ALA A 552 34.45 43.13 -8.14
C ALA A 552 35.40 42.13 -8.79
N ASN A 553 36.18 41.42 -7.96
CA ASN A 553 37.13 40.46 -8.49
C ASN A 553 36.42 39.13 -8.74
N THR A 554 36.17 38.79 -10.00
CA THR A 554 35.24 37.70 -10.24
C THR A 554 35.99 36.39 -10.01
N GLU A 555 37.29 36.36 -10.31
CA GLU A 555 38.09 35.16 -10.07
C GLU A 555 38.15 34.88 -8.57
N LEU A 556 38.26 35.94 -7.75
CA LEU A 556 38.37 35.79 -6.31
C LEU A 556 37.06 35.28 -5.73
N VAL A 557 35.95 35.72 -6.31
CA VAL A 557 34.64 35.36 -5.80
C VAL A 557 34.39 33.90 -6.15
N LEU A 558 34.56 33.58 -7.43
CA LEU A 558 34.37 32.23 -7.92
C LEU A 558 35.21 31.23 -7.14
N ASN A 559 36.46 31.57 -6.84
CA ASN A 559 37.35 30.69 -6.09
C ASN A 559 36.91 30.55 -4.64
N TYR A 560 36.48 31.65 -4.01
CA TYR A 560 35.90 31.56 -2.69
C TYR A 560 34.71 30.57 -2.69
N LEU A 561 33.83 30.71 -3.67
CA LEU A 561 32.63 29.89 -3.71
C LEU A 561 33.01 28.42 -3.94
N PHE A 562 33.97 28.14 -4.82
CA PHE A 562 34.40 26.78 -5.04
C PHE A 562 34.90 26.16 -3.74
N LYS A 563 35.75 26.91 -3.04
CA LYS A 563 36.40 26.43 -1.84
C LYS A 563 35.42 26.27 -0.70
N TYR A 564 34.56 27.29 -0.44
CA TYR A 564 33.81 27.43 0.82
C TYR A 564 32.31 27.10 0.70
N THR A 565 31.80 26.86 -0.52
CA THR A 565 30.48 26.28 -0.74
C THR A 565 30.62 24.97 -1.53
N ASP A 566 29.48 24.32 -1.84
CA ASP A 566 29.50 23.04 -2.52
C ASP A 566 29.42 23.27 -4.03
N LEU A 567 29.57 24.54 -4.45
CA LEU A 567 29.79 24.88 -5.86
C LEU A 567 30.86 23.94 -6.47
N GLN A 568 31.75 23.44 -5.60
CA GLN A 568 32.70 22.39 -5.93
C GLN A 568 32.87 21.49 -4.70
N ILE A 569 33.01 20.18 -4.93
CA ILE A 569 33.15 19.22 -3.83
C ILE A 569 34.28 18.22 -4.14
N ASN A 570 34.58 17.42 -3.12
CA ASN A 570 35.38 16.22 -3.26
C ASN A 570 34.43 15.02 -3.33
N TYR A 571 34.55 14.17 -4.37
CA TYR A 571 33.90 12.87 -4.40
C TYR A 571 34.93 11.82 -3.97
N ASN A 572 34.62 11.06 -2.92
CA ASN A 572 35.52 10.00 -2.50
C ASN A 572 34.96 8.66 -2.93
N PHE A 573 35.59 8.00 -3.91
CA PHE A 573 35.24 6.64 -4.24
C PHE A 573 35.50 5.76 -3.03
N ASN A 574 34.56 4.86 -2.74
CA ASN A 574 34.74 3.81 -1.76
C ASN A 574 33.95 2.61 -2.28
N MET A 575 34.58 1.89 -3.21
CA MET A 575 33.85 0.96 -4.04
C MET A 575 33.83 -0.39 -3.31
N VAL A 576 32.70 -0.61 -2.63
CA VAL A 576 32.45 -1.85 -1.91
C VAL A 576 31.15 -2.49 -2.39
N ALA A 577 31.23 -3.80 -2.67
CA ALA A 577 30.08 -4.58 -3.09
C ALA A 577 30.18 -6.00 -2.50
N ILE A 578 29.08 -6.73 -2.61
CA ILE A 578 29.03 -8.10 -2.15
C ILE A 578 29.53 -9.02 -3.25
N ASP A 579 30.63 -9.71 -2.92
CA ASP A 579 31.21 -10.71 -3.80
C ASP A 579 31.26 -12.00 -2.99
N ASN A 580 30.48 -12.99 -3.43
CA ASN A 580 30.47 -14.26 -2.74
C ASN A 580 30.07 -14.06 -1.27
N PHE A 581 28.95 -13.36 -1.05
CA PHE A 581 28.30 -13.18 0.24
C PHE A 581 29.15 -12.33 1.18
N THR A 582 30.37 -11.95 0.80
CA THR A 582 31.18 -11.14 1.70
C THR A 582 31.41 -9.77 1.07
N PRO A 583 31.56 -8.70 1.88
CA PRO A 583 31.86 -7.37 1.39
C PRO A 583 33.30 -7.34 0.92
N ARG A 584 33.55 -6.54 -0.11
CA ARG A 584 34.85 -6.56 -0.74
C ARG A 584 35.08 -5.19 -1.34
N GLN A 585 36.28 -4.65 -1.11
CA GLN A 585 36.63 -3.40 -1.74
C GLN A 585 37.25 -3.75 -3.08
N VAL A 586 36.81 -3.08 -4.16
CA VAL A 586 37.07 -3.58 -5.51
C VAL A 586 37.37 -2.42 -6.45
N GLY A 587 38.32 -2.61 -7.37
CA GLY A 587 38.54 -1.67 -8.45
C GLY A 587 37.76 -2.16 -9.65
N ILE A 588 37.93 -1.47 -10.78
CA ILE A 588 37.30 -1.78 -12.05
C ILE A 588 37.55 -3.22 -12.50
N VAL A 589 38.75 -3.78 -12.30
CA VAL A 589 39.03 -5.12 -12.83
C VAL A 589 38.13 -6.20 -12.18
N PRO A 590 38.09 -6.35 -10.84
CA PRO A 590 37.21 -7.36 -10.23
C PRO A 590 35.72 -7.08 -10.49
N ILE A 591 35.39 -5.80 -10.73
CA ILE A 591 34.01 -5.42 -11.00
C ILE A 591 33.60 -5.96 -12.36
N LEU A 592 34.42 -5.66 -13.37
CA LEU A 592 34.19 -6.10 -14.72
C LEU A 592 34.29 -7.62 -14.83
N SER A 593 35.22 -8.24 -14.08
CA SER A 593 35.43 -9.68 -14.24
C SER A 593 34.23 -10.42 -13.63
N SER A 594 33.67 -9.86 -12.53
CA SER A 594 32.49 -10.44 -11.89
C SER A 594 31.30 -10.37 -12.83
N TYR A 595 31.15 -9.23 -13.51
CA TYR A 595 30.08 -9.08 -14.47
C TYR A 595 30.16 -10.12 -15.57
N ILE A 596 31.36 -10.33 -16.12
CA ILE A 596 31.55 -11.22 -17.27
C ILE A 596 31.31 -12.69 -16.88
N ALA A 597 31.74 -13.04 -15.65
CA ALA A 597 31.50 -14.37 -15.10
C ALA A 597 30.00 -14.57 -14.88
N HIS A 598 29.32 -13.53 -14.41
CA HIS A 598 27.89 -13.62 -14.20
C HIS A 598 27.19 -13.76 -15.55
N ARG A 599 27.53 -12.92 -16.52
CA ARG A 599 26.90 -13.03 -17.83
C ARG A 599 27.17 -14.40 -18.44
N ARG A 600 28.31 -15.00 -18.13
CA ARG A 600 28.62 -16.31 -18.66
C ARG A 600 27.63 -17.32 -18.10
N GLU A 601 27.45 -17.29 -16.77
CA GLU A 601 26.52 -18.19 -16.11
C GLU A 601 25.11 -17.98 -16.66
N VAL A 602 24.74 -16.72 -16.87
CA VAL A 602 23.40 -16.42 -17.34
C VAL A 602 23.21 -16.98 -18.75
N ILE A 603 24.15 -16.69 -19.65
CA ILE A 603 24.08 -17.10 -21.04
C ILE A 603 24.11 -18.61 -21.11
N LEU A 604 24.92 -19.27 -20.28
CA LEU A 604 25.01 -20.73 -20.35
C LEU A 604 23.69 -21.36 -19.89
N ALA A 605 23.18 -20.89 -18.73
CA ALA A 605 21.93 -21.34 -18.11
C ALA A 605 20.73 -21.09 -19.04
N ARG A 606 20.71 -19.91 -19.66
CA ARG A 606 19.68 -19.59 -20.63
C ARG A 606 19.72 -20.62 -21.75
N SER A 607 20.93 -20.90 -22.27
CA SER A 607 21.09 -21.73 -23.44
C SER A 607 20.63 -23.15 -23.13
N ARG A 608 20.96 -23.63 -21.93
CA ARG A 608 20.52 -24.95 -21.47
C ARG A 608 19.00 -25.01 -21.45
N PHE A 609 18.41 -23.92 -20.93
CA PHE A 609 16.98 -23.79 -20.77
C PHE A 609 16.30 -23.89 -22.12
N ASP A 610 16.76 -23.06 -23.06
CA ASP A 610 16.12 -23.01 -24.35
C ASP A 610 16.31 -24.30 -25.12
N LYS A 611 17.37 -25.05 -24.81
CA LYS A 611 17.72 -26.24 -25.57
C LYS A 611 16.84 -27.40 -25.09
N GLU A 612 16.70 -27.53 -23.76
CA GLU A 612 15.78 -28.51 -23.16
C GLU A 612 14.37 -28.32 -23.73
N LYS A 613 13.96 -27.06 -23.91
CA LYS A 613 12.63 -26.78 -24.42
CA LYS A 613 12.64 -26.71 -24.45
C LYS A 613 12.51 -27.18 -25.89
N ALA A 614 13.54 -26.89 -26.69
CA ALA A 614 13.51 -27.23 -28.10
C ALA A 614 13.59 -28.74 -28.29
N GLU A 615 14.25 -29.43 -27.36
CA GLU A 615 14.40 -30.86 -27.52
C GLU A 615 13.07 -31.55 -27.25
N LYS A 616 12.35 -31.06 -26.25
CA LYS A 616 11.03 -31.58 -25.91
C LYS A 616 10.08 -31.39 -27.09
N ARG A 617 10.00 -30.16 -27.58
CA ARG A 617 9.17 -29.93 -28.75
C ARG A 617 9.54 -30.90 -29.87
N LEU A 618 10.84 -31.08 -30.10
CA LEU A 618 11.31 -31.89 -31.21
C LEU A 618 10.85 -33.34 -31.02
N HIS A 619 11.01 -33.90 -29.80
CA HIS A 619 10.61 -35.27 -29.56
C HIS A 619 9.12 -35.46 -29.78
N ILE A 620 8.33 -34.45 -29.36
CA ILE A 620 6.88 -34.49 -29.49
C ILE A 620 6.54 -34.59 -30.97
N VAL A 621 7.17 -33.70 -31.77
CA VAL A 621 6.95 -33.64 -33.21
C VAL A 621 7.38 -34.96 -33.89
N GLU A 622 8.50 -35.51 -33.46
CA GLU A 622 8.89 -36.79 -33.98
C GLU A 622 7.76 -37.77 -33.68
N GLY A 623 7.22 -37.68 -32.45
CA GLY A 623 6.14 -38.55 -32.00
C GLY A 623 4.88 -38.41 -32.84
N LEU A 624 4.55 -37.16 -33.16
CA LEU A 624 3.33 -36.86 -33.90
C LEU A 624 3.44 -37.40 -35.31
N ILE A 625 4.60 -37.23 -35.94
CA ILE A 625 4.86 -37.75 -37.29
C ILE A 625 4.75 -39.28 -37.29
N ARG A 626 5.32 -39.91 -36.26
CA ARG A 626 5.30 -41.35 -36.23
C ARG A 626 3.85 -41.80 -36.09
N VAL A 627 3.04 -41.04 -35.32
CA VAL A 627 1.68 -41.43 -34.97
C VAL A 627 0.82 -41.61 -36.23
N ILE A 628 0.94 -40.69 -37.17
CA ILE A 628 0.21 -40.77 -38.43
C ILE A 628 0.12 -42.22 -38.90
N SER A 629 1.29 -42.81 -39.12
CA SER A 629 1.48 -44.17 -39.60
C SER A 629 0.71 -45.23 -38.81
N ILE A 630 0.21 -44.93 -37.61
CA ILE A 630 -0.42 -45.98 -36.81
C ILE A 630 -1.69 -45.45 -36.15
N LEU A 631 -2.39 -44.59 -36.89
CA LEU A 631 -3.47 -43.79 -36.33
C LEU A 631 -4.59 -44.71 -35.86
N ASP A 632 -4.89 -45.74 -36.67
CA ASP A 632 -6.09 -46.56 -36.50
C ASP A 632 -5.89 -47.41 -35.25
N GLU A 633 -4.63 -47.83 -35.04
CA GLU A 633 -4.24 -48.75 -33.97
C GLU A 633 -4.13 -47.97 -32.67
N VAL A 634 -3.63 -46.73 -32.79
CA VAL A 634 -3.56 -45.79 -31.68
C VAL A 634 -4.96 -45.55 -31.12
N ILE A 635 -5.89 -45.23 -32.02
CA ILE A 635 -7.24 -44.85 -31.61
C ILE A 635 -7.93 -46.04 -30.92
N ALA A 636 -7.82 -47.21 -31.56
CA ALA A 636 -8.40 -48.45 -31.01
C ALA A 636 -7.80 -48.72 -29.64
N LEU A 637 -6.49 -48.52 -29.56
CA LEU A 637 -5.72 -48.66 -28.33
C LEU A 637 -6.30 -47.76 -27.23
N ILE A 638 -6.68 -46.54 -27.62
CA ILE A 638 -7.04 -45.52 -26.65
C ILE A 638 -8.45 -45.78 -26.09
N ARG A 639 -9.35 -46.35 -26.92
CA ARG A 639 -10.73 -46.60 -26.46
C ARG A 639 -10.77 -47.74 -25.45
N ALA A 640 -9.90 -48.75 -25.67
CA ALA A 640 -9.71 -49.92 -24.81
C ALA A 640 -9.24 -49.50 -23.41
N SER A 641 -8.45 -48.43 -23.30
CA SER A 641 -7.71 -48.21 -22.07
C SER A 641 -8.60 -47.58 -21.00
N GLU A 642 -8.24 -47.84 -19.74
CA GLU A 642 -9.14 -47.62 -18.61
C GLU A 642 -9.29 -46.13 -18.32
N ASN A 643 -8.26 -45.36 -18.70
CA ASN A 643 -8.16 -43.95 -18.38
C ASN A 643 -7.04 -43.34 -19.23
N LYS A 644 -6.72 -42.07 -18.96
CA LYS A 644 -5.63 -41.38 -19.63
C LYS A 644 -4.30 -42.09 -19.40
N ALA A 645 -3.92 -42.19 -18.11
CA ALA A 645 -2.70 -42.85 -17.65
C ALA A 645 -2.48 -44.21 -18.29
N ASP A 646 -3.54 -45.01 -18.37
CA ASP A 646 -3.46 -46.36 -18.90
C ASP A 646 -3.20 -46.28 -20.40
N ALA A 647 -3.87 -45.31 -21.05
CA ALA A 647 -3.77 -45.17 -22.50
C ALA A 647 -2.31 -44.88 -22.86
N LYS A 648 -1.66 -44.02 -22.06
CA LYS A 648 -0.27 -43.67 -22.26
C LYS A 648 0.59 -44.90 -22.07
N GLU A 649 0.37 -45.60 -20.94
CA GLU A 649 1.08 -46.85 -20.69
C GLU A 649 1.09 -47.74 -21.93
N ASN A 650 -0.08 -47.98 -22.54
CA ASN A 650 -0.15 -48.88 -23.68
C ASN A 650 0.62 -48.31 -24.85
N LEU A 651 0.63 -46.98 -24.96
CA LEU A 651 1.33 -46.34 -26.07
C LEU A 651 2.83 -46.61 -25.99
N LYS A 652 3.39 -46.49 -24.77
CA LYS A 652 4.80 -46.68 -24.53
C LYS A 652 5.19 -48.14 -24.76
N VAL A 653 4.46 -49.04 -24.06
CA VAL A 653 4.68 -50.48 -24.00
C VAL A 653 4.42 -51.11 -25.37
N SER A 654 3.33 -50.70 -26.03
CA SER A 654 3.02 -51.23 -27.35
C SER A 654 3.93 -50.63 -28.43
N TYR A 655 4.18 -49.31 -28.39
CA TYR A 655 4.63 -48.61 -29.59
C TYR A 655 5.93 -47.81 -29.41
N ASP A 656 6.44 -47.73 -28.17
CA ASP A 656 7.79 -47.26 -27.89
C ASP A 656 7.87 -45.73 -27.96
N PHE A 657 6.77 -45.09 -27.60
CA PHE A 657 6.71 -43.65 -27.40
C PHE A 657 7.28 -43.36 -26.01
N THR A 658 7.80 -42.15 -25.83
CA THR A 658 8.20 -41.67 -24.52
C THR A 658 7.02 -41.06 -23.77
N GLU A 659 7.20 -40.85 -22.46
CA GLU A 659 6.18 -40.22 -21.65
C GLU A 659 5.77 -38.90 -22.29
N GLU A 660 6.74 -38.03 -22.62
CA GLU A 660 6.46 -36.73 -23.22
C GLU A 660 5.64 -36.88 -24.50
N GLN A 661 6.01 -37.85 -25.35
CA GLN A 661 5.33 -38.05 -26.62
C GLN A 661 3.91 -38.57 -26.39
N ALA A 662 3.75 -39.50 -25.43
CA ALA A 662 2.49 -40.18 -25.15
C ALA A 662 1.49 -39.17 -24.59
N GLU A 663 1.96 -38.38 -23.62
CA GLU A 663 1.20 -37.27 -23.08
C GLU A 663 0.70 -36.36 -24.20
N ALA A 664 1.52 -36.10 -25.22
CA ALA A 664 1.11 -35.16 -26.25
C ALA A 664 0.03 -35.77 -27.12
N ILE A 665 0.17 -37.06 -27.45
CA ILE A 665 -0.72 -37.72 -28.38
C ILE A 665 -2.11 -37.84 -27.76
N VAL A 666 -2.09 -38.23 -26.49
CA VAL A 666 -3.27 -38.54 -25.74
C VAL A 666 -4.09 -37.28 -25.44
N THR A 667 -3.47 -36.09 -25.54
CA THR A 667 -4.16 -34.82 -25.34
C THR A 667 -4.42 -34.08 -26.65
N LEU A 668 -4.22 -34.70 -27.81
CA LEU A 668 -4.62 -34.04 -29.04
C LEU A 668 -6.13 -33.90 -29.02
N GLN A 669 -6.64 -32.78 -29.56
CA GLN A 669 -8.08 -32.67 -29.77
C GLN A 669 -8.47 -33.43 -31.04
N LEU A 670 -9.72 -33.84 -31.13
CA LEU A 670 -10.12 -34.77 -32.18
C LEU A 670 -9.94 -34.15 -33.56
N TYR A 671 -10.13 -32.83 -33.65
CA TYR A 671 -10.04 -32.15 -34.93
C TYR A 671 -8.62 -32.15 -35.47
N ARG A 672 -7.61 -32.42 -34.62
CA ARG A 672 -6.23 -32.50 -35.09
C ARG A 672 -6.09 -33.71 -36.00
N LEU A 673 -7.02 -34.66 -35.98
CA LEU A 673 -6.93 -35.83 -36.86
C LEU A 673 -7.31 -35.48 -38.30
N THR A 674 -7.81 -34.26 -38.54
CA THR A 674 -8.07 -33.80 -39.90
C THR A 674 -6.77 -33.54 -40.65
N ASN A 675 -5.68 -33.24 -39.89
CA ASN A 675 -4.41 -32.75 -40.43
C ASN A 675 -3.41 -33.89 -40.63
N THR A 676 -2.86 -33.96 -41.83
CA THR A 676 -1.91 -35.01 -42.15
C THR A 676 -0.71 -34.42 -42.90
N ASP A 677 -0.43 -33.14 -42.64
CA ASP A 677 0.62 -32.40 -43.31
C ASP A 677 1.94 -32.58 -42.53
N VAL A 678 2.60 -33.69 -42.85
CA VAL A 678 3.87 -34.08 -42.28
C VAL A 678 4.97 -33.10 -42.68
N VAL A 679 4.80 -32.43 -43.81
CA VAL A 679 5.86 -31.55 -44.30
C VAL A 679 6.09 -30.37 -43.36
N VAL A 680 5.03 -29.75 -42.84
CA VAL A 680 5.21 -28.57 -42.01
C VAL A 680 5.86 -28.96 -40.68
N LEU A 681 5.59 -30.21 -40.30
CA LEU A 681 6.16 -30.75 -39.08
C LEU A 681 7.64 -31.00 -39.29
N GLN A 682 8.02 -31.39 -40.52
CA GLN A 682 9.40 -31.65 -40.90
C GLN A 682 10.22 -30.36 -41.01
N GLU A 683 9.69 -29.31 -41.66
CA GLU A 683 10.29 -27.98 -41.60
C GLU A 683 10.58 -27.59 -40.14
N GLU A 684 9.66 -27.91 -39.21
CA GLU A 684 9.84 -27.56 -37.80
C GLU A 684 10.93 -28.42 -37.13
N GLU A 685 11.01 -29.72 -37.44
CA GLU A 685 12.07 -30.58 -36.94
C GLU A 685 13.42 -29.96 -37.28
N ALA A 686 13.57 -29.59 -38.55
CA ALA A 686 14.83 -29.12 -39.09
C ALA A 686 15.23 -27.84 -38.37
N GLU A 687 14.26 -26.92 -38.19
CA GLU A 687 14.52 -25.62 -37.59
C GLU A 687 14.95 -25.80 -36.15
N LEU A 688 14.35 -26.79 -35.46
CA LEU A 688 14.67 -27.07 -34.08
C LEU A 688 16.06 -27.69 -33.95
N ARG A 689 16.40 -28.54 -34.92
CA ARG A 689 17.70 -29.17 -34.95
C ARG A 689 18.77 -28.10 -35.15
N GLU A 690 18.59 -27.18 -36.11
CA GLU A 690 19.48 -26.04 -36.27
C GLU A 690 19.69 -25.31 -34.95
N LYS A 691 18.59 -24.98 -34.29
CA LYS A 691 18.64 -24.17 -33.10
C LYS A 691 19.34 -24.92 -31.96
N ILE A 692 19.09 -26.23 -31.82
CA ILE A 692 19.74 -27.05 -30.80
C ILE A 692 21.27 -27.09 -31.02
N ALA A 693 21.69 -27.16 -32.28
CA ALA A 693 23.10 -27.06 -32.64
C ALA A 693 23.72 -25.71 -32.23
N MET A 694 23.08 -24.61 -32.62
CA MET A 694 23.58 -23.29 -32.26
C MET A 694 23.77 -23.20 -30.75
N LEU A 695 22.78 -23.72 -30.01
CA LEU A 695 22.74 -23.58 -28.57
C LEU A 695 23.74 -24.49 -27.88
N ALA A 696 23.93 -25.68 -28.42
CA ALA A 696 24.88 -26.65 -27.86
C ALA A 696 26.33 -26.20 -28.03
N ALA A 697 26.57 -25.53 -29.16
CA ALA A 697 27.85 -24.92 -29.48
C ALA A 697 28.19 -23.85 -28.44
N ILE A 698 27.21 -23.06 -28.01
CA ILE A 698 27.40 -22.04 -26.99
C ILE A 698 27.79 -22.69 -25.67
N ILE A 699 27.14 -23.82 -25.38
CA ILE A 699 27.43 -24.55 -24.15
C ILE A 699 28.78 -25.25 -24.24
N GLY A 700 29.20 -25.61 -25.46
CA GLY A 700 30.33 -26.50 -25.69
C GLY A 700 31.67 -25.78 -25.88
N ASP A 701 31.63 -24.48 -26.24
CA ASP A 701 32.78 -23.73 -26.67
C ASP A 701 32.77 -22.32 -26.04
N GLU A 702 33.69 -22.09 -25.11
CA GLU A 702 33.79 -20.84 -24.40
C GLU A 702 33.84 -19.65 -25.36
N ARG A 703 34.56 -19.72 -26.48
CA ARG A 703 34.72 -18.54 -27.34
CA ARG A 703 34.70 -18.53 -27.30
C ARG A 703 33.38 -18.26 -28.03
N THR A 704 32.68 -19.32 -28.42
CA THR A 704 31.36 -19.12 -28.99
C THR A 704 30.48 -18.40 -27.96
N MET A 705 30.55 -18.87 -26.74
CA MET A 705 29.80 -18.25 -25.66
C MET A 705 30.19 -16.77 -25.50
N TYR A 706 31.49 -16.48 -25.38
CA TYR A 706 31.96 -15.12 -25.14
C TYR A 706 31.61 -14.24 -26.33
N ASN A 707 31.57 -14.79 -27.54
CA ASN A 707 31.28 -13.95 -28.69
C ASN A 707 29.83 -13.52 -28.71
N LEU A 708 28.97 -14.39 -28.19
CA LEU A 708 27.56 -14.06 -28.04
C LEU A 708 27.46 -12.98 -26.97
N MET A 709 28.19 -13.17 -25.86
CA MET A 709 28.16 -12.22 -24.76
C MET A 709 28.49 -10.83 -25.28
N LYS A 710 29.45 -10.75 -26.20
CA LYS A 710 29.87 -9.49 -26.78
C LYS A 710 28.79 -8.97 -27.73
N LYS A 711 28.23 -9.84 -28.55
CA LYS A 711 27.26 -9.39 -29.52
C LYS A 711 26.12 -8.67 -28.81
N GLU A 712 25.66 -9.25 -27.68
CA GLU A 712 24.51 -8.75 -26.94
C GLU A 712 24.85 -7.44 -26.24
N LEU A 713 26.05 -7.35 -25.67
CA LEU A 713 26.49 -6.12 -25.02
C LEU A 713 26.58 -4.99 -26.02
N ARG A 714 27.00 -5.28 -27.25
CA ARG A 714 27.02 -4.25 -28.29
C ARG A 714 25.61 -3.81 -28.67
N GLU A 715 24.64 -4.75 -28.69
CA GLU A 715 23.26 -4.40 -29.00
C GLU A 715 22.73 -3.42 -27.94
N VAL A 716 22.93 -3.77 -26.65
CA VAL A 716 22.53 -2.95 -25.53
C VAL A 716 23.13 -1.54 -25.64
N LYS A 717 24.43 -1.49 -25.97
CA LYS A 717 25.13 -0.24 -26.20
C LYS A 717 24.43 0.53 -27.30
N LYS A 718 24.20 -0.11 -28.44
CA LYS A 718 23.65 0.65 -29.54
C LYS A 718 22.29 1.20 -29.14
N LYS A 719 21.52 0.41 -28.40
CA LYS A 719 20.14 0.76 -28.15
C LYS A 719 20.06 1.90 -27.14
N PHE A 720 20.94 1.90 -26.13
CA PHE A 720 20.76 2.75 -24.96
C PHE A 720 21.87 3.77 -24.74
N ALA A 721 22.90 3.79 -25.59
CA ALA A 721 24.02 4.70 -25.41
C ALA A 721 23.56 6.15 -25.50
N THR A 722 24.11 7.00 -24.61
CA THR A 722 23.94 8.44 -24.67
C THR A 722 25.32 9.10 -24.50
N PRO A 723 25.49 10.36 -24.96
CA PRO A 723 26.74 11.10 -24.77
C PRO A 723 27.12 11.29 -23.31
N ARG A 724 28.45 11.45 -23.04
CA ARG A 724 28.97 11.86 -21.73
C ARG A 724 28.34 13.16 -21.27
N LEU A 725 28.16 13.28 -19.96
CA LEU A 725 27.60 14.49 -19.39
C LEU A 725 28.67 15.25 -18.59
N SER A 726 29.44 14.55 -17.74
CA SER A 726 30.57 15.14 -17.04
C SER A 726 31.76 15.21 -17.99
N SER A 727 32.43 16.36 -17.99
CA SER A 727 33.72 16.55 -18.60
C SER A 727 34.81 16.10 -17.62
N LEU A 728 35.95 15.69 -18.18
CA LEU A 728 37.11 15.22 -17.42
C LEU A 728 38.31 16.14 -17.67
N GLU A 729 39.11 16.34 -16.60
CA GLU A 729 40.28 17.19 -16.58
C GLU A 729 41.32 16.55 -15.66
N ASP A 730 42.58 16.64 -16.11
CA ASP A 730 43.68 15.82 -15.62
C ASP A 730 44.23 16.39 -14.30
N THR A 731 44.34 17.73 -14.24
CA THR A 731 44.91 18.45 -13.11
C THR A 731 43.81 18.77 -12.10
N ALA A 732 43.93 18.18 -10.90
CA ALA A 732 43.15 18.59 -9.74
C ALA A 732 43.33 20.10 -9.55
N LYS B 13 5.02 26.82 3.47
CA LYS B 13 3.78 26.65 2.68
C LYS B 13 3.88 27.55 1.46
N LEU B 14 4.00 28.88 1.66
CA LEU B 14 4.06 29.84 0.55
C LEU B 14 5.43 29.85 -0.13
N THR B 15 5.42 29.67 -1.46
CA THR B 15 6.55 29.89 -2.34
C THR B 15 6.30 31.14 -3.16
N PRO B 16 7.00 32.26 -2.88
CA PRO B 16 6.64 33.53 -3.50
C PRO B 16 7.26 33.65 -4.90
N ALA B 17 6.81 34.66 -5.65
CA ALA B 17 7.41 35.05 -6.92
C ALA B 17 8.71 35.80 -6.65
N GLN B 18 9.66 35.73 -7.60
CA GLN B 18 10.94 36.42 -7.48
C GLN B 18 10.75 37.94 -7.42
N SER B 19 9.71 38.47 -8.08
CA SER B 19 9.58 39.89 -8.35
C SER B 19 8.17 40.40 -8.09
N LYS B 20 8.06 41.38 -7.18
CA LYS B 20 6.85 42.13 -6.96
C LYS B 20 6.39 42.78 -8.27
N ASN B 21 5.08 42.72 -8.54
CA ASN B 21 4.48 43.32 -9.71
C ASN B 21 2.97 43.06 -9.62
N PRO B 22 2.24 43.84 -8.78
CA PRO B 22 0.77 43.77 -8.72
C PRO B 22 -0.04 43.87 -10.02
N ALA B 23 0.61 44.19 -11.14
CA ALA B 23 -0.10 44.32 -12.41
C ALA B 23 -0.34 42.96 -13.06
N LYS B 24 0.55 41.98 -12.82
CA LYS B 24 0.51 40.72 -13.58
C LYS B 24 0.66 39.48 -12.68
N ASN B 25 1.26 39.63 -11.48
CA ASN B 25 1.57 38.49 -10.61
C ASN B 25 0.30 37.70 -10.29
N GLU B 26 0.48 36.40 -9.99
CA GLU B 26 -0.57 35.41 -9.82
C GLU B 26 -0.33 34.62 -8.53
N LEU B 27 -1.40 34.43 -7.73
CA LEU B 27 -1.35 33.51 -6.60
C LEU B 27 -2.14 32.24 -6.93
N TYR B 28 -1.40 31.14 -7.07
CA TYR B 28 -1.97 29.83 -7.28
C TYR B 28 -2.30 29.21 -5.92
N LEU B 29 -3.60 29.00 -5.68
CA LEU B 29 -4.14 28.27 -4.55
C LEU B 29 -4.42 26.83 -4.99
N VAL B 30 -3.57 25.92 -4.51
CA VAL B 30 -3.45 24.59 -5.09
C VAL B 30 -3.96 23.57 -4.07
N GLU B 31 -4.84 22.66 -4.52
CA GLU B 31 -5.39 21.61 -3.67
C GLU B 31 -4.28 20.63 -3.32
N GLY B 32 -3.73 20.79 -2.10
CA GLY B 32 -2.82 19.84 -1.49
C GLY B 32 -1.36 20.14 -1.77
N ASP B 33 -0.46 19.62 -0.91
CA ASP B 33 0.97 19.90 -0.98
C ASP B 33 1.66 19.19 -2.15
N SER B 34 1.24 17.95 -2.45
CA SER B 34 1.86 17.18 -3.52
C SER B 34 1.68 17.90 -4.86
N ALA B 35 0.45 18.34 -5.11
CA ALA B 35 0.12 19.11 -6.29
C ALA B 35 0.80 20.48 -6.27
N GLY B 36 0.94 21.07 -5.07
CA GLY B 36 1.63 22.34 -4.87
C GLY B 36 3.12 22.26 -5.21
N GLY B 37 3.74 21.13 -4.87
CA GLY B 37 5.06 20.78 -5.36
C GLY B 37 5.11 20.75 -6.89
N SER B 38 4.15 20.07 -7.53
CA SER B 38 4.08 20.01 -9.00
C SER B 38 3.98 21.42 -9.58
N ALA B 39 3.11 22.23 -8.97
CA ALA B 39 2.85 23.59 -9.43
C ALA B 39 4.09 24.47 -9.23
N LYS B 40 4.84 24.23 -8.17
CA LYS B 40 6.06 24.98 -7.89
C LYS B 40 7.15 24.63 -8.93
N GLN B 41 7.12 23.41 -9.45
CA GLN B 41 8.11 22.94 -10.41
C GLN B 41 7.75 23.43 -11.82
N GLY B 42 6.46 23.68 -12.08
CA GLY B 42 5.98 23.92 -13.43
C GLY B 42 5.78 25.40 -13.74
N ARG B 43 5.83 26.22 -12.69
CA ARG B 43 5.48 27.64 -12.77
C ARG B 43 6.51 28.43 -13.58
N ASP B 44 6.11 29.66 -13.94
CA ASP B 44 7.02 30.74 -14.25
C ASP B 44 7.34 31.47 -12.96
N ARG B 45 8.54 31.24 -12.41
CA ARG B 45 8.83 31.63 -11.04
C ARG B 45 8.85 33.15 -10.91
N LYS B 46 8.76 33.88 -12.04
CA LYS B 46 8.97 35.32 -12.05
C LYS B 46 7.72 36.05 -11.54
N PHE B 47 6.54 35.51 -11.87
CA PHE B 47 5.30 36.19 -11.56
C PHE B 47 4.22 35.23 -11.01
N GLN B 48 4.60 33.99 -10.65
CA GLN B 48 3.62 33.00 -10.20
C GLN B 48 4.05 32.47 -8.84
N ALA B 49 3.24 32.81 -7.81
CA ALA B 49 3.39 32.34 -6.44
C ALA B 49 2.45 31.16 -6.18
N ILE B 50 2.86 30.29 -5.24
CA ILE B 50 2.19 29.03 -4.93
C ILE B 50 1.84 28.98 -3.44
N LEU B 51 0.53 28.96 -3.11
CA LEU B 51 0.13 28.58 -1.77
C LEU B 51 -0.64 27.24 -1.81
N PRO B 52 -0.01 26.11 -1.36
CA PRO B 52 -0.74 24.85 -1.11
C PRO B 52 -1.71 24.88 0.08
N LEU B 53 -2.83 24.18 -0.12
CA LEU B 53 -3.91 24.09 0.83
C LEU B 53 -3.87 22.72 1.50
N ARG B 54 -3.82 22.71 2.85
CA ARG B 54 -3.77 21.49 3.63
C ARG B 54 -5.18 20.90 3.77
N GLY B 55 -5.76 20.59 2.60
CA GLY B 55 -7.03 19.91 2.50
C GLY B 55 -8.19 20.88 2.47
N LYS B 56 -9.20 20.58 3.32
CA LYS B 56 -10.48 21.28 3.30
C LYS B 56 -10.35 22.60 4.07
N VAL B 57 -10.77 23.67 3.39
CA VAL B 57 -10.71 25.02 3.92
C VAL B 57 -11.92 25.24 4.83
N ILE B 58 -11.70 25.95 5.95
CA ILE B 58 -12.76 26.29 6.89
C ILE B 58 -13.93 27.02 6.21
N ASN B 59 -15.15 26.70 6.66
CA ASN B 59 -16.37 27.34 6.15
C ASN B 59 -16.57 28.63 6.93
N THR B 60 -16.36 29.76 6.23
CA THR B 60 -16.28 31.09 6.83
C THR B 60 -17.66 31.72 6.93
N ALA B 61 -18.69 30.95 6.52
CA ALA B 61 -20.09 31.27 6.75
C ALA B 61 -20.66 30.48 7.93
N LYS B 62 -20.04 29.36 8.32
CA LYS B 62 -20.58 28.56 9.41
C LYS B 62 -19.81 28.91 10.68
N ALA B 63 -18.48 28.84 10.61
CA ALA B 63 -17.64 28.98 11.78
C ALA B 63 -17.71 30.43 12.29
N LYS B 64 -17.23 30.64 13.53
CA LYS B 64 -17.55 31.83 14.32
C LYS B 64 -16.81 33.08 13.83
N MET B 65 -15.72 33.45 14.51
CA MET B 65 -14.86 34.55 14.09
C MET B 65 -13.57 34.50 14.93
N ALA B 66 -13.71 34.01 16.18
CA ALA B 66 -12.62 33.44 16.97
C ALA B 66 -11.85 32.43 16.13
N ASP B 67 -12.62 31.53 15.50
CA ASP B 67 -12.11 30.43 14.70
C ASP B 67 -11.58 30.92 13.35
N ILE B 68 -12.29 31.83 12.66
CA ILE B 68 -11.93 32.25 11.31
C ILE B 68 -10.53 32.87 11.32
N LEU B 69 -10.20 33.61 12.38
CA LEU B 69 -8.97 34.38 12.38
C LEU B 69 -7.84 33.65 13.12
N LYS B 70 -8.14 32.53 13.79
CA LYS B 70 -7.10 31.64 14.32
C LYS B 70 -6.71 30.55 13.31
N ASN B 71 -7.40 30.50 12.17
CA ASN B 71 -7.14 29.50 11.14
C ASN B 71 -5.86 29.85 10.41
N GLU B 72 -4.90 28.93 10.37
CA GLU B 72 -3.61 29.22 9.74
C GLU B 72 -3.77 29.37 8.24
N GLU B 73 -4.58 28.51 7.62
CA GLU B 73 -4.84 28.59 6.19
C GLU B 73 -5.33 30.00 5.84
N ILE B 74 -6.27 30.56 6.62
CA ILE B 74 -6.89 31.82 6.26
C ILE B 74 -5.89 32.95 6.45
N ASN B 75 -5.10 32.91 7.55
CA ASN B 75 -4.21 34.00 7.91
C ASN B 75 -3.07 34.18 6.89
N THR B 76 -2.56 33.07 6.35
CA THR B 76 -1.42 33.18 5.46
C THR B 76 -1.94 33.54 4.06
N MET B 77 -3.25 33.44 3.84
CA MET B 77 -3.86 33.91 2.60
C MET B 77 -3.99 35.43 2.63
N ILE B 78 -4.36 35.97 3.80
CA ILE B 78 -4.49 37.40 4.05
C ILE B 78 -3.09 38.04 4.02
N TYR B 79 -2.16 37.48 4.83
CA TYR B 79 -0.80 37.96 4.80
C TYR B 79 -0.36 38.12 3.34
N THR B 80 -0.42 37.06 2.53
CA THR B 80 0.19 37.02 1.20
C THR B 80 -0.51 37.93 0.20
N ILE B 81 -1.84 38.03 0.29
CA ILE B 81 -2.57 38.93 -0.59
C ILE B 81 -2.10 40.34 -0.27
N GLY B 82 -1.92 40.61 1.03
CA GLY B 82 -1.33 41.85 1.53
C GLY B 82 -2.24 43.05 1.30
N ALA B 83 -3.52 42.85 1.58
CA ALA B 83 -4.54 43.86 1.34
C ALA B 83 -5.43 44.03 2.57
N GLY B 84 -5.11 43.31 3.65
CA GLY B 84 -6.01 43.21 4.79
C GLY B 84 -7.25 42.40 4.46
N VAL B 85 -8.25 42.49 5.36
CA VAL B 85 -9.41 41.61 5.31
C VAL B 85 -10.66 42.45 5.58
N GLY B 86 -11.70 42.18 4.78
CA GLY B 86 -13.09 42.46 5.14
C GLY B 86 -13.45 43.95 5.11
N ALA B 87 -13.57 44.51 6.33
CA ALA B 87 -13.91 45.91 6.54
C ALA B 87 -12.81 46.82 5.98
N ASP B 88 -11.53 46.41 6.16
CA ASP B 88 -10.37 47.26 5.91
C ASP B 88 -9.66 46.85 4.63
N PHE B 89 -10.42 46.44 3.62
CA PHE B 89 -9.85 45.80 2.45
C PHE B 89 -9.47 46.86 1.41
N SER B 90 -8.16 46.96 1.16
CA SER B 90 -7.60 47.88 0.19
C SER B 90 -7.18 47.10 -1.05
N ILE B 91 -7.83 47.38 -2.19
CA ILE B 91 -7.63 46.57 -3.39
C ILE B 91 -6.26 46.84 -4.02
N GLU B 92 -5.63 48.00 -3.77
CA GLU B 92 -4.39 48.34 -4.49
C GLU B 92 -3.15 48.12 -3.60
N ASP B 93 -3.31 47.49 -2.43
CA ASP B 93 -2.19 46.93 -1.69
C ASP B 93 -1.93 45.49 -2.10
N ALA B 94 -2.97 44.86 -2.71
CA ALA B 94 -2.97 43.50 -3.24
C ALA B 94 -1.74 43.26 -4.13
N ASN B 95 -1.04 42.15 -3.87
CA ASN B 95 0.25 41.87 -4.49
C ASN B 95 0.07 41.02 -5.75
N TYR B 96 -1.20 40.77 -6.15
CA TYR B 96 -1.53 39.87 -7.25
C TYR B 96 -2.65 40.47 -8.06
N ASP B 97 -2.55 40.40 -9.40
CA ASP B 97 -3.65 40.84 -10.27
C ASP B 97 -4.71 39.74 -10.39
N LYS B 98 -4.27 38.48 -10.21
CA LYS B 98 -5.11 37.30 -10.33
C LYS B 98 -4.92 36.37 -9.13
N ILE B 99 -6.03 35.90 -8.56
CA ILE B 99 -5.98 34.80 -7.60
C ILE B 99 -6.58 33.57 -8.27
N ILE B 100 -5.78 32.51 -8.37
CA ILE B 100 -6.17 31.39 -9.22
C ILE B 100 -6.29 30.14 -8.35
N ILE B 101 -7.53 29.62 -8.30
CA ILE B 101 -7.92 28.43 -7.56
C ILE B 101 -7.76 27.21 -8.47
N MET B 102 -6.81 26.34 -8.13
CA MET B 102 -6.47 25.22 -8.99
C MET B 102 -6.56 23.95 -8.14
N THR B 103 -7.67 23.23 -8.35
CA THR B 103 -8.00 22.03 -7.60
C THR B 103 -8.02 20.85 -8.57
N ASP B 104 -7.93 19.63 -8.02
CA ASP B 104 -8.28 18.44 -8.77
C ASP B 104 -9.59 18.76 -9.50
N ALA B 105 -9.87 18.03 -10.59
CA ALA B 105 -11.18 18.08 -11.24
C ALA B 105 -12.07 16.98 -10.67
N ASP B 106 -12.05 16.78 -9.34
CA ASP B 106 -12.93 15.80 -8.74
C ASP B 106 -13.94 16.58 -7.90
N THR B 107 -14.77 15.87 -7.13
CA THR B 107 -15.89 16.53 -6.46
C THR B 107 -15.40 17.22 -5.18
N ASP B 108 -14.42 16.62 -4.49
CA ASP B 108 -13.80 17.26 -3.33
C ASP B 108 -13.06 18.52 -3.74
N GLY B 109 -12.55 18.52 -4.99
CA GLY B 109 -12.04 19.72 -5.63
C GLY B 109 -13.10 20.81 -5.71
N ALA B 110 -14.29 20.45 -6.20
CA ALA B 110 -15.39 21.40 -6.35
C ALA B 110 -15.82 21.96 -4.98
N HIS B 111 -15.79 21.10 -3.95
CA HIS B 111 -16.09 21.50 -2.59
C HIS B 111 -15.08 22.53 -2.09
N ILE B 112 -13.79 22.34 -2.41
CA ILE B 112 -12.74 23.26 -2.00
C ILE B 112 -12.92 24.61 -2.71
N GLN B 113 -13.20 24.58 -4.03
CA GLN B 113 -13.51 25.80 -4.77
C GLN B 113 -14.67 26.54 -4.12
N THR B 114 -15.65 25.77 -3.67
CA THR B 114 -16.83 26.30 -3.02
C THR B 114 -16.44 27.07 -1.75
N LEU B 115 -15.54 26.51 -0.91
CA LEU B 115 -15.28 27.00 0.44
C LEU B 115 -14.41 28.26 0.41
N LEU B 116 -13.51 28.30 -0.60
CA LEU B 116 -12.67 29.46 -0.87
C LEU B 116 -13.55 30.61 -1.35
N LEU B 117 -14.30 30.39 -2.44
CA LEU B 117 -15.13 31.45 -3.00
C LEU B 117 -16.01 32.05 -1.91
N THR B 118 -16.45 31.28 -0.91
CA THR B 118 -17.32 31.85 0.11
C THR B 118 -16.50 32.74 1.02
N PHE B 119 -15.23 32.41 1.23
CA PHE B 119 -14.35 33.26 2.02
C PHE B 119 -14.13 34.59 1.29
N PHE B 120 -13.88 34.52 -0.01
CA PHE B 120 -13.53 35.71 -0.76
C PHE B 120 -14.75 36.61 -0.94
N TYR B 121 -15.93 36.02 -1.13
CA TYR B 121 -17.17 36.77 -1.25
C TYR B 121 -17.41 37.58 0.03
N ARG B 122 -17.09 36.99 1.18
CA ARG B 122 -17.51 37.57 2.45
C ARG B 122 -16.46 38.54 2.96
N TYR B 123 -15.18 38.20 2.81
CA TYR B 123 -14.13 38.98 3.43
C TYR B 123 -13.18 39.62 2.41
N MET B 124 -13.47 39.55 1.10
CA MET B 124 -12.61 40.17 0.09
C MET B 124 -13.41 40.45 -1.17
N ARG B 125 -14.63 40.99 -0.99
CA ARG B 125 -15.59 41.15 -2.09
C ARG B 125 -15.10 42.17 -3.12
N PRO B 126 -14.43 43.27 -2.71
CA PRO B 126 -13.82 44.18 -3.70
C PRO B 126 -13.02 43.42 -4.75
N LEU B 127 -12.39 42.30 -4.34
CA LEU B 127 -11.48 41.53 -5.17
C LEU B 127 -12.22 40.59 -6.12
N VAL B 128 -13.38 40.08 -5.65
CA VAL B 128 -14.25 39.24 -6.45
C VAL B 128 -14.90 40.13 -7.50
N GLU B 129 -15.38 41.31 -7.05
CA GLU B 129 -16.20 42.23 -7.83
C GLU B 129 -15.39 42.83 -8.99
N ALA B 130 -14.07 43.01 -8.79
CA ALA B 130 -13.17 43.56 -9.79
C ALA B 130 -12.59 42.46 -10.69
N GLY B 131 -13.13 41.24 -10.59
CA GLY B 131 -12.87 40.15 -11.52
C GLY B 131 -11.44 39.59 -11.42
N HIS B 132 -10.90 39.58 -10.20
CA HIS B 132 -9.50 39.22 -9.95
C HIS B 132 -9.39 37.78 -9.45
N VAL B 133 -10.53 37.08 -9.29
CA VAL B 133 -10.55 35.71 -8.79
C VAL B 133 -11.01 34.80 -9.92
N TYR B 134 -10.13 33.81 -10.23
CA TYR B 134 -10.28 32.85 -11.31
C TYR B 134 -10.18 31.43 -10.76
N ILE B 135 -10.52 30.46 -11.62
CA ILE B 135 -10.43 29.03 -11.33
C ILE B 135 -9.72 28.32 -12.50
N ALA B 136 -8.63 27.62 -12.22
CA ALA B 136 -7.90 26.92 -13.26
C ALA B 136 -8.65 25.63 -13.60
N LEU B 137 -8.78 25.36 -14.92
CA LEU B 137 -9.44 24.14 -15.39
C LEU B 137 -8.38 23.15 -15.87
N PRO B 138 -8.02 22.12 -15.08
CA PRO B 138 -7.08 21.11 -15.55
C PRO B 138 -7.79 20.09 -16.43
N PRO B 139 -7.06 19.43 -17.36
CA PRO B 139 -7.66 18.42 -18.24
C PRO B 139 -8.06 17.11 -17.56
N LEU B 140 -9.09 16.46 -18.12
CA LEU B 140 -9.59 15.20 -17.61
C LEU B 140 -8.87 14.05 -18.30
N TYR B 141 -8.36 14.27 -19.53
CA TYR B 141 -7.78 13.17 -20.30
C TYR B 141 -6.62 13.67 -21.17
N LYS B 142 -5.62 12.79 -21.35
CA LYS B 142 -4.45 13.07 -22.18
C LYS B 142 -4.20 11.87 -23.09
N MET B 143 -4.30 12.12 -24.40
CA MET B 143 -4.18 11.07 -25.40
C MET B 143 -2.75 10.99 -25.90
N SER B 144 -2.27 9.76 -26.11
CA SER B 144 -0.88 9.55 -26.50
C SER B 144 -0.76 8.37 -27.46
N LYS B 145 -0.33 8.66 -28.70
CA LYS B 145 -0.07 7.65 -29.71
C LYS B 145 1.38 7.18 -29.54
N GLY B 146 1.62 6.45 -28.43
CA GLY B 146 2.92 6.19 -27.84
C GLY B 146 4.06 6.13 -28.86
N LYS B 147 5.06 7.01 -28.68
CA LYS B 147 6.05 7.30 -29.71
C LYS B 147 5.38 8.19 -30.78
N GLY B 148 5.66 7.96 -32.07
CA GLY B 148 5.24 8.86 -33.12
C GLY B 148 6.13 10.11 -33.19
N LYS B 149 7.46 9.86 -33.06
CA LYS B 149 8.51 10.85 -32.82
C LYS B 149 8.78 10.91 -31.30
N LYS B 150 8.20 11.90 -30.60
CA LYS B 150 8.19 11.95 -29.14
C LYS B 150 7.06 11.06 -28.61
N GLU B 151 5.83 11.61 -28.57
CA GLU B 151 4.73 11.01 -27.82
C GLU B 151 3.38 11.26 -28.51
N GLU B 152 3.24 12.35 -29.30
CA GLU B 152 2.05 12.68 -30.08
C GLU B 152 0.88 13.05 -29.16
N VAL B 153 1.08 14.09 -28.33
CA VAL B 153 0.31 14.29 -27.12
C VAL B 153 -0.67 15.44 -27.29
N ALA B 154 -1.93 15.20 -26.89
CA ALA B 154 -2.96 16.23 -26.85
C ALA B 154 -3.91 15.97 -25.67
N TYR B 155 -4.62 17.01 -25.23
CA TYR B 155 -5.39 17.00 -23.99
C TYR B 155 -6.87 17.21 -24.30
N ALA B 156 -7.73 17.12 -23.28
CA ALA B 156 -9.18 17.13 -23.48
C ALA B 156 -9.92 17.25 -22.15
N TRP B 157 -11.02 18.02 -22.16
CA TRP B 157 -11.73 18.49 -20.98
C TRP B 157 -13.18 18.00 -20.92
N THR B 158 -13.76 17.53 -22.05
CA THR B 158 -15.12 17.02 -22.13
C THR B 158 -15.15 15.60 -22.73
N ASP B 159 -16.26 14.89 -22.53
CA ASP B 159 -16.52 13.63 -23.22
C ASP B 159 -16.39 13.83 -24.73
N GLY B 160 -16.63 15.07 -25.19
CA GLY B 160 -16.78 15.44 -26.59
C GLY B 160 -15.47 15.88 -27.26
N GLU B 161 -14.60 16.60 -26.54
CA GLU B 161 -13.26 16.87 -27.02
C GLU B 161 -12.44 15.57 -27.12
N LEU B 162 -12.87 14.56 -26.36
CA LEU B 162 -12.24 13.24 -26.34
C LEU B 162 -12.64 12.48 -27.61
N GLU B 163 -13.94 12.45 -27.93
CA GLU B 163 -14.44 11.75 -29.12
C GLU B 163 -13.80 12.34 -30.37
N GLU B 164 -13.77 13.68 -30.42
CA GLU B 164 -13.01 14.45 -31.40
C GLU B 164 -11.60 13.87 -31.56
N LEU B 165 -10.97 13.48 -30.44
CA LEU B 165 -9.54 13.22 -30.35
C LEU B 165 -9.21 11.73 -30.61
N ARG B 166 -10.25 10.90 -30.83
CA ARG B 166 -10.10 9.50 -31.23
C ARG B 166 -9.68 9.42 -32.70
N LYS B 167 -10.16 10.37 -33.50
CA LYS B 167 -9.63 10.62 -34.83
C LYS B 167 -8.17 11.05 -34.70
N GLN B 168 -7.85 12.20 -35.33
CA GLN B 168 -6.67 13.03 -35.09
C GLN B 168 -5.40 12.27 -35.47
N PHE B 169 -4.30 12.52 -34.73
CA PHE B 169 -2.97 12.23 -35.24
C PHE B 169 -2.65 10.74 -35.09
N GLY B 170 -3.61 9.90 -34.66
CA GLY B 170 -3.42 8.44 -34.67
C GLY B 170 -4.62 7.64 -34.15
N LYS B 171 -4.45 6.30 -34.20
CA LYS B 171 -5.46 5.32 -33.83
C LYS B 171 -4.74 4.05 -33.31
N GLY B 172 -5.34 3.39 -32.30
CA GLY B 172 -4.67 2.34 -31.53
C GLY B 172 -3.74 2.94 -30.47
N ALA B 173 -4.30 3.80 -29.61
CA ALA B 173 -3.55 4.79 -28.84
C ALA B 173 -3.82 4.66 -27.34
N THR B 174 -3.00 5.37 -26.53
CA THR B 174 -3.10 5.36 -25.07
C THR B 174 -3.94 6.56 -24.59
N LEU B 175 -4.85 6.29 -23.65
CA LEU B 175 -5.72 7.31 -23.08
C LEU B 175 -5.58 7.30 -21.55
N GLN B 176 -4.85 8.28 -20.98
CA GLN B 176 -4.77 8.43 -19.53
C GLN B 176 -5.93 9.29 -19.05
N ARG B 177 -6.56 8.87 -17.94
CA ARG B 177 -7.76 9.48 -17.40
C ARG B 177 -7.39 10.10 -16.05
N TYR B 178 -7.38 11.44 -15.96
CA TYR B 178 -6.80 12.15 -14.84
C TYR B 178 -7.79 12.18 -13.67
N LYS B 179 -7.30 11.80 -12.49
CA LYS B 179 -8.07 11.74 -11.24
C LYS B 179 -7.64 12.86 -10.28
N GLY B 180 -6.58 13.61 -10.65
CA GLY B 180 -6.00 14.67 -9.82
C GLY B 180 -4.82 15.37 -10.50
N LEU B 181 -4.38 16.46 -9.87
CA LEU B 181 -3.22 17.23 -10.30
C LEU B 181 -1.94 16.49 -9.92
N GLY B 182 -2.05 15.58 -8.92
CA GLY B 182 -0.91 14.91 -8.33
C GLY B 182 -0.23 13.93 -9.30
N GLU B 183 -1.03 13.44 -10.28
CA GLU B 183 -0.66 12.53 -11.36
C GLU B 183 -0.11 13.26 -12.59
N MET B 184 -0.14 14.61 -12.54
CA MET B 184 0.44 15.47 -13.55
C MET B 184 1.82 15.97 -13.07
N ASN B 185 2.71 16.18 -14.04
CA ASN B 185 4.04 16.74 -13.76
C ASN B 185 4.08 18.18 -14.29
N ALA B 186 5.19 18.85 -13.97
CA ALA B 186 5.36 20.28 -14.19
C ALA B 186 5.16 20.69 -15.65
N ASP B 187 5.71 19.95 -16.64
CA ASP B 187 5.58 20.38 -18.04
C ASP B 187 4.15 20.21 -18.52
N GLN B 188 3.53 19.10 -18.08
CA GLN B 188 2.13 18.82 -18.35
C GLN B 188 1.28 19.94 -17.72
N LEU B 189 1.58 20.25 -16.47
CA LEU B 189 0.78 21.16 -15.66
C LEU B 189 0.88 22.59 -16.19
N TRP B 190 2.08 22.95 -16.68
CA TRP B 190 2.35 24.25 -17.27
C TRP B 190 1.54 24.41 -18.55
N GLU B 191 1.77 23.50 -19.51
CA GLU B 191 1.19 23.58 -20.84
C GLU B 191 -0.33 23.78 -20.73
N THR B 192 -0.95 23.02 -19.83
CA THR B 192 -2.37 22.74 -19.90
C THR B 192 -3.16 23.66 -18.97
N THR B 193 -2.56 24.09 -17.84
CA THR B 193 -3.37 24.76 -16.83
C THR B 193 -2.63 25.91 -16.14
N MET B 194 -1.38 26.23 -16.50
CA MET B 194 -0.67 27.29 -15.78
C MET B 194 -0.17 28.41 -16.71
N ASN B 195 0.31 28.04 -17.90
CA ASN B 195 0.84 28.96 -18.90
C ASN B 195 -0.28 29.84 -19.46
N PRO B 196 -0.24 31.19 -19.34
CA PRO B 196 -1.33 32.02 -19.85
C PRO B 196 -1.60 31.91 -21.36
N GLU B 197 -0.60 31.51 -22.16
CA GLU B 197 -0.80 31.36 -23.60
C GLU B 197 -1.88 30.30 -23.87
N THR B 198 -1.75 29.15 -23.17
CA THR B 198 -2.42 27.93 -23.54
C THR B 198 -3.59 27.61 -22.60
N ARG B 199 -3.56 28.11 -21.37
CA ARG B 199 -4.48 27.69 -20.33
C ARG B 199 -5.87 28.25 -20.55
N THR B 200 -6.87 27.53 -20.01
CA THR B 200 -8.25 27.98 -19.93
C THR B 200 -8.60 28.23 -18.47
N LEU B 201 -9.23 29.38 -18.19
CA LEU B 201 -9.63 29.78 -16.85
C LEU B 201 -11.11 30.10 -16.86
N ILE B 202 -11.68 30.31 -15.67
CA ILE B 202 -13.00 30.90 -15.58
C ILE B 202 -12.90 32.05 -14.58
N ARG B 203 -13.32 33.25 -15.00
CA ARG B 203 -13.35 34.40 -14.12
C ARG B 203 -14.68 34.41 -13.37
N VAL B 204 -14.61 34.71 -12.06
CA VAL B 204 -15.78 34.79 -11.20
C VAL B 204 -16.21 36.24 -11.09
N THR B 205 -17.45 36.48 -11.56
CA THR B 205 -18.13 37.76 -11.49
C THR B 205 -19.25 37.65 -10.46
N ILE B 206 -19.81 38.81 -10.06
CA ILE B 206 -21.11 38.89 -9.41
C ILE B 206 -22.10 39.53 -10.38
N GLU B 207 -23.29 38.91 -10.54
CA GLU B 207 -24.32 39.39 -11.45
C GLU B 207 -25.43 40.08 -10.67
N ASP B 208 -25.91 39.45 -9.60
CA ASP B 208 -26.85 40.08 -8.68
C ASP B 208 -26.29 39.87 -7.28
N LEU B 209 -26.00 40.97 -6.56
CA LEU B 209 -25.50 40.93 -5.19
C LEU B 209 -26.55 40.29 -4.26
N ALA B 210 -27.85 40.35 -4.61
CA ALA B 210 -28.91 39.84 -3.76
C ALA B 210 -29.08 38.34 -3.95
N ARG B 211 -29.05 37.89 -5.23
CA ARG B 211 -29.28 36.49 -5.61
C ARG B 211 -28.08 35.62 -5.24
N ALA B 212 -26.85 36.18 -5.38
CA ALA B 212 -25.61 35.49 -5.05
C ALA B 212 -25.44 35.39 -3.52
N GLU B 213 -26.10 36.27 -2.77
CA GLU B 213 -26.11 36.22 -1.32
C GLU B 213 -26.93 35.03 -0.81
N ARG B 214 -28.12 34.81 -1.39
CA ARG B 214 -29.04 33.77 -0.96
C ARG B 214 -28.49 32.39 -1.34
N ARG B 215 -27.70 32.34 -2.43
CA ARG B 215 -27.03 31.12 -2.87
C ARG B 215 -26.00 30.67 -1.83
N VAL B 216 -25.11 31.59 -1.43
CA VAL B 216 -24.03 31.31 -0.50
C VAL B 216 -24.56 30.92 0.89
N ASN B 217 -25.70 31.46 1.32
CA ASN B 217 -26.20 31.21 2.68
C ASN B 217 -26.92 29.87 2.80
N VAL B 218 -27.63 29.48 1.75
CA VAL B 218 -28.39 28.24 1.80
C VAL B 218 -27.40 27.07 1.69
N LEU B 219 -26.33 27.24 0.90
CA LEU B 219 -25.33 26.20 0.69
C LEU B 219 -24.35 26.11 1.88
N MET B 220 -24.04 27.26 2.48
CA MET B 220 -22.89 27.36 3.35
C MET B 220 -23.21 27.86 4.74
N GLY B 221 -24.46 28.31 5.02
CA GLY B 221 -24.85 28.79 6.34
C GLY B 221 -25.09 27.62 7.28
N ASP B 222 -25.33 27.83 8.58
CA ASP B 222 -25.54 26.67 9.45
C ASP B 222 -26.97 26.13 9.36
N LYS B 223 -27.86 26.80 8.61
CA LYS B 223 -29.24 26.34 8.43
C LYS B 223 -29.24 25.12 7.51
N VAL B 224 -29.45 23.95 8.12
CA VAL B 224 -29.39 22.70 7.39
C VAL B 224 -30.61 22.53 6.49
N GLU B 225 -31.80 22.88 7.02
CA GLU B 225 -33.10 22.60 6.42
C GLU B 225 -33.21 23.24 5.03
N PRO B 226 -32.88 24.54 4.87
CA PRO B 226 -32.89 25.17 3.53
C PRO B 226 -31.94 24.48 2.54
N ARG B 227 -30.81 23.98 3.05
CA ARG B 227 -29.84 23.26 2.25
C ARG B 227 -30.39 21.93 1.75
N ARG B 228 -30.97 21.14 2.67
CA ARG B 228 -31.61 19.87 2.34
C ARG B 228 -32.74 20.12 1.33
N LYS B 229 -33.41 21.28 1.46
CA LYS B 229 -34.52 21.66 0.60
C LYS B 229 -33.98 22.01 -0.80
N TRP B 230 -32.93 22.84 -0.82
CA TRP B 230 -32.26 23.22 -2.04
C TRP B 230 -31.81 21.99 -2.82
N ILE B 231 -31.30 20.96 -2.09
CA ILE B 231 -30.80 19.72 -2.67
C ILE B 231 -31.95 18.91 -3.26
N GLU B 232 -33.05 18.81 -2.50
CA GLU B 232 -34.27 18.14 -2.93
C GLU B 232 -34.72 18.71 -4.30
N ASP B 233 -34.75 20.05 -4.42
CA ASP B 233 -35.32 20.75 -5.56
C ASP B 233 -34.36 20.81 -6.75
N ASN B 234 -33.06 20.91 -6.47
CA ASN B 234 -32.09 21.23 -7.51
C ASN B 234 -31.34 19.99 -8.00
N VAL B 235 -30.93 19.09 -7.09
CA VAL B 235 -30.04 17.98 -7.43
C VAL B 235 -30.85 16.82 -8.02
N LYS B 236 -30.50 16.42 -9.24
CA LYS B 236 -31.16 15.29 -9.88
C LYS B 236 -30.35 14.03 -9.56
N PHE B 237 -30.78 13.27 -8.53
CA PHE B 237 -30.09 12.06 -8.12
C PHE B 237 -30.20 10.97 -9.20
N THR B 238 -31.35 10.99 -9.87
CA THR B 238 -31.78 9.94 -10.78
C THR B 238 -31.10 10.11 -12.14
N LEU B 239 -30.78 11.35 -12.56
CA LEU B 239 -30.26 11.66 -13.89
C LEU B 239 -28.74 11.90 -13.82
N GLU B 240 -28.13 12.21 -14.98
CA GLU B 240 -26.71 12.54 -15.09
C GLU B 240 -26.51 14.05 -14.96
N GLU B 241 -25.40 14.55 -15.53
CA GLU B 241 -25.18 15.97 -15.71
C GLU B 241 -24.64 16.22 -17.12
N ALA B 242 -25.23 17.17 -17.86
CA ALA B 242 -24.79 17.53 -19.21
C ALA B 242 -23.37 18.09 -19.14
N THR B 243 -22.58 17.88 -20.22
CA THR B 243 -21.13 17.85 -20.17
C THR B 243 -20.52 19.27 -19.95
N VAL B 244 -21.30 20.33 -20.21
CA VAL B 244 -20.84 21.71 -20.10
C VAL B 244 -19.62 21.91 -20.99
N PHE B 245 -19.89 22.22 -22.28
CA PHE B 245 -18.90 22.24 -23.35
C PHE B 245 -17.82 23.28 -23.03
N HIS B 246 -16.55 22.94 -23.30
CA HIS B 246 -15.40 23.73 -22.89
C HIS B 246 -15.16 24.84 -23.91
N MET B 247 -14.95 26.08 -23.42
CA MET B 247 -14.66 27.26 -24.25
C MET B 247 -13.22 27.72 -23.99
N SER B 248 -12.61 28.37 -25.01
CA SER B 248 -11.20 28.73 -25.00
C SER B 248 -10.95 29.98 -24.16
N ASN B 249 -9.68 30.18 -23.81
CA ASN B 249 -9.20 31.32 -23.05
C ASN B 249 -10.14 31.54 -21.86
N ILE B 250 -10.23 32.78 -21.38
CA ILE B 250 -10.96 33.11 -20.16
C ILE B 250 -12.45 33.12 -20.47
N GLN B 251 -13.30 32.73 -19.51
CA GLN B 251 -14.74 32.91 -19.64
C GLN B 251 -15.34 33.26 -18.28
N ASN B 252 -16.48 33.94 -18.33
CA ASN B 252 -17.08 34.55 -17.14
C ASN B 252 -18.20 33.65 -16.64
N MET B 253 -18.38 33.59 -15.32
CA MET B 253 -19.47 32.83 -14.74
C MET B 253 -19.83 33.43 -13.39
N SER B 254 -21.14 33.51 -13.11
CA SER B 254 -21.58 34.19 -11.91
C SER B 254 -21.10 33.40 -10.69
N LEU B 255 -20.82 34.11 -9.59
CA LEU B 255 -20.69 33.45 -8.30
C LEU B 255 -21.93 32.62 -8.00
N GLU B 256 -23.11 33.07 -8.45
CA GLU B 256 -24.35 32.35 -8.17
C GLU B 256 -24.30 30.95 -8.78
N ASP B 257 -24.04 30.86 -10.11
CA ASP B 257 -24.13 29.58 -10.82
C ASP B 257 -22.91 28.69 -10.59
N ILE B 258 -21.75 29.25 -10.24
CA ILE B 258 -20.60 28.45 -9.85
C ILE B 258 -20.93 27.72 -8.55
N MET B 259 -21.38 28.47 -7.53
CA MET B 259 -21.52 27.93 -6.19
C MET B 259 -22.51 26.77 -6.18
N GLY B 260 -23.52 26.85 -7.07
CA GLY B 260 -24.56 25.85 -7.19
C GLY B 260 -24.18 24.69 -8.11
N GLU B 261 -23.41 24.94 -9.17
CA GLU B 261 -22.89 23.87 -10.01
C GLU B 261 -21.97 23.01 -9.15
N ARG B 262 -21.00 23.64 -8.48
CA ARG B 262 -19.99 22.96 -7.70
C ARG B 262 -20.56 22.28 -6.46
N PHE B 263 -21.37 23.00 -5.66
CA PHE B 263 -21.81 22.42 -4.41
C PHE B 263 -22.81 21.29 -4.68
N GLY B 264 -23.57 21.40 -5.78
CA GLY B 264 -24.55 20.38 -6.11
C GLY B 264 -23.88 19.07 -6.51
N ARG B 265 -22.79 19.23 -7.28
CA ARG B 265 -21.90 18.17 -7.71
C ARG B 265 -21.30 17.43 -6.51
N TYR B 266 -20.71 18.19 -5.56
CA TYR B 266 -20.20 17.65 -4.30
C TYR B 266 -21.29 16.89 -3.55
N SER B 267 -22.41 17.60 -3.27
CA SER B 267 -23.51 17.08 -2.45
C SER B 267 -24.01 15.74 -2.97
N LYS B 268 -24.38 15.71 -4.25
CA LYS B 268 -24.83 14.48 -4.89
C LYS B 268 -23.83 13.33 -4.65
N TYR B 269 -22.54 13.60 -4.82
CA TYR B 269 -21.54 12.53 -4.77
C TYR B 269 -21.39 12.00 -3.34
N ILE B 270 -21.40 12.91 -2.34
CA ILE B 270 -21.13 12.57 -0.96
C ILE B 270 -22.37 11.89 -0.33
N ILE B 271 -23.56 12.23 -0.86
CA ILE B 271 -24.81 11.55 -0.52
C ILE B 271 -24.81 10.13 -1.08
N GLN B 272 -24.68 9.99 -2.41
CA GLN B 272 -24.81 8.70 -3.09
C GLN B 272 -23.56 7.82 -2.92
N ASP B 273 -22.38 8.41 -3.08
CA ASP B 273 -21.15 7.64 -3.19
C ASP B 273 -20.13 7.96 -2.10
N ARG B 274 -20.54 8.10 -0.84
CA ARG B 274 -19.51 8.19 0.20
C ARG B 274 -20.06 7.82 1.58
N ALA B 275 -20.91 8.70 2.11
CA ALA B 275 -21.17 8.76 3.55
C ALA B 275 -22.44 7.99 3.94
N LEU B 276 -23.24 7.57 2.96
CA LEU B 276 -24.51 6.92 3.24
C LEU B 276 -24.51 5.49 2.73
N PRO B 277 -25.08 4.55 3.51
CA PRO B 277 -25.18 3.16 3.09
C PRO B 277 -26.27 2.94 2.06
N ASP B 278 -26.09 1.90 1.27
CA ASP B 278 -27.12 1.35 0.42
C ASP B 278 -28.10 0.57 1.32
N ILE B 279 -29.39 0.81 1.08
CA ILE B 279 -30.45 0.25 1.93
C ILE B 279 -30.49 -1.28 1.85
N ARG B 280 -29.96 -1.87 0.76
CA ARG B 280 -30.04 -3.31 0.54
C ARG B 280 -28.92 -4.08 1.26
N ASP B 281 -27.66 -3.63 1.15
CA ASP B 281 -26.53 -4.41 1.68
C ASP B 281 -25.85 -3.68 2.83
N GLY B 282 -26.30 -2.45 3.11
CA GLY B 282 -25.91 -1.71 4.29
C GLY B 282 -24.48 -1.20 4.23
N LEU B 283 -23.90 -1.13 3.02
CA LEU B 283 -22.49 -0.78 2.82
C LEU B 283 -22.39 0.60 2.19
N LYS B 284 -21.42 1.36 2.72
CA LYS B 284 -20.86 2.52 2.06
C LYS B 284 -19.95 2.05 0.93
N PRO B 285 -19.82 2.83 -0.17
CA PRO B 285 -18.99 2.42 -1.31
C PRO B 285 -17.60 1.93 -0.90
N VAL B 286 -16.96 2.60 0.05
CA VAL B 286 -15.61 2.18 0.40
C VAL B 286 -15.66 0.79 1.02
N GLN B 287 -16.70 0.47 1.78
CA GLN B 287 -16.76 -0.80 2.49
C GLN B 287 -17.04 -1.92 1.49
N ARG B 288 -17.92 -1.64 0.52
CA ARG B 288 -18.24 -2.57 -0.54
C ARG B 288 -16.98 -2.91 -1.36
N ARG B 289 -16.14 -1.90 -1.60
CA ARG B 289 -14.91 -2.07 -2.40
C ARG B 289 -13.89 -2.94 -1.65
N ILE B 290 -13.74 -2.66 -0.36
CA ILE B 290 -12.89 -3.46 0.52
C ILE B 290 -13.26 -4.93 0.43
N LEU B 291 -14.56 -5.21 0.52
CA LEU B 291 -15.04 -6.57 0.55
C LEU B 291 -14.87 -7.21 -0.83
N TYR B 292 -15.19 -6.46 -1.89
CA TYR B 292 -15.13 -7.03 -3.23
C TYR B 292 -13.69 -7.33 -3.58
N SER B 293 -12.81 -6.35 -3.33
CA SER B 293 -11.42 -6.43 -3.74
C SER B 293 -10.79 -7.58 -2.99
N MET B 294 -11.04 -7.65 -1.68
CA MET B 294 -10.37 -8.65 -0.86
C MET B 294 -10.85 -10.03 -1.26
N ASN B 295 -12.12 -10.13 -1.68
CA ASN B 295 -12.71 -11.40 -2.04
C ASN B 295 -12.23 -11.84 -3.43
N LYS B 296 -12.11 -10.88 -4.36
CA LYS B 296 -11.59 -11.17 -5.69
C LYS B 296 -10.14 -11.67 -5.63
N ASP B 297 -9.36 -11.22 -4.63
CA ASP B 297 -7.97 -11.62 -4.43
C ASP B 297 -7.85 -12.86 -3.52
N SER B 298 -8.98 -13.53 -3.24
CA SER B 298 -9.03 -14.75 -2.45
C SER B 298 -8.55 -14.54 -1.02
N ASN B 299 -8.72 -13.32 -0.51
CA ASN B 299 -8.39 -12.95 0.87
C ASN B 299 -9.60 -13.31 1.76
N THR B 300 -9.95 -14.60 1.81
CA THR B 300 -11.13 -15.08 2.50
C THR B 300 -10.70 -15.68 3.84
N PHE B 301 -11.71 -16.07 4.66
CA PHE B 301 -11.53 -16.54 6.03
C PHE B 301 -10.82 -17.89 6.04
N ASP B 302 -11.02 -18.66 4.96
CA ASP B 302 -10.56 -20.04 4.88
C ASP B 302 -9.05 -20.06 4.60
N LYS B 303 -8.50 -18.93 4.15
CA LYS B 303 -7.13 -18.87 3.65
C LYS B 303 -6.34 -17.87 4.50
N SER B 304 -5.03 -17.78 4.22
CA SER B 304 -4.09 -17.13 5.14
C SER B 304 -4.37 -15.64 5.20
N TYR B 305 -4.04 -15.06 6.35
CA TYR B 305 -4.03 -13.62 6.44
C TYR B 305 -3.06 -13.08 5.39
N ARG B 306 -3.21 -11.79 5.08
CA ARG B 306 -2.49 -11.15 4.01
C ARG B 306 -2.27 -9.71 4.42
N LYS B 307 -1.04 -9.23 4.23
CA LYS B 307 -0.62 -7.95 4.81
C LYS B 307 -1.63 -6.87 4.41
N SER B 308 -1.99 -6.02 5.38
CA SER B 308 -3.00 -4.99 5.15
C SER B 308 -2.61 -4.05 4.00
N ALA B 309 -1.32 -3.66 3.94
CA ALA B 309 -0.80 -2.76 2.93
C ALA B 309 -1.07 -3.30 1.52
N LYS B 310 -0.87 -4.59 1.31
CA LYS B 310 -1.18 -5.22 0.03
C LYS B 310 -2.68 -5.05 -0.33
N SER B 311 -3.55 -5.44 0.60
CA SER B 311 -5.00 -5.36 0.43
C SER B 311 -5.35 -3.91 0.06
N VAL B 312 -4.89 -2.97 0.91
CA VAL B 312 -5.23 -1.55 0.76
C VAL B 312 -4.77 -1.04 -0.60
N GLY B 313 -3.57 -1.45 -1.04
CA GLY B 313 -3.00 -0.93 -2.27
C GLY B 313 -3.74 -1.41 -3.51
N ASN B 314 -4.15 -2.68 -3.48
CA ASN B 314 -4.99 -3.25 -4.52
C ASN B 314 -6.35 -2.54 -4.60
N ILE B 315 -6.92 -2.16 -3.45
CA ILE B 315 -8.22 -1.53 -3.41
C ILE B 315 -8.11 -0.15 -4.04
N MET B 316 -6.98 0.50 -3.77
CA MET B 316 -6.87 1.90 -4.11
C MET B 316 -6.62 2.00 -5.61
N GLY B 317 -5.84 1.05 -6.12
CA GLY B 317 -5.43 1.04 -7.50
C GLY B 317 -6.51 0.50 -8.44
N ASN B 318 -7.34 -0.43 -7.93
CA ASN B 318 -8.33 -1.09 -8.75
C ASN B 318 -9.70 -0.38 -8.67
N PHE B 319 -10.12 0.10 -7.47
CA PHE B 319 -11.52 0.47 -7.23
C PHE B 319 -11.74 1.85 -6.62
N HIS B 320 -10.94 2.19 -5.58
CA HIS B 320 -11.20 3.34 -4.71
C HIS B 320 -10.07 4.37 -4.81
N PRO B 321 -10.24 5.43 -5.62
CA PRO B 321 -9.16 6.41 -5.84
C PRO B 321 -9.13 7.48 -4.75
N HIS B 322 -8.62 7.10 -3.57
CA HIS B 322 -8.61 7.98 -2.42
C HIS B 322 -7.42 7.57 -1.54
N GLY B 323 -7.36 8.11 -0.30
CA GLY B 323 -6.18 7.96 0.53
C GLY B 323 -6.08 6.53 1.04
N ASP B 324 -4.87 6.05 1.30
CA ASP B 324 -4.69 4.72 1.85
C ASP B 324 -5.11 4.70 3.32
N SER B 325 -5.01 5.84 3.99
CA SER B 325 -5.41 5.91 5.38
C SER B 325 -6.94 5.80 5.53
N SER B 326 -7.72 6.50 4.67
CA SER B 326 -9.18 6.44 4.70
C SER B 326 -9.66 5.00 4.53
N ILE B 327 -9.06 4.31 3.54
CA ILE B 327 -9.36 2.92 3.24
C ILE B 327 -8.90 2.02 4.38
N TYR B 328 -7.73 2.27 4.95
CA TYR B 328 -7.24 1.41 6.02
C TYR B 328 -8.10 1.59 7.28
N ASP B 329 -8.55 2.81 7.51
CA ASP B 329 -9.31 3.14 8.70
C ASP B 329 -10.66 2.42 8.65
N ALA B 330 -11.35 2.59 7.52
CA ALA B 330 -12.58 1.86 7.19
C ALA B 330 -12.42 0.34 7.29
N MET B 331 -11.28 -0.20 6.85
CA MET B 331 -11.05 -1.64 6.90
C MET B 331 -10.90 -2.08 8.35
N VAL B 332 -10.17 -1.28 9.11
CA VAL B 332 -9.88 -1.59 10.51
C VAL B 332 -11.19 -1.60 11.30
N ARG B 333 -12.04 -0.57 11.11
CA ARG B 333 -13.34 -0.46 11.76
C ARG B 333 -14.21 -1.70 11.55
N MET B 334 -14.16 -2.29 10.35
CA MET B 334 -14.92 -3.48 10.01
C MET B 334 -14.41 -4.71 10.77
N SER B 335 -13.28 -4.60 11.46
CA SER B 335 -12.70 -5.70 12.22
C SER B 335 -12.85 -5.52 13.73
N GLN B 336 -13.40 -4.35 14.13
CA GLN B 336 -13.56 -3.99 15.54
C GLN B 336 -14.93 -4.46 16.08
N ASN B 337 -14.88 -5.41 17.02
CA ASN B 337 -16.10 -6.03 17.53
C ASN B 337 -16.77 -5.19 18.61
N TRP B 338 -16.25 -3.99 18.90
CA TRP B 338 -16.99 -3.03 19.70
C TRP B 338 -17.65 -1.95 18.83
N LYS B 339 -17.45 -2.05 17.49
CA LYS B 339 -18.07 -1.14 16.53
C LYS B 339 -19.12 -1.85 15.67
N ASN B 340 -18.82 -3.08 15.27
CA ASN B 340 -19.63 -3.83 14.34
C ASN B 340 -20.14 -5.00 15.15
N ARG B 341 -21.44 -5.34 14.99
CA ARG B 341 -22.08 -6.43 15.71
C ARG B 341 -21.66 -7.79 15.12
N GLU B 342 -21.32 -7.77 13.84
CA GLU B 342 -20.95 -8.97 13.13
C GLU B 342 -19.81 -8.58 12.19
N ILE B 343 -18.55 -8.80 12.64
CA ILE B 343 -17.42 -8.19 11.97
C ILE B 343 -17.22 -8.85 10.61
N LEU B 344 -16.86 -7.98 9.64
CA LEU B 344 -16.72 -8.35 8.24
C LEU B 344 -15.24 -8.54 7.88
N VAL B 345 -14.32 -8.06 8.72
CA VAL B 345 -12.89 -8.25 8.50
C VAL B 345 -12.26 -8.90 9.74
N GLU B 346 -11.46 -9.96 9.57
CA GLU B 346 -10.60 -10.45 10.62
C GLU B 346 -9.23 -9.83 10.42
N MET B 347 -8.63 -9.29 11.49
CA MET B 347 -7.36 -8.57 11.40
C MET B 347 -6.43 -9.08 12.50
N HIS B 348 -5.23 -9.53 12.11
CA HIS B 348 -4.18 -9.86 13.07
C HIS B 348 -3.41 -8.63 13.51
N GLY B 349 -3.22 -8.52 14.82
CA GLY B 349 -2.47 -7.42 15.40
C GLY B 349 -3.36 -6.38 16.08
N ASN B 350 -2.74 -5.24 16.32
CA ASN B 350 -3.34 -4.14 17.03
C ASN B 350 -4.33 -3.49 16.08
N ASN B 351 -5.62 -3.83 16.27
CA ASN B 351 -6.70 -3.20 15.52
C ASN B 351 -7.43 -2.15 16.37
N GLY B 352 -6.81 -1.73 17.49
CA GLY B 352 -7.31 -0.66 18.34
C GLY B 352 -7.88 -1.19 19.66
N SER B 353 -8.58 -0.32 20.40
CA SER B 353 -9.33 -0.76 21.57
C SER B 353 -10.44 0.24 21.85
N MET B 354 -11.22 -0.06 22.90
CA MET B 354 -12.30 0.81 23.31
C MET B 354 -11.78 2.11 23.93
N ASP B 355 -10.51 2.11 24.39
CA ASP B 355 -9.83 3.33 24.82
C ASP B 355 -9.48 4.18 23.60
N GLY B 356 -9.66 3.63 22.39
CA GLY B 356 -9.50 4.38 21.15
C GLY B 356 -8.03 4.60 20.81
N ASP B 357 -7.15 3.74 21.35
CA ASP B 357 -5.75 3.92 21.05
C ASP B 357 -5.57 3.54 19.57
N PRO B 358 -4.68 4.24 18.83
CA PRO B 358 -4.32 3.89 17.44
C PRO B 358 -4.13 2.40 17.14
N PRO B 359 -4.80 1.88 16.10
CA PRO B 359 -4.43 0.58 15.55
C PRO B 359 -3.01 0.67 15.01
N ALA B 360 -2.31 -0.47 15.03
CA ALA B 360 -1.06 -0.61 14.32
C ALA B 360 -1.24 -0.06 12.90
N ALA B 361 -0.19 0.59 12.35
CA ALA B 361 -0.15 1.01 10.95
C ALA B 361 -0.19 -0.23 10.04
N MET B 362 -0.55 -0.01 8.76
CA MET B 362 -0.90 -1.13 7.89
C MET B 362 0.32 -1.96 7.45
N ARG B 363 1.54 -1.48 7.71
CA ARG B 363 2.73 -2.28 7.45
C ARG B 363 2.77 -3.46 8.43
N TYR B 364 2.17 -3.28 9.61
CA TYR B 364 2.26 -4.24 10.70
C TYR B 364 1.14 -5.28 10.64
N THR B 365 -0.10 -4.84 10.37
CA THR B 365 -1.28 -5.67 10.52
C THR B 365 -1.48 -6.57 9.29
N GLU B 366 -2.27 -7.63 9.45
CA GLU B 366 -2.70 -8.44 8.33
C GLU B 366 -4.19 -8.78 8.47
N ALA B 367 -4.83 -9.26 7.39
CA ALA B 367 -6.27 -9.23 7.37
C ALA B 367 -6.84 -10.26 6.40
N ARG B 368 -8.14 -10.53 6.57
CA ARG B 368 -8.93 -11.29 5.62
C ARG B 368 -10.41 -11.07 5.90
N LEU B 369 -11.27 -11.51 4.98
CA LEU B 369 -12.70 -11.41 5.18
C LEU B 369 -13.12 -12.40 6.26
N SER B 370 -14.14 -11.99 7.03
CA SER B 370 -14.75 -12.88 8.00
C SER B 370 -15.56 -13.93 7.25
N GLU B 371 -15.91 -15.04 7.93
CA GLU B 371 -16.70 -16.08 7.30
C GLU B 371 -18.03 -15.46 6.85
N ILE B 372 -18.61 -14.64 7.72
CA ILE B 372 -19.96 -14.16 7.47
C ILE B 372 -19.95 -13.15 6.33
N ALA B 373 -18.81 -12.47 6.10
CA ALA B 373 -18.75 -11.48 5.04
C ALA B 373 -18.75 -12.18 3.69
N GLY B 374 -18.29 -13.45 3.68
CA GLY B 374 -18.46 -14.35 2.54
C GLY B 374 -19.92 -14.40 2.07
N TYR B 375 -20.84 -14.24 3.01
CA TYR B 375 -22.26 -14.37 2.74
C TYR B 375 -22.82 -13.08 2.12
N LEU B 376 -22.17 -11.92 2.32
CA LEU B 376 -22.59 -10.73 1.57
C LEU B 376 -22.24 -10.86 0.10
N LEU B 377 -21.24 -11.70 -0.20
CA LEU B 377 -20.69 -11.81 -1.53
C LEU B 377 -21.18 -13.08 -2.22
N GLN B 378 -21.82 -13.97 -1.46
CA GLN B 378 -22.32 -15.23 -1.97
C GLN B 378 -23.04 -15.01 -3.30
N ASP B 379 -22.63 -15.75 -4.33
CA ASP B 379 -23.26 -15.84 -5.65
C ASP B 379 -23.05 -14.58 -6.48
N ILE B 380 -21.95 -13.87 -6.24
CA ILE B 380 -21.66 -12.64 -6.99
C ILE B 380 -21.16 -13.00 -8.40
N GLU B 381 -20.67 -14.23 -8.51
CA GLU B 381 -20.13 -14.74 -9.76
C GLU B 381 -21.23 -15.18 -10.74
N LYS B 382 -22.51 -15.14 -10.31
CA LYS B 382 -23.64 -15.66 -11.08
C LYS B 382 -24.56 -14.57 -11.62
N LYS B 383 -24.01 -13.37 -11.84
CA LYS B 383 -24.70 -12.27 -12.49
C LYS B 383 -25.98 -11.97 -11.74
N THR B 384 -25.82 -11.74 -10.43
CA THR B 384 -26.91 -11.56 -9.50
C THR B 384 -27.16 -10.08 -9.19
N VAL B 385 -26.31 -9.23 -9.72
CA VAL B 385 -26.09 -7.92 -9.13
C VAL B 385 -25.44 -7.03 -10.18
N PRO B 386 -25.97 -5.80 -10.33
CA PRO B 386 -25.46 -4.88 -11.33
C PRO B 386 -24.04 -4.42 -11.06
N PHE B 387 -23.21 -4.52 -12.12
CA PHE B 387 -21.82 -4.06 -12.12
C PHE B 387 -21.68 -2.77 -12.92
N ALA B 388 -20.60 -2.04 -12.66
CA ALA B 388 -20.28 -0.81 -13.37
C ALA B 388 -18.76 -0.72 -13.52
N TRP B 389 -18.33 0.18 -14.40
CA TRP B 389 -16.91 0.43 -14.62
C TRP B 389 -16.36 1.11 -13.37
N ASN B 390 -15.14 0.68 -13.01
CA ASN B 390 -14.34 1.38 -12.02
C ASN B 390 -13.95 2.74 -12.59
N PHE B 391 -13.19 3.52 -11.78
CA PHE B 391 -12.89 4.91 -12.09
C PHE B 391 -12.15 5.09 -13.42
N ASP B 392 -11.32 4.10 -13.85
CA ASP B 392 -10.48 4.21 -15.04
C ASP B 392 -10.98 3.32 -16.19
N ASP B 393 -12.19 2.74 -16.06
CA ASP B 393 -12.78 1.91 -17.10
C ASP B 393 -11.86 0.76 -17.50
N THR B 394 -11.09 0.22 -16.55
CA THR B 394 -10.25 -0.96 -16.77
C THR B 394 -10.95 -2.24 -16.34
N GLU B 395 -12.02 -2.10 -15.51
CA GLU B 395 -12.48 -3.18 -14.63
C GLU B 395 -13.87 -2.87 -14.06
N LYS B 396 -14.67 -3.92 -13.88
CA LYS B 396 -16.02 -3.76 -13.39
C LYS B 396 -16.05 -3.98 -11.87
N GLU B 397 -16.99 -3.28 -11.21
CA GLU B 397 -17.23 -3.46 -9.79
C GLU B 397 -18.74 -3.54 -9.52
N PRO B 398 -19.14 -4.26 -8.44
CA PRO B 398 -20.54 -4.39 -8.10
C PRO B 398 -21.01 -3.07 -7.49
N THR B 399 -22.19 -2.58 -7.94
CA THR B 399 -22.91 -1.45 -7.33
C THR B 399 -23.59 -1.84 -6.01
N VAL B 400 -23.78 -3.15 -5.78
CA VAL B 400 -24.40 -3.64 -4.57
C VAL B 400 -24.05 -5.10 -4.43
N LEU B 401 -23.95 -5.63 -3.21
CA LEU B 401 -23.66 -7.04 -3.03
C LEU B 401 -24.93 -7.87 -2.85
N PRO B 402 -24.87 -9.18 -3.23
CA PRO B 402 -25.96 -10.12 -2.99
C PRO B 402 -26.64 -10.04 -1.62
N ALA B 403 -25.81 -9.96 -0.57
CA ALA B 403 -26.22 -9.71 0.81
C ALA B 403 -27.14 -10.81 1.32
N ALA B 404 -26.59 -12.02 1.58
CA ALA B 404 -27.40 -13.12 2.04
C ALA B 404 -27.80 -12.97 3.52
N PHE B 405 -27.47 -11.81 4.10
CA PHE B 405 -28.01 -11.42 5.39
C PHE B 405 -28.14 -9.91 5.42
N PRO B 406 -29.15 -9.36 6.14
CA PRO B 406 -29.53 -7.95 6.02
C PRO B 406 -28.65 -7.00 6.83
N ASN B 407 -27.46 -6.74 6.26
CA ASN B 407 -26.33 -6.11 6.92
C ASN B 407 -26.71 -4.73 7.47
N LEU B 408 -27.56 -3.98 6.74
CA LEU B 408 -27.91 -2.62 7.08
C LEU B 408 -28.33 -2.57 8.54
N LEU B 409 -29.31 -3.40 8.94
CA LEU B 409 -29.79 -3.40 10.30
C LEU B 409 -28.74 -4.03 11.21
N VAL B 410 -28.22 -5.19 10.81
CA VAL B 410 -27.38 -5.99 11.67
C VAL B 410 -26.17 -5.17 12.14
N ASN B 411 -25.46 -4.50 11.21
CA ASN B 411 -24.22 -3.80 11.51
C ASN B 411 -24.46 -2.30 11.65
N GLY B 412 -25.61 -1.84 11.15
CA GLY B 412 -25.91 -0.42 11.23
C GLY B 412 -24.96 0.40 10.37
N SER B 413 -25.00 1.70 10.60
CA SER B 413 -24.22 2.63 9.82
C SER B 413 -24.28 3.97 10.54
N THR B 414 -23.13 4.67 10.56
CA THR B 414 -23.10 6.03 11.09
C THR B 414 -22.26 6.88 10.15
N GLY B 415 -22.88 7.93 9.58
CA GLY B 415 -22.23 8.76 8.57
C GLY B 415 -22.77 10.20 8.54
N ILE B 416 -22.00 11.09 7.91
CA ILE B 416 -22.36 12.51 7.82
C ILE B 416 -22.17 12.95 6.36
N SER B 417 -23.28 13.30 5.71
CA SER B 417 -23.27 13.67 4.30
C SER B 417 -23.39 15.20 4.14
N ALA B 418 -24.05 15.64 3.06
CA ALA B 418 -24.45 17.03 2.88
C ALA B 418 -25.98 17.05 2.81
N GLY B 419 -26.60 17.87 3.67
CA GLY B 419 -28.05 17.93 3.78
C GLY B 419 -28.64 16.78 4.58
N TYR B 420 -27.89 15.68 4.73
CA TYR B 420 -28.37 14.51 5.46
C TYR B 420 -27.25 13.88 6.30
N ALA B 421 -27.63 13.21 7.38
CA ALA B 421 -26.75 12.36 8.16
C ALA B 421 -27.42 10.99 8.32
N THR B 422 -26.79 10.03 9.01
CA THR B 422 -27.47 8.77 9.30
C THR B 422 -26.91 8.14 10.57
N ASP B 423 -27.82 7.51 11.32
CA ASP B 423 -27.49 6.70 12.48
C ASP B 423 -28.43 5.51 12.54
N ILE B 424 -27.85 4.35 12.22
CA ILE B 424 -28.58 3.10 12.25
C ILE B 424 -27.80 2.23 13.19
N PRO B 425 -28.36 1.89 14.34
CA PRO B 425 -27.63 1.08 15.32
C PRO B 425 -27.56 -0.39 14.89
N PRO B 426 -26.58 -1.16 15.39
CA PRO B 426 -26.51 -2.61 15.15
C PRO B 426 -27.71 -3.38 15.70
N HIS B 427 -28.03 -4.54 15.11
CA HIS B 427 -29.11 -5.38 15.61
C HIS B 427 -28.73 -6.87 15.64
N ASN B 428 -29.52 -7.66 16.37
CA ASN B 428 -29.23 -9.09 16.50
C ASN B 428 -29.54 -9.81 15.18
N LEU B 429 -28.63 -10.69 14.74
CA LEU B 429 -28.79 -11.31 13.43
C LEU B 429 -30.11 -12.08 13.39
N ALA B 430 -30.25 -13.05 14.31
CA ALA B 430 -31.41 -13.94 14.34
C ALA B 430 -32.70 -13.12 14.33
N GLU B 431 -32.74 -12.06 15.14
CA GLU B 431 -33.94 -11.27 15.33
C GLU B 431 -34.32 -10.59 14.03
N VAL B 432 -33.30 -10.08 13.33
CA VAL B 432 -33.56 -9.36 12.10
C VAL B 432 -34.05 -10.33 11.02
N ILE B 433 -33.47 -11.54 10.99
CA ILE B 433 -33.92 -12.59 10.09
C ILE B 433 -35.36 -13.00 10.42
N ASP B 434 -35.63 -13.13 11.73
CA ASP B 434 -36.95 -13.51 12.20
C ASP B 434 -37.96 -12.51 11.66
N ALA B 435 -37.73 -11.20 11.87
CA ALA B 435 -38.66 -10.21 11.36
C ALA B 435 -38.85 -10.38 9.87
N ALA B 436 -37.76 -10.62 9.15
CA ALA B 436 -37.75 -10.56 7.70
C ALA B 436 -38.51 -11.76 7.16
N VAL B 437 -38.30 -12.90 7.82
CA VAL B 437 -38.99 -14.12 7.45
C VAL B 437 -40.50 -13.93 7.65
N TYR B 438 -40.90 -13.35 8.79
CA TYR B 438 -42.31 -13.05 9.01
C TYR B 438 -42.81 -12.17 7.88
N MET B 439 -42.01 -11.19 7.49
CA MET B 439 -42.54 -10.20 6.59
C MET B 439 -42.64 -10.79 5.18
N ILE B 440 -41.84 -11.82 4.89
CA ILE B 440 -41.90 -12.49 3.60
C ILE B 440 -43.29 -13.11 3.47
N ASP B 441 -43.72 -13.78 4.55
CA ASP B 441 -45.03 -14.42 4.67
C ASP B 441 -46.13 -13.40 4.94
N HIS B 442 -45.80 -12.18 5.38
CA HIS B 442 -46.82 -11.23 5.77
C HIS B 442 -46.40 -9.84 5.30
N PRO B 443 -46.49 -9.59 3.97
CA PRO B 443 -46.01 -8.32 3.42
C PRO B 443 -46.53 -7.06 4.12
N THR B 444 -47.77 -7.08 4.63
CA THR B 444 -48.40 -5.90 5.20
C THR B 444 -48.15 -5.78 6.72
N ALA B 445 -47.29 -6.64 7.27
CA ALA B 445 -47.06 -6.71 8.71
C ALA B 445 -46.75 -5.33 9.25
N LYS B 446 -47.30 -5.02 10.42
CA LYS B 446 -47.11 -3.70 11.00
C LYS B 446 -46.08 -3.84 12.12
N ILE B 447 -45.63 -2.67 12.57
CA ILE B 447 -44.55 -2.52 13.52
C ILE B 447 -44.78 -3.38 14.77
N ASP B 448 -45.96 -3.22 15.39
CA ASP B 448 -46.26 -3.87 16.65
C ASP B 448 -45.96 -5.37 16.54
N LYS B 449 -46.35 -5.96 15.42
CA LYS B 449 -46.09 -7.37 15.19
C LYS B 449 -44.61 -7.65 14.84
N LEU B 450 -43.95 -6.77 14.09
CA LEU B 450 -42.54 -6.99 13.74
C LEU B 450 -41.66 -6.96 14.99
N MET B 451 -42.04 -6.08 15.94
CA MET B 451 -41.28 -5.93 17.16
C MET B 451 -41.41 -7.14 18.11
N GLU B 452 -42.31 -8.08 17.81
CA GLU B 452 -42.33 -9.31 18.58
C GLU B 452 -41.07 -10.10 18.24
N PHE B 453 -40.49 -9.78 17.08
CA PHE B 453 -39.34 -10.51 16.56
C PHE B 453 -38.07 -9.66 16.65
N LEU B 454 -38.24 -8.34 16.40
CA LEU B 454 -37.17 -7.37 16.47
C LEU B 454 -37.55 -6.31 17.50
N PRO B 455 -37.36 -6.60 18.79
CA PRO B 455 -37.70 -5.65 19.85
C PRO B 455 -36.88 -4.37 19.92
N GLY B 456 -35.63 -4.46 19.40
CA GLY B 456 -34.77 -3.29 19.38
C GLY B 456 -33.33 -3.57 18.98
N PRO B 457 -32.48 -2.53 19.02
CA PRO B 457 -31.07 -2.64 18.67
C PRO B 457 -30.41 -3.57 19.66
N ASP B 458 -29.23 -4.07 19.23
CA ASP B 458 -28.43 -5.03 19.96
C ASP B 458 -26.97 -4.66 19.74
N PHE B 459 -26.49 -3.66 20.51
CA PHE B 459 -25.14 -3.12 20.38
C PHE B 459 -24.08 -4.14 20.78
N PRO B 460 -22.94 -4.21 20.05
CA PRO B 460 -21.87 -5.14 20.40
C PRO B 460 -21.25 -4.80 21.75
N THR B 461 -21.45 -3.53 22.19
CA THR B 461 -21.05 -3.06 23.51
C THR B 461 -22.08 -3.42 24.58
N GLY B 462 -23.24 -3.95 24.21
CA GLY B 462 -24.17 -4.40 25.23
C GLY B 462 -24.84 -3.21 25.91
N ALA B 463 -24.99 -3.32 27.25
CA ALA B 463 -25.55 -2.30 28.12
C ALA B 463 -27.08 -2.39 28.13
N ILE B 464 -27.75 -1.32 28.60
CA ILE B 464 -29.19 -1.35 28.81
C ILE B 464 -29.80 -0.29 27.91
N ILE B 465 -30.84 -0.69 27.17
CA ILE B 465 -31.53 0.23 26.29
C ILE B 465 -32.91 0.48 26.87
N GLN B 466 -33.29 1.77 26.96
CA GLN B 466 -34.49 2.22 27.64
C GLN B 466 -35.26 3.12 26.69
N GLY B 467 -36.51 2.75 26.39
CA GLY B 467 -37.41 3.64 25.70
C GLY B 467 -38.22 2.94 24.61
N ARG B 468 -38.88 1.84 25.02
CA ARG B 468 -39.65 0.99 24.11
C ARG B 468 -40.56 1.85 23.23
N ASP B 469 -41.10 2.95 23.76
CA ASP B 469 -41.99 3.83 23.01
C ASP B 469 -41.24 4.53 21.86
N GLU B 470 -40.01 4.96 22.16
CA GLU B 470 -39.17 5.69 21.22
C GLU B 470 -38.56 4.77 20.17
N ILE B 471 -38.22 3.51 20.56
CA ILE B 471 -37.81 2.50 19.58
C ILE B 471 -38.91 2.39 18.52
N LYS B 472 -40.16 2.25 18.99
CA LYS B 472 -41.32 2.13 18.13
C LYS B 472 -41.37 3.30 17.17
N LYS B 473 -41.21 4.52 17.69
CA LYS B 473 -41.23 5.70 16.84
C LYS B 473 -40.08 5.64 15.80
N ALA B 474 -38.88 5.18 16.21
CA ALA B 474 -37.75 5.12 15.28
C ALA B 474 -38.01 4.05 14.23
N TYR B 475 -38.57 2.90 14.65
CA TYR B 475 -38.93 1.84 13.73
C TYR B 475 -40.12 2.23 12.83
N GLU B 476 -40.92 3.23 13.23
CA GLU B 476 -42.01 3.71 12.40
C GLU B 476 -41.49 4.70 11.39
N THR B 477 -40.73 5.69 11.90
CA THR B 477 -40.43 6.91 11.17
C THR B 477 -38.96 7.00 10.76
N GLY B 478 -38.10 6.24 11.45
CA GLY B 478 -36.65 6.33 11.28
C GLY B 478 -35.98 7.21 12.34
N LYS B 479 -36.79 7.89 13.17
CA LYS B 479 -36.23 8.79 14.15
C LYS B 479 -36.80 8.49 15.53
N GLY B 480 -35.92 8.67 16.53
CA GLY B 480 -36.29 8.57 17.91
C GLY B 480 -35.07 8.64 18.81
N ARG B 481 -35.31 8.92 20.09
CA ARG B 481 -34.26 9.02 21.07
C ARG B 481 -34.48 7.92 22.10
N VAL B 482 -33.42 7.22 22.42
CA VAL B 482 -33.46 6.10 23.33
C VAL B 482 -32.34 6.29 24.35
N VAL B 483 -32.48 5.72 25.55
CA VAL B 483 -31.46 5.85 26.56
C VAL B 483 -30.63 4.57 26.58
N VAL B 484 -29.30 4.75 26.62
CA VAL B 484 -28.39 3.62 26.76
C VAL B 484 -27.61 3.82 28.06
N ARG B 485 -27.68 2.83 28.94
CA ARG B 485 -27.18 2.99 30.29
C ARG B 485 -26.24 1.83 30.58
N SER B 486 -25.03 2.17 31.05
CA SER B 486 -24.00 1.20 31.34
C SER B 486 -24.59 0.15 32.28
N LYS B 487 -24.08 -1.06 32.17
CA LYS B 487 -24.40 -2.14 33.09
C LYS B 487 -23.47 -2.05 34.29
N THR B 488 -24.07 -2.16 35.49
CA THR B 488 -23.41 -1.83 36.74
C THR B 488 -23.71 -2.92 37.77
N GLU B 489 -22.88 -2.94 38.83
CA GLU B 489 -23.05 -3.86 39.94
C GLU B 489 -22.27 -3.30 41.13
N ILE B 490 -22.80 -3.49 42.36
CA ILE B 490 -22.13 -3.07 43.57
C ILE B 490 -21.39 -4.26 44.18
N GLU B 491 -20.22 -3.97 44.76
CA GLU B 491 -19.40 -4.95 45.46
C GLU B 491 -19.02 -4.38 46.83
N LYS B 492 -18.98 -5.24 47.85
CA LYS B 492 -18.56 -4.87 49.20
C LYS B 492 -17.06 -5.10 49.36
N LEU B 493 -16.45 -4.44 50.36
CA LEU B 493 -14.99 -4.43 50.56
C LEU B 493 -14.62 -4.42 52.05
N LYS B 494 -13.31 -4.34 52.31
CA LYS B 494 -12.76 -4.07 53.64
C LYS B 494 -13.28 -2.73 54.15
N GLY B 495 -13.72 -2.71 55.42
CA GLY B 495 -14.26 -1.50 56.04
C GLY B 495 -15.73 -1.31 55.67
N GLY B 496 -16.40 -2.42 55.29
CA GLY B 496 -17.81 -2.43 54.94
C GLY B 496 -18.12 -1.72 53.61
N LYS B 497 -17.11 -0.99 53.09
CA LYS B 497 -17.23 -0.03 52.00
C LYS B 497 -17.73 -0.71 50.73
N GLU B 498 -18.19 0.14 49.80
CA GLU B 498 -18.77 -0.28 48.55
C GLU B 498 -17.90 0.21 47.39
N GLN B 499 -18.06 -0.44 46.22
CA GLN B 499 -17.59 0.14 44.97
C GLN B 499 -18.55 -0.22 43.83
N ILE B 500 -18.82 0.79 42.99
CA ILE B 500 -19.60 0.64 41.77
C ILE B 500 -18.68 0.07 40.70
N VAL B 501 -19.14 -1.03 40.10
CA VAL B 501 -18.38 -1.70 39.06
C VAL B 501 -19.18 -1.71 37.76
N ILE B 502 -18.51 -1.28 36.68
CA ILE B 502 -19.10 -1.09 35.37
C ILE B 502 -18.54 -2.15 34.44
N THR B 503 -19.41 -2.92 33.77
CA THR B 503 -18.94 -4.03 32.93
C THR B 503 -19.31 -3.89 31.46
N GLU B 504 -20.33 -3.07 31.16
CA GLU B 504 -20.72 -2.75 29.79
C GLU B 504 -20.97 -1.25 29.72
N ILE B 505 -20.56 -0.65 28.59
CA ILE B 505 -20.74 0.79 28.41
C ILE B 505 -21.48 1.07 27.10
N PRO B 506 -22.00 2.30 26.96
CA PRO B 506 -22.74 2.67 25.76
C PRO B 506 -21.89 2.66 24.48
N TYR B 507 -22.55 2.22 23.41
CA TYR B 507 -22.00 2.24 22.06
C TYR B 507 -21.41 3.62 21.77
N GLU B 508 -20.27 3.59 21.06
CA GLU B 508 -19.63 4.73 20.43
C GLU B 508 -18.97 5.63 21.49
N ILE B 509 -18.70 5.07 22.69
CA ILE B 509 -18.18 5.80 23.82
C ILE B 509 -16.77 5.30 24.11
N ASN B 510 -15.88 6.25 24.33
CA ASN B 510 -14.47 6.00 24.56
C ASN B 510 -14.24 5.69 26.05
N LYS B 511 -13.75 4.47 26.35
CA LYS B 511 -13.67 3.99 27.72
C LYS B 511 -12.77 4.88 28.58
N ALA B 512 -11.62 5.24 28.00
CA ALA B 512 -10.62 6.01 28.70
C ALA B 512 -11.15 7.42 28.95
N ASN B 513 -11.84 8.06 27.98
CA ASN B 513 -12.40 9.39 28.20
C ASN B 513 -13.54 9.35 29.21
N LEU B 514 -14.26 8.21 29.29
CA LEU B 514 -15.32 8.05 30.28
C LEU B 514 -14.68 7.99 31.66
N VAL B 515 -13.68 7.12 31.81
CA VAL B 515 -12.98 7.01 33.07
C VAL B 515 -12.43 8.37 33.51
N LYS B 516 -11.85 9.13 32.57
CA LYS B 516 -11.28 10.41 32.93
C LYS B 516 -12.38 11.31 33.44
N LYS B 517 -13.51 11.33 32.73
CA LYS B 517 -14.58 12.27 33.06
C LYS B 517 -15.21 11.90 34.42
N ILE B 518 -15.27 10.61 34.75
CA ILE B 518 -15.75 10.22 36.06
C ILE B 518 -14.76 10.71 37.13
N ASP B 519 -13.46 10.49 36.90
CA ASP B 519 -12.46 10.96 37.83
C ASP B 519 -12.54 12.47 38.01
N ASP B 520 -12.91 13.24 37.00
CA ASP B 520 -13.08 14.67 37.19
C ASP B 520 -14.28 14.97 38.09
N VAL B 521 -15.29 14.12 38.11
CA VAL B 521 -16.41 14.35 39.02
C VAL B 521 -15.86 14.28 40.45
N ARG B 522 -15.02 13.26 40.70
CA ARG B 522 -14.40 13.01 41.99
C ARG B 522 -13.59 14.22 42.45
N VAL B 523 -12.72 14.68 41.54
CA VAL B 523 -11.78 15.75 41.80
C VAL B 523 -12.52 17.04 42.13
N ASN B 524 -13.50 17.42 41.29
CA ASN B 524 -14.28 18.61 41.53
C ASN B 524 -15.35 18.35 42.59
N ASN B 525 -15.47 17.07 43.06
CA ASN B 525 -16.30 16.73 44.21
C ASN B 525 -17.73 17.19 43.93
N LYS B 526 -18.16 17.01 42.67
CA LYS B 526 -19.47 17.46 42.22
C LYS B 526 -20.54 16.69 42.99
N VAL B 527 -20.22 15.41 43.28
CA VAL B 527 -21.05 14.61 44.18
C VAL B 527 -20.18 13.95 45.25
N ALA B 528 -20.72 14.01 46.48
CA ALA B 528 -20.04 13.54 47.67
C ALA B 528 -19.92 12.02 47.59
N GLY B 529 -18.71 11.50 47.79
CA GLY B 529 -18.57 10.09 48.15
C GLY B 529 -17.59 9.29 47.29
N ILE B 530 -16.91 9.88 46.29
CA ILE B 530 -16.06 9.06 45.43
C ILE B 530 -14.63 9.05 45.98
N ALA B 531 -14.10 7.84 46.23
CA ALA B 531 -12.74 7.69 46.72
C ALA B 531 -11.75 7.66 45.55
N GLU B 532 -11.90 6.64 44.68
CA GLU B 532 -10.92 6.35 43.65
C GLU B 532 -11.64 5.80 42.42
N VAL B 533 -11.08 6.08 41.24
CA VAL B 533 -11.58 5.55 39.98
C VAL B 533 -10.45 4.73 39.35
N ARG B 534 -10.62 3.40 39.32
CA ARG B 534 -9.68 2.53 38.64
C ARG B 534 -10.38 1.92 37.42
N ASP B 535 -9.72 2.02 36.26
CA ASP B 535 -9.97 1.11 35.17
C ASP B 535 -9.20 -0.15 35.52
N GLU B 536 -9.91 -1.27 35.68
CA GLU B 536 -9.28 -2.54 35.98
C GLU B 536 -9.46 -3.49 34.79
N SER B 537 -9.79 -2.93 33.60
CA SER B 537 -10.03 -3.75 32.42
C SER B 537 -8.72 -4.38 31.94
N ASP B 538 -8.84 -5.44 31.15
CA ASP B 538 -7.72 -6.24 30.71
C ASP B 538 -8.14 -6.94 29.41
N ARG B 539 -7.25 -7.79 28.89
CA ARG B 539 -7.41 -8.45 27.59
C ARG B 539 -8.67 -9.32 27.57
N ASP B 540 -9.28 -9.57 28.74
CA ASP B 540 -10.33 -10.57 28.92
C ASP B 540 -11.69 -9.91 29.18
N GLY B 541 -11.73 -8.61 29.48
CA GLY B 541 -13.03 -8.02 29.80
C GLY B 541 -12.91 -6.60 30.32
N LEU B 542 -14.03 -5.88 30.26
CA LEU B 542 -14.13 -4.51 30.75
C LEU B 542 -14.56 -4.54 32.22
N ARG B 543 -14.03 -3.61 33.02
CA ARG B 543 -14.26 -3.56 34.45
C ARG B 543 -13.71 -2.24 34.94
N ILE B 544 -14.62 -1.26 35.13
CA ILE B 544 -14.28 0.00 35.75
C ILE B 544 -14.84 -0.04 37.17
N ALA B 545 -14.02 0.40 38.13
CA ALA B 545 -14.31 0.28 39.55
C ALA B 545 -14.34 1.68 40.14
N ILE B 546 -15.50 2.09 40.67
CA ILE B 546 -15.57 3.35 41.37
C ILE B 546 -15.66 3.08 42.88
N GLU B 547 -14.49 3.01 43.53
CA GLU B 547 -14.42 2.85 44.97
C GLU B 547 -15.00 4.10 45.64
N LEU B 548 -15.91 3.86 46.59
CA LEU B 548 -16.59 4.93 47.31
C LEU B 548 -15.95 5.09 48.68
N LYS B 549 -16.31 6.17 49.36
CA LYS B 549 -15.82 6.43 50.71
C LYS B 549 -16.75 5.77 51.71
N LYS B 550 -16.20 5.56 52.91
CA LYS B 550 -16.91 5.02 54.07
C LYS B 550 -18.32 5.62 54.15
N ASP B 551 -19.34 4.74 54.21
CA ASP B 551 -20.74 5.16 54.28
C ASP B 551 -20.97 6.37 53.38
N ALA B 552 -20.98 6.13 52.06
CA ALA B 552 -21.45 7.11 51.09
C ALA B 552 -22.68 6.52 50.40
N ASN B 553 -23.60 7.40 49.98
CA ASN B 553 -24.82 6.93 49.37
C ASN B 553 -24.57 6.50 47.92
N THR B 554 -24.28 5.20 47.76
CA THR B 554 -24.18 4.51 46.47
C THR B 554 -25.17 5.08 45.45
N GLU B 555 -26.44 5.13 45.83
CA GLU B 555 -27.50 5.52 44.92
C GLU B 555 -27.29 6.96 44.44
N LEU B 556 -26.95 7.89 45.34
CA LEU B 556 -26.88 9.30 44.93
C LEU B 556 -25.75 9.51 43.93
N VAL B 557 -24.64 8.79 44.12
CA VAL B 557 -23.47 8.86 43.27
C VAL B 557 -23.82 8.37 41.88
N LEU B 558 -24.24 7.10 41.84
CA LEU B 558 -24.55 6.41 40.60
C LEU B 558 -25.48 7.26 39.74
N ASN B 559 -26.51 7.83 40.36
CA ASN B 559 -27.49 8.62 39.63
C ASN B 559 -26.89 9.92 39.11
N TYR B 560 -25.92 10.52 39.86
CA TYR B 560 -25.22 11.70 39.37
C TYR B 560 -24.36 11.34 38.16
N LEU B 561 -23.75 10.15 38.19
CA LEU B 561 -22.86 9.74 37.11
C LEU B 561 -23.68 9.55 35.84
N PHE B 562 -24.83 8.87 35.96
CA PHE B 562 -25.67 8.59 34.80
C PHE B 562 -26.09 9.91 34.18
N LYS B 563 -26.43 10.85 35.05
CA LYS B 563 -26.98 12.12 34.60
C LYS B 563 -25.89 12.94 33.92
N TYR B 564 -24.76 13.13 34.62
CA TYR B 564 -23.80 14.18 34.27
C TYR B 564 -22.55 13.65 33.56
N THR B 565 -22.37 12.32 33.41
CA THR B 565 -21.32 11.77 32.55
C THR B 565 -21.95 10.91 31.47
N ASP B 566 -21.11 10.33 30.61
CA ASP B 566 -21.59 9.46 29.54
C ASP B 566 -21.72 8.02 30.04
N LEU B 567 -21.83 7.83 31.35
CA LEU B 567 -22.17 6.50 31.85
C LEU B 567 -23.56 6.10 31.34
N GLN B 568 -24.36 7.13 31.10
CA GLN B 568 -25.62 7.02 30.40
C GLN B 568 -25.68 8.10 29.32
N ILE B 569 -26.15 7.71 28.13
CA ILE B 569 -26.26 8.60 26.98
C ILE B 569 -27.61 8.41 26.31
N ASN B 570 -27.97 9.33 25.43
CA ASN B 570 -29.06 9.09 24.52
C ASN B 570 -28.54 8.66 23.14
N TYR B 571 -29.01 7.51 22.62
CA TYR B 571 -28.87 7.21 21.20
C TYR B 571 -29.99 7.89 20.42
N ASN B 572 -29.63 8.76 19.46
CA ASN B 572 -30.60 9.29 18.53
C ASN B 572 -30.56 8.51 17.22
N PHE B 573 -31.58 7.67 16.94
CA PHE B 573 -31.82 7.09 15.63
C PHE B 573 -32.09 8.20 14.60
N ASN B 574 -31.42 8.08 13.45
CA ASN B 574 -31.69 8.91 12.28
C ASN B 574 -31.40 8.03 11.06
N MET B 575 -32.38 7.23 10.66
CA MET B 575 -32.13 6.13 9.75
C MET B 575 -32.36 6.59 8.31
N VAL B 576 -31.22 6.94 7.69
CA VAL B 576 -31.16 7.39 6.31
C VAL B 576 -30.26 6.43 5.54
N ALA B 577 -30.76 5.95 4.40
CA ALA B 577 -29.99 5.15 3.47
C ALA B 577 -30.37 5.55 2.04
N ILE B 578 -29.60 5.02 1.10
CA ILE B 578 -29.86 5.21 -0.32
C ILE B 578 -30.80 4.11 -0.85
N ASP B 579 -31.94 4.58 -1.37
CA ASP B 579 -32.99 3.77 -2.00
C ASP B 579 -33.26 4.39 -3.36
N ASN B 580 -33.03 3.59 -4.42
CA ASN B 580 -33.16 4.05 -5.79
C ASN B 580 -32.47 5.40 -5.97
N PHE B 581 -31.19 5.45 -5.58
CA PHE B 581 -30.23 6.52 -5.87
C PHE B 581 -30.49 7.76 -5.01
N THR B 582 -31.56 7.74 -4.21
CA THR B 582 -32.01 8.92 -3.48
C THR B 582 -31.84 8.64 -2.00
N PRO B 583 -31.38 9.65 -1.19
CA PRO B 583 -31.35 9.51 0.26
C PRO B 583 -32.79 9.44 0.75
N ARG B 584 -33.02 8.74 1.86
CA ARG B 584 -34.39 8.42 2.21
C ARG B 584 -34.43 8.01 3.67
N GLN B 585 -35.19 8.77 4.47
CA GLN B 585 -35.36 8.47 5.88
C GLN B 585 -36.34 7.32 6.00
N VAL B 586 -36.02 6.29 6.80
CA VAL B 586 -36.73 5.01 6.68
C VAL B 586 -36.86 4.27 8.01
N GLY B 587 -38.01 3.63 8.17
CA GLY B 587 -38.22 2.76 9.31
C GLY B 587 -38.01 1.31 8.90
N ILE B 588 -38.29 0.41 9.84
CA ILE B 588 -38.02 -1.00 9.67
C ILE B 588 -38.75 -1.55 8.45
N VAL B 589 -39.90 -0.98 8.08
CA VAL B 589 -40.74 -1.60 7.05
C VAL B 589 -40.08 -1.44 5.68
N PRO B 590 -39.75 -0.21 5.22
CA PRO B 590 -39.11 -0.05 3.92
C PRO B 590 -37.73 -0.72 3.87
N ILE B 591 -37.03 -0.75 5.03
CA ILE B 591 -35.73 -1.38 5.13
C ILE B 591 -35.85 -2.87 4.82
N LEU B 592 -36.86 -3.53 5.39
CA LEU B 592 -36.99 -4.97 5.28
C LEU B 592 -37.60 -5.34 3.93
N SER B 593 -38.52 -4.52 3.43
CA SER B 593 -39.14 -4.81 2.15
C SER B 593 -38.10 -4.59 1.05
N SER B 594 -37.23 -3.58 1.20
CA SER B 594 -36.14 -3.36 0.24
C SER B 594 -35.20 -4.56 0.21
N TYR B 595 -34.84 -5.06 1.39
CA TYR B 595 -33.96 -6.21 1.48
C TYR B 595 -34.56 -7.42 0.75
N ILE B 596 -35.86 -7.64 0.99
CA ILE B 596 -36.57 -8.80 0.50
C ILE B 596 -36.64 -8.74 -1.01
N ALA B 597 -36.99 -7.54 -1.49
CA ALA B 597 -37.03 -7.24 -2.91
C ALA B 597 -35.65 -7.46 -3.53
N HIS B 598 -34.60 -7.08 -2.80
CA HIS B 598 -33.23 -7.30 -3.24
C HIS B 598 -32.95 -8.81 -3.38
N ARG B 599 -33.14 -9.57 -2.29
CA ARG B 599 -32.89 -11.00 -2.34
C ARG B 599 -33.73 -11.63 -3.45
N ARG B 600 -34.87 -11.04 -3.79
CA ARG B 600 -35.67 -11.64 -4.82
C ARG B 600 -34.96 -11.49 -6.16
N GLU B 601 -34.43 -10.28 -6.43
CA GLU B 601 -33.73 -10.06 -7.69
C GLU B 601 -32.52 -10.99 -7.71
N VAL B 602 -31.87 -11.20 -6.56
CA VAL B 602 -30.68 -12.02 -6.50
C VAL B 602 -31.05 -13.46 -6.77
N ILE B 603 -32.11 -13.97 -6.15
CA ILE B 603 -32.38 -15.40 -6.21
C ILE B 603 -32.87 -15.74 -7.61
N LEU B 604 -33.61 -14.81 -8.23
CA LEU B 604 -34.12 -15.03 -9.58
C LEU B 604 -32.97 -15.00 -10.59
N ALA B 605 -32.06 -14.03 -10.40
CA ALA B 605 -30.97 -13.84 -11.34
C ALA B 605 -30.01 -15.03 -11.22
N ARG B 606 -29.76 -15.45 -9.99
CA ARG B 606 -28.94 -16.64 -9.73
C ARG B 606 -29.59 -17.86 -10.40
N SER B 607 -30.92 -17.96 -10.32
CA SER B 607 -31.63 -19.11 -10.83
C SER B 607 -31.52 -19.14 -12.35
N ARG B 608 -31.78 -17.99 -12.99
CA ARG B 608 -31.63 -17.87 -14.44
C ARG B 608 -30.22 -18.26 -14.90
N PHE B 609 -29.20 -17.74 -14.20
CA PHE B 609 -27.80 -18.07 -14.46
C PHE B 609 -27.60 -19.59 -14.44
N ASP B 610 -27.92 -20.25 -13.31
CA ASP B 610 -27.60 -21.65 -13.16
C ASP B 610 -28.41 -22.51 -14.12
N LYS B 611 -29.60 -22.02 -14.50
CA LYS B 611 -30.48 -22.78 -15.37
C LYS B 611 -29.91 -22.78 -16.79
N GLU B 612 -29.54 -21.60 -17.30
CA GLU B 612 -28.87 -21.47 -18.58
C GLU B 612 -27.61 -22.36 -18.67
N LYS B 613 -26.80 -22.38 -17.61
CA LYS B 613 -25.64 -23.27 -17.53
C LYS B 613 -26.02 -24.76 -17.63
N ALA B 614 -27.07 -25.21 -16.92
CA ALA B 614 -27.47 -26.60 -16.98
C ALA B 614 -27.99 -26.96 -18.37
N GLU B 615 -28.67 -26.02 -19.03
CA GLU B 615 -29.25 -26.34 -20.33
C GLU B 615 -28.13 -26.66 -21.31
N LYS B 616 -27.07 -25.84 -21.30
CA LYS B 616 -25.94 -26.04 -22.19
C LYS B 616 -25.27 -27.40 -21.94
N ARG B 617 -25.04 -27.70 -20.65
CA ARG B 617 -24.45 -28.97 -20.30
C ARG B 617 -25.36 -30.12 -20.74
N LEU B 618 -26.68 -29.96 -20.61
CA LEU B 618 -27.62 -31.00 -21.01
C LEU B 618 -27.56 -31.24 -22.52
N HIS B 619 -27.54 -30.17 -23.30
CA HIS B 619 -27.44 -30.31 -24.74
C HIS B 619 -26.15 -31.02 -25.15
N ILE B 620 -25.07 -30.81 -24.41
CA ILE B 620 -23.83 -31.48 -24.74
C ILE B 620 -23.92 -32.95 -24.38
N VAL B 621 -24.37 -33.21 -23.16
CA VAL B 621 -24.52 -34.59 -22.68
C VAL B 621 -25.39 -35.40 -23.64
N GLU B 622 -26.45 -34.78 -24.16
CA GLU B 622 -27.35 -35.45 -25.09
C GLU B 622 -26.53 -35.85 -26.31
N GLY B 623 -25.66 -34.92 -26.74
CA GLY B 623 -24.81 -35.09 -27.90
C GLY B 623 -23.80 -36.21 -27.71
N LEU B 624 -23.08 -36.15 -26.59
CA LEU B 624 -22.10 -37.17 -26.26
C LEU B 624 -22.74 -38.55 -26.19
N ILE B 625 -23.95 -38.68 -25.63
CA ILE B 625 -24.61 -39.97 -25.54
C ILE B 625 -24.82 -40.52 -26.95
N ARG B 626 -25.17 -39.63 -27.87
CA ARG B 626 -25.47 -40.07 -29.21
C ARG B 626 -24.18 -40.46 -29.94
N VAL B 627 -23.09 -39.72 -29.66
CA VAL B 627 -21.80 -39.95 -30.30
C VAL B 627 -21.30 -41.34 -29.98
N ILE B 628 -21.49 -41.77 -28.73
CA ILE B 628 -21.02 -43.10 -28.35
C ILE B 628 -21.68 -44.16 -29.23
N SER B 629 -22.92 -43.97 -29.62
CA SER B 629 -23.61 -44.99 -30.41
C SER B 629 -22.99 -45.08 -31.79
N ILE B 630 -22.31 -44.00 -32.23
CA ILE B 630 -21.76 -43.94 -33.58
C ILE B 630 -20.32 -43.45 -33.51
N LEU B 631 -19.57 -43.94 -32.52
CA LEU B 631 -18.25 -43.41 -32.29
C LEU B 631 -17.33 -43.70 -33.49
N ASP B 632 -17.39 -44.93 -33.98
CA ASP B 632 -16.57 -45.38 -35.10
C ASP B 632 -16.78 -44.46 -36.29
N GLU B 633 -18.05 -44.23 -36.61
CA GLU B 633 -18.49 -43.34 -37.67
C GLU B 633 -18.03 -41.88 -37.43
N VAL B 634 -18.23 -41.35 -36.22
CA VAL B 634 -17.87 -39.98 -35.93
C VAL B 634 -16.36 -39.78 -36.14
N ILE B 635 -15.56 -40.78 -35.77
CA ILE B 635 -14.12 -40.64 -35.84
C ILE B 635 -13.68 -40.70 -37.30
N ALA B 636 -14.17 -41.68 -38.06
CA ALA B 636 -13.91 -41.72 -39.50
C ALA B 636 -14.35 -40.41 -40.17
N LEU B 637 -15.50 -39.88 -39.75
CA LEU B 637 -15.99 -38.63 -40.30
C LEU B 637 -14.99 -37.50 -40.08
N ILE B 638 -14.46 -37.39 -38.86
CA ILE B 638 -13.52 -36.34 -38.49
C ILE B 638 -12.22 -36.53 -39.26
N ARG B 639 -11.77 -37.78 -39.38
CA ARG B 639 -10.57 -38.05 -40.14
C ARG B 639 -10.80 -37.66 -41.60
N ALA B 640 -12.01 -37.88 -42.12
CA ALA B 640 -12.22 -37.58 -43.54
C ALA B 640 -12.32 -36.06 -43.78
N SER B 641 -12.53 -35.25 -42.75
CA SER B 641 -12.69 -33.81 -42.90
C SER B 641 -11.31 -33.15 -43.09
N GLU B 642 -11.27 -31.88 -43.55
CA GLU B 642 -10.04 -31.15 -43.91
C GLU B 642 -9.45 -30.37 -42.74
N ASN B 643 -10.33 -29.78 -41.91
CA ASN B 643 -9.96 -28.99 -40.75
C ASN B 643 -11.11 -29.01 -39.74
N LYS B 644 -10.95 -28.28 -38.63
CA LYS B 644 -11.93 -28.22 -37.57
C LYS B 644 -13.30 -27.81 -38.09
N ALA B 645 -13.36 -26.64 -38.71
CA ALA B 645 -14.61 -26.10 -39.24
C ALA B 645 -15.28 -27.10 -40.18
N ASP B 646 -14.50 -27.83 -41.00
CA ASP B 646 -15.05 -28.78 -41.93
C ASP B 646 -15.64 -29.98 -41.17
N ALA B 647 -14.94 -30.45 -40.14
CA ALA B 647 -15.44 -31.54 -39.29
C ALA B 647 -16.78 -31.19 -38.66
N LYS B 648 -16.87 -30.03 -38.02
CA LYS B 648 -18.13 -29.55 -37.46
C LYS B 648 -19.26 -29.55 -38.49
N GLU B 649 -18.99 -28.98 -39.67
CA GLU B 649 -19.96 -28.94 -40.75
C GLU B 649 -20.43 -30.36 -41.08
N ASN B 650 -19.49 -31.28 -41.25
CA ASN B 650 -19.83 -32.66 -41.57
C ASN B 650 -20.71 -33.28 -40.48
N LEU B 651 -20.45 -32.94 -39.23
CA LEU B 651 -21.14 -33.57 -38.12
C LEU B 651 -22.60 -33.11 -38.14
N LYS B 652 -22.82 -31.80 -38.32
CA LYS B 652 -24.17 -31.25 -38.48
C LYS B 652 -24.88 -31.86 -39.70
N VAL B 653 -24.26 -31.78 -40.87
CA VAL B 653 -24.92 -32.22 -42.08
C VAL B 653 -25.20 -33.72 -41.96
N SER B 654 -24.22 -34.48 -41.52
CA SER B 654 -24.40 -35.92 -41.62
C SER B 654 -25.31 -36.46 -40.51
N TYR B 655 -25.25 -35.87 -39.30
CA TYR B 655 -25.82 -36.47 -38.09
C TYR B 655 -26.62 -35.48 -37.26
N ASP B 656 -26.80 -34.25 -37.73
CA ASP B 656 -27.73 -33.28 -37.17
C ASP B 656 -27.30 -32.80 -35.79
N PHE B 657 -26.01 -32.86 -35.48
CA PHE B 657 -25.54 -32.26 -34.26
C PHE B 657 -25.73 -30.76 -34.38
N THR B 658 -25.92 -30.10 -33.25
CA THR B 658 -25.95 -28.66 -33.19
C THR B 658 -24.54 -28.13 -33.35
N GLU B 659 -24.41 -26.82 -33.47
CA GLU B 659 -23.13 -26.15 -33.42
C GLU B 659 -22.41 -26.42 -32.09
N GLU B 660 -23.18 -26.35 -31.01
CA GLU B 660 -22.67 -26.44 -29.65
C GLU B 660 -22.16 -27.87 -29.46
N GLN B 661 -22.96 -28.83 -29.93
CA GLN B 661 -22.60 -30.22 -29.75
C GLN B 661 -21.36 -30.51 -30.59
N ALA B 662 -21.35 -30.01 -31.83
CA ALA B 662 -20.27 -30.24 -32.78
C ALA B 662 -18.96 -29.65 -32.27
N GLU B 663 -19.00 -28.42 -31.76
CA GLU B 663 -17.83 -27.78 -31.19
C GLU B 663 -17.27 -28.61 -30.05
N ALA B 664 -18.13 -29.09 -29.16
CA ALA B 664 -17.72 -29.89 -28.02
C ALA B 664 -17.10 -31.24 -28.42
N ILE B 665 -17.65 -31.89 -29.45
CA ILE B 665 -17.20 -33.22 -29.86
C ILE B 665 -15.78 -33.10 -30.41
N VAL B 666 -15.61 -32.06 -31.19
CA VAL B 666 -14.47 -31.86 -32.06
C VAL B 666 -13.25 -31.40 -31.24
N THR B 667 -13.50 -30.89 -30.03
CA THR B 667 -12.46 -30.46 -29.12
C THR B 667 -12.26 -31.44 -27.96
N LEU B 668 -12.84 -32.64 -28.02
CA LEU B 668 -12.53 -33.67 -27.05
C LEU B 668 -11.08 -34.09 -27.25
N GLN B 669 -10.35 -34.26 -26.14
CA GLN B 669 -9.03 -34.86 -26.18
C GLN B 669 -9.14 -36.37 -26.37
N LEU B 670 -8.15 -36.96 -27.03
CA LEU B 670 -8.24 -38.34 -27.44
C LEU B 670 -8.50 -39.23 -26.25
N TYR B 671 -8.01 -38.85 -25.08
CA TYR B 671 -8.05 -39.78 -23.97
C TYR B 671 -9.46 -39.87 -23.43
N ARG B 672 -10.31 -38.92 -23.82
CA ARG B 672 -11.71 -38.92 -23.42
C ARG B 672 -12.42 -40.14 -24.00
N LEU B 673 -11.90 -40.75 -25.09
CA LEU B 673 -12.49 -41.97 -25.61
C LEU B 673 -12.36 -43.16 -24.65
N THR B 674 -11.69 -42.95 -23.51
CA THR B 674 -11.52 -44.00 -22.51
C THR B 674 -12.78 -44.15 -21.66
N ASN B 675 -13.56 -43.06 -21.56
CA ASN B 675 -14.83 -43.05 -20.83
C ASN B 675 -15.97 -42.89 -21.82
N THR B 676 -16.58 -44.01 -22.21
CA THR B 676 -17.78 -44.01 -23.03
C THR B 676 -18.94 -44.64 -22.24
N ASP B 677 -19.06 -44.36 -20.94
CA ASP B 677 -20.09 -44.98 -20.13
C ASP B 677 -21.42 -44.23 -20.29
N VAL B 678 -22.33 -44.75 -21.12
CA VAL B 678 -23.53 -44.00 -21.46
C VAL B 678 -24.49 -43.93 -20.26
N VAL B 679 -24.40 -44.93 -19.38
CA VAL B 679 -25.26 -44.98 -18.22
C VAL B 679 -24.96 -43.78 -17.31
N VAL B 680 -23.67 -43.53 -17.10
CA VAL B 680 -23.23 -42.41 -16.28
C VAL B 680 -23.69 -41.09 -16.89
N LEU B 681 -23.63 -40.97 -18.22
CA LEU B 681 -24.09 -39.77 -18.91
C LEU B 681 -25.61 -39.63 -18.81
N GLN B 682 -26.34 -40.76 -18.83
CA GLN B 682 -27.79 -40.80 -18.58
C GLN B 682 -28.17 -40.45 -17.13
N GLU B 683 -27.42 -40.87 -16.11
CA GLU B 683 -27.66 -40.37 -14.77
C GLU B 683 -27.46 -38.85 -14.77
N GLU B 684 -26.48 -38.34 -15.51
CA GLU B 684 -26.22 -36.92 -15.45
C GLU B 684 -27.31 -36.17 -16.18
N GLU B 685 -27.84 -36.77 -17.26
CA GLU B 685 -28.98 -36.19 -17.94
C GLU B 685 -30.14 -35.99 -16.97
N ALA B 686 -30.49 -37.05 -16.25
CA ALA B 686 -31.64 -37.01 -15.36
C ALA B 686 -31.44 -35.93 -14.30
N GLU B 687 -30.23 -35.82 -13.74
CA GLU B 687 -29.98 -34.89 -12.64
C GLU B 687 -30.10 -33.47 -13.17
N LEU B 688 -29.71 -33.27 -14.43
CA LEU B 688 -29.75 -31.94 -15.00
C LEU B 688 -31.19 -31.52 -15.24
N ARG B 689 -31.98 -32.47 -15.71
CA ARG B 689 -33.39 -32.20 -15.95
C ARG B 689 -34.07 -31.88 -14.62
N GLU B 690 -33.83 -32.69 -13.59
CA GLU B 690 -34.34 -32.43 -12.25
C GLU B 690 -34.02 -30.99 -11.83
N LYS B 691 -32.78 -30.56 -12.06
CA LYS B 691 -32.32 -29.28 -11.57
C LYS B 691 -32.98 -28.13 -12.33
N ILE B 692 -33.07 -28.27 -13.65
CA ILE B 692 -33.71 -27.27 -14.50
C ILE B 692 -35.15 -27.06 -14.07
N ALA B 693 -35.83 -28.15 -13.70
CA ALA B 693 -37.20 -28.05 -13.22
C ALA B 693 -37.26 -27.27 -11.93
N MET B 694 -36.36 -27.53 -11.00
CA MET B 694 -36.40 -26.85 -9.72
C MET B 694 -36.19 -25.37 -9.98
N LEU B 695 -35.25 -25.06 -10.86
CA LEU B 695 -34.88 -23.68 -11.11
C LEU B 695 -35.98 -22.94 -11.88
N ALA B 696 -36.62 -23.67 -12.79
CA ALA B 696 -37.72 -23.11 -13.53
C ALA B 696 -38.86 -22.76 -12.57
N ALA B 697 -39.17 -23.69 -11.65
CA ALA B 697 -40.23 -23.56 -10.65
C ALA B 697 -40.04 -22.29 -9.82
N ILE B 698 -38.79 -21.99 -9.44
CA ILE B 698 -38.45 -20.79 -8.70
C ILE B 698 -38.76 -19.55 -9.53
N ILE B 699 -38.41 -19.60 -10.81
CA ILE B 699 -38.57 -18.43 -11.66
C ILE B 699 -40.04 -18.31 -12.01
N GLY B 700 -40.75 -19.45 -11.99
CA GLY B 700 -42.14 -19.53 -12.44
C GLY B 700 -43.20 -19.19 -11.38
N ASP B 701 -42.80 -19.20 -10.08
CA ASP B 701 -43.72 -19.14 -8.96
C ASP B 701 -43.11 -18.35 -7.80
N GLU B 702 -43.67 -17.15 -7.54
CA GLU B 702 -43.17 -16.24 -6.52
C GLU B 702 -43.07 -16.96 -5.18
N ARG B 703 -44.07 -17.80 -4.90
CA ARG B 703 -44.10 -18.40 -3.58
C ARG B 703 -42.98 -19.43 -3.53
N THR B 704 -42.71 -20.13 -4.65
CA THR B 704 -41.62 -21.10 -4.68
C THR B 704 -40.29 -20.39 -4.44
N MET B 705 -40.16 -19.20 -5.01
CA MET B 705 -39.00 -18.37 -4.84
C MET B 705 -38.90 -17.87 -3.40
N TYR B 706 -39.99 -17.32 -2.84
CA TYR B 706 -39.97 -16.77 -1.47
C TYR B 706 -39.71 -17.87 -0.44
N ASN B 707 -40.13 -19.10 -0.71
CA ASN B 707 -39.90 -20.18 0.23
C ASN B 707 -38.41 -20.48 0.30
N LEU B 708 -37.74 -20.26 -0.84
CA LEU B 708 -36.30 -20.48 -0.90
C LEU B 708 -35.62 -19.32 -0.19
N MET B 709 -36.09 -18.12 -0.45
CA MET B 709 -35.54 -16.96 0.22
C MET B 709 -35.52 -17.17 1.74
N LYS B 710 -36.60 -17.72 2.30
CA LYS B 710 -36.72 -18.00 3.72
C LYS B 710 -35.86 -19.19 4.15
N LYS B 711 -35.80 -20.23 3.34
CA LYS B 711 -34.97 -21.38 3.67
C LYS B 711 -33.53 -20.91 3.87
N GLU B 712 -33.07 -20.03 3.00
CA GLU B 712 -31.68 -19.62 3.02
C GLU B 712 -31.43 -18.72 4.22
N LEU B 713 -32.31 -17.75 4.46
CA LEU B 713 -32.18 -16.89 5.62
C LEU B 713 -32.15 -17.69 6.92
N ARG B 714 -32.88 -18.80 6.98
CA ARG B 714 -32.90 -19.62 8.19
C ARG B 714 -31.55 -20.30 8.39
N GLU B 715 -30.98 -20.82 7.29
CA GLU B 715 -29.66 -21.46 7.33
C GLU B 715 -28.63 -20.49 7.88
N VAL B 716 -28.72 -19.24 7.43
CA VAL B 716 -27.78 -18.19 7.84
C VAL B 716 -27.89 -18.02 9.36
N LYS B 717 -29.12 -17.84 9.84
CA LYS B 717 -29.43 -17.66 11.25
C LYS B 717 -28.92 -18.85 12.05
N LYS B 718 -29.22 -20.08 11.62
CA LYS B 718 -28.70 -21.22 12.35
C LYS B 718 -27.17 -21.15 12.47
N LYS B 719 -26.49 -20.65 11.43
CA LYS B 719 -25.04 -20.76 11.36
C LYS B 719 -24.36 -19.64 12.15
N PHE B 720 -24.97 -18.44 12.21
CA PHE B 720 -24.28 -17.26 12.70
C PHE B 720 -24.95 -16.60 13.91
N ALA B 721 -26.03 -17.21 14.41
CA ALA B 721 -26.82 -16.59 15.47
C ALA B 721 -26.03 -16.61 16.77
N THR B 722 -26.19 -15.53 17.51
CA THR B 722 -25.55 -15.39 18.80
C THR B 722 -26.52 -14.65 19.70
N PRO B 723 -26.44 -14.86 21.04
CA PRO B 723 -27.36 -14.21 21.98
C PRO B 723 -27.35 -12.69 21.87
N ARG B 724 -28.48 -12.12 22.23
CA ARG B 724 -28.58 -10.70 22.44
C ARG B 724 -27.51 -10.28 23.46
N LEU B 725 -27.02 -9.03 23.32
CA LEU B 725 -26.05 -8.47 24.25
C LEU B 725 -26.66 -7.28 25.03
N SER B 726 -27.42 -6.40 24.35
CA SER B 726 -28.04 -5.28 25.02
C SER B 726 -29.36 -5.75 25.59
N SER B 727 -29.61 -5.45 26.89
CA SER B 727 -30.91 -5.68 27.49
C SER B 727 -31.83 -4.49 27.23
N LEU B 728 -33.13 -4.79 27.21
CA LEU B 728 -34.19 -3.83 26.91
C LEU B 728 -35.11 -3.61 28.12
N GLU B 729 -35.61 -2.36 28.20
CA GLU B 729 -36.42 -1.88 29.31
C GLU B 729 -37.39 -0.81 28.76
N ASP B 730 -38.64 -0.85 29.23
CA ASP B 730 -39.74 -0.18 28.56
C ASP B 730 -39.74 1.33 28.85
N THR B 731 -39.75 1.73 30.13
CA THR B 731 -39.86 3.14 30.51
C THR B 731 -38.44 3.73 30.64
N ALA B 732 -38.30 5.00 30.21
CA ALA B 732 -37.03 5.61 29.84
C ALA B 732 -36.56 6.61 30.91
C1 MPD G . -0.23 -33.05 -35.27
C2 MPD G . -1.34 -33.60 -36.14
O2 MPD G . -0.74 -34.35 -37.23
CM MPD G . -2.19 -32.46 -36.70
C3 MPD G . -2.19 -34.62 -35.36
C4 MPD G . -2.14 -36.08 -35.78
O4 MPD G . -2.66 -36.34 -37.09
C5 MPD G . -0.76 -36.64 -35.60
H11 MPD G . 0.33 -33.79 -34.96
H12 MPD G . -0.63 -32.60 -34.49
H13 MPD G . 0.31 -32.42 -35.79
HO2 MPD G . -1.11 -35.12 -37.27
HM1 MPD G . -2.93 -32.28 -36.10
HM2 MPD G . -2.55 -32.73 -37.57
HM3 MPD G . -1.64 -31.67 -36.80
H31 MPD G . -3.13 -34.32 -35.42
H32 MPD G . -1.93 -34.57 -34.42
H4 MPD G . -2.73 -36.59 -35.16
HO4 MPD G . -3.44 -35.99 -37.17
H51 MPD G . -0.33 -36.70 -36.48
H52 MPD G . -0.81 -37.52 -35.22
H53 MPD G . -0.24 -36.05 -35.03
C1 MPD H . 22.28 19.68 -17.36
C2 MPD H . 22.04 18.17 -17.52
O2 MPD H . 23.32 17.53 -17.63
CM MPD H . 21.22 17.89 -18.77
C3 MPD H . 21.44 17.56 -16.26
C4 MPD H . 20.16 18.16 -15.77
O4 MPD H . 19.35 17.09 -15.26
C5 MPD H . 20.35 19.25 -14.73
H11 MPD H . 22.68 19.84 -16.49
H12 MPD H . 21.43 20.15 -17.43
H13 MPD H . 22.88 19.98 -18.06
HO2 MPD H . 23.41 16.96 -16.91
HM1 MPD H . 20.90 16.97 -18.74
HM2 MPD H . 21.78 18.01 -19.56
HM3 MPD H . 20.45 18.49 -18.80
H31 MPD H . 22.11 17.62 -15.55
H32 MPD H . 21.29 16.60 -16.44
H4 MPD H . 19.67 18.55 -16.54
HO4 MPD H . 19.70 16.77 -14.55
H51 MPD H . 19.53 19.36 -14.22
H52 MPD H . 20.59 20.08 -15.16
H53 MPD H . 21.08 18.98 -14.12
MG MG I . 10.90 8.03 6.28
MG MG J . 33.87 23.23 -1.53
MG MG K . 10.48 -4.52 12.50
CL CL L . 1.07 -29.53 -31.62
C1 MPD M . -15.42 -39.50 -25.62
C2 MPD M . -16.89 -39.47 -25.26
O2 MPD M . -17.13 -40.71 -24.60
CM MPD M . -17.72 -39.49 -26.54
C3 MPD M . -17.24 -38.33 -24.30
C4 MPD M . -17.21 -38.64 -22.81
O4 MPD M . -15.89 -38.96 -22.39
C5 MPD M . -17.57 -37.47 -21.96
H11 MPD M . -14.92 -38.99 -24.96
H12 MPD M . -15.30 -39.09 -26.50
H13 MPD M . -15.10 -40.42 -25.64
HO2 MPD M . -17.50 -40.53 -23.80
HM1 MPD M . -17.70 -38.59 -26.94
HM2 MPD M . -18.63 -39.73 -26.33
HM3 MPD M . -17.34 -40.13 -27.16
H31 MPD M . -18.14 -38.02 -24.52
H32 MPD M . -16.63 -37.59 -24.47
H4 MPD M . -17.82 -39.39 -22.61
HO4 MPD M . -15.35 -38.37 -22.64
H51 MPD M . -17.20 -37.58 -21.06
H52 MPD M . -18.55 -37.40 -21.89
H53 MPD M . -17.22 -36.64 -22.35
MG MG N . -6.36 10.03 8.70
MG MG O . -25.37 11.48 30.74
MG MG P . -8.16 14.16 -4.55
CL CL Q . -17.30 -32.97 -21.92
C8 TE9 R . 10.56 9.77 10.98
C3 TE9 R . 9.47 5.69 10.87
C4 TE9 R . 9.59 6.39 9.64
C5 TE9 R . 9.31 5.57 8.39
C6 TE9 R . 9.98 7.78 9.62
C1 TE9 R . 7.91 5.56 15.09
C2 TE9 R . 9.43 5.59 13.30
C14 TE9 R . 10.33 8.36 13.34
C15 TE9 R . 10.07 7.71 12.13
C16 TE9 R . 9.90 4.33 13.65
N1 TE9 R . 6.92 6.17 15.75
N2 TE9 R . 8.40 6.13 13.97
N3 TE9 R . 9.76 6.33 12.10
O1 TE9 R . 9.72 6.01 7.26
O2 TE9 R . 8.71 4.45 8.51
O3 TE9 R . 10.11 8.46 8.58
C7 TE9 R . 10.19 8.41 10.94
C9 TE9 R . 10.77 10.40 12.16
F1 TE9 R . 11.15 11.70 12.17
C10 TE9 R . 10.68 9.69 13.36
N4 TE9 R . 10.83 10.35 14.63
C11 TE9 R . 10.49 11.72 15.02
C12 TE9 R . 10.48 11.21 16.48
O4 TE9 R . 9.23 11.01 17.07
C13 TE9 R . 11.15 9.90 15.99
CL1 TE9 R . 10.36 7.50 14.84
F2 TE9 R . 10.89 3.77 12.96
C17 TE9 R . 9.41 3.69 14.78
C18 TE9 R . 8.41 4.30 15.51
F3 TE9 R . 7.91 3.72 16.61
H4 TE9 R . 10.64 10.25 10.17
H3 TE9 R . 9.23 4.78 10.86
H2 TE9 R . 6.90 7.05 15.78
H1 TE9 R . 6.29 5.68 16.13
H6 TE9 R . 9.61 12.02 14.70
H5 TE9 R . 11.18 12.38 14.82
H7 TE9 R . 11.08 11.74 17.08
H8 TE9 R . 9.00 10.38 17.08
H9 TE9 R . 12.10 9.83 16.18
H10 TE9 R . 10.68 9.09 16.27
H11 TE9 R . 9.77 2.86 15.06
C8 TE9 S . -4.46 14.98 9.24
C3 TE9 S . -4.57 13.94 5.16
C4 TE9 S . -4.76 12.94 6.13
C5 TE9 S . -5.02 11.56 5.60
C6 TE9 S . -4.75 13.24 7.53
C1 TE9 S . -2.26 17.51 3.69
C2 TE9 S . -4.06 16.20 4.47
C14 TE9 S . -4.13 16.97 7.34
C15 TE9 S . -4.32 15.63 6.91
C16 TE9 S . -4.74 16.39 3.29
N1 TE9 S . -1.05 18.03 3.90
N2 TE9 S . -2.80 16.69 4.61
N3 TE9 S . -4.41 15.29 5.55
O1 TE9 S . -4.82 11.36 4.37
O2 TE9 S . -5.52 10.72 6.40
O3 TE9 S . -4.91 12.38 8.44
C7 TE9 S . -4.50 14.64 7.88
C9 TE9 S . -4.24 16.26 9.63
F1 TE9 S . -4.24 16.55 10.95
C10 TE9 S . -4.10 17.28 8.69
N4 TE9 S . -3.77 18.62 9.11
C11 TE9 S . -2.99 19.06 10.28
C12 TE9 S . -2.78 20.42 9.53
O4 TE9 S . -1.50 20.69 9.00
C13 TE9 S . -3.82 19.95 8.47
CL1 TE9 S . -4.07 18.28 6.22
F2 TE9 S . -5.97 15.84 3.10
C17 TE9 S . -4.23 17.23 2.31
C18 TE9 S . -2.97 17.79 2.50
F3 TE9 S . -2.41 18.60 1.57
H4 TE9 S . -4.59 14.32 9.90
H3 TE9 S . -4.61 13.73 4.25
H2 TE9 S . -0.47 17.58 4.40
H1 TE9 S . -0.84 18.80 3.54
H6 TE9 S . -2.17 18.56 10.43
H5 TE9 S . -3.51 19.15 11.10
H7 TE9 S . -3.09 21.21 10.06
H8 TE9 S . -1.42 20.44 8.28
H9 TE9 S . -4.70 20.39 8.54
H10 TE9 S . -3.49 19.97 7.55
H11 TE9 S . -4.72 17.40 1.52
#